data_5EPP
# 
_entry.id   5EPP 
# 
_audit_conform.dict_name       mmcif_pdbx.dic 
_audit_conform.dict_version    5.380 
_audit_conform.dict_location   http://mmcif.pdb.org/dictionaries/ascii/mmcif_pdbx.dic 
# 
loop_
_database_2.database_id 
_database_2.database_code 
_database_2.pdbx_database_accession 
_database_2.pdbx_DOI 
PDB   5EPP         pdb_00005epp 10.2210/pdb5epp/pdb 
WWPDB D_1000215323 ?            ?                   
# 
_pdbx_database_status.status_code                     REL 
_pdbx_database_status.status_code_sf                  REL 
_pdbx_database_status.status_code_mr                  ? 
_pdbx_database_status.entry_id                        5EPP 
_pdbx_database_status.recvd_initial_deposition_date   2015-11-12 
_pdbx_database_status.SG_entry                        N 
_pdbx_database_status.deposit_site                    RCSB 
_pdbx_database_status.process_site                    PDBJ 
_pdbx_database_status.status_code_cs                  ? 
_pdbx_database_status.methods_development_category    ? 
_pdbx_database_status.pdb_format_compatible           Y 
_pdbx_database_status.status_code_nmr_data            ? 
# 
loop_
_audit_author.name 
_audit_author.pdbx_ordinal 
'Lim, J.J.'   1  
'Lee, Y.'     2  
'Ly, T.T.'    3  
'Kang, J.Y.'  4  
'Lee, J.-G.'  5  
'An, J.Y.'    6  
'Youn, H.-S.' 7  
'Park, K.R.'  8  
'Kim, T.G.'   9  
'Yang, J.K.'  10 
'Jun, Y.'     11 
'Eom, S.H.'   12 
# 
_citation.abstract                  ? 
_citation.abstract_id_CAS           ? 
_citation.book_id_ISBN              ? 
_citation.book_publisher            ? 
_citation.book_publisher_city       ? 
_citation.book_title                ? 
_citation.coordinate_linkage        ? 
_citation.country                   UK 
_citation.database_id_Medline       ? 
_citation.details                   ? 
_citation.id                        primary 
_citation.journal_abbrev            Biochem.J. 
_citation.journal_id_ASTM           BIJOAK 
_citation.journal_id_CSD            0043 
_citation.journal_id_ISSN           1470-8728 
_citation.journal_full              ? 
_citation.journal_issue             ? 
_citation.journal_volume            473 
_citation.language                  ? 
_citation.page_first                2863 
_citation.page_last                 2880 
_citation.title                     
'Structural insights into the interaction of p97 N-terminus domain and VBM in rhomboid protease, RHBDL4.' 
_citation.year                      2016 
_citation.database_id_CSD           ? 
_citation.pdbx_database_id_DOI      10.1042/BCJ20160237 
_citation.pdbx_database_id_PubMed   27407164 
_citation.unpublished_flag          ? 
# 
loop_
_citation_author.citation_id 
_citation_author.name 
_citation_author.ordinal 
_citation_author.identifier_ORCID 
primary 'Lim, J.J.'  1  ? 
primary 'Lee, Y.'    2  ? 
primary 'Ly, T.T.'   3  ? 
primary 'Kang, J.Y.' 4  ? 
primary 'Lee, J.G.'  5  ? 
primary 'An, J.Y.'   6  ? 
primary 'Youn, H.S.' 7  ? 
primary 'Park, K.R.' 8  ? 
primary 'Kim, T.G.'  9  ? 
primary 'Yang, J.K.' 10 ? 
primary 'Jun, Y.'    11 ? 
primary 'Eom, S.H.'  12 ? 
# 
_cell.angle_alpha                  90.00 
_cell.angle_alpha_esd              ? 
_cell.angle_beta                   90.00 
_cell.angle_beta_esd               ? 
_cell.angle_gamma                  120.00 
_cell.angle_gamma_esd              ? 
_cell.entry_id                     5EPP 
_cell.details                      ? 
_cell.formula_units_Z              ? 
_cell.length_a                     96.999 
_cell.length_a_esd                 ? 
_cell.length_b                     96.999 
_cell.length_b_esd                 ? 
_cell.length_c                     50.902 
_cell.length_c_esd                 ? 
_cell.volume                       ? 
_cell.volume_esd                   ? 
_cell.Z_PDB                        6 
_cell.reciprocal_angle_alpha       ? 
_cell.reciprocal_angle_beta        ? 
_cell.reciprocal_angle_gamma       ? 
_cell.reciprocal_angle_alpha_esd   ? 
_cell.reciprocal_angle_beta_esd    ? 
_cell.reciprocal_angle_gamma_esd   ? 
_cell.reciprocal_length_a          ? 
_cell.reciprocal_length_b          ? 
_cell.reciprocal_length_c          ? 
_cell.reciprocal_length_a_esd      ? 
_cell.reciprocal_length_b_esd      ? 
_cell.reciprocal_length_c_esd      ? 
_cell.pdbx_unique_axis             ? 
# 
_symmetry.entry_id                         5EPP 
_symmetry.cell_setting                     ? 
_symmetry.Int_Tables_number                170 
_symmetry.space_group_name_Hall            ? 
_symmetry.space_group_name_H-M             'P 65' 
_symmetry.pdbx_full_space_group_name_H-M   ? 
# 
loop_
_entity.id 
_entity.type 
_entity.src_method 
_entity.pdbx_description 
_entity.formula_weight 
_entity.pdbx_number_of_molecules 
_entity.pdbx_ec 
_entity.pdbx_mutation 
_entity.pdbx_fragment 
_entity.details 
1 polymer man 'Transitional endoplasmic reticulum ATPase' 20859.961 1   3.6.4.6    ? 'UNP RESIDUES 21-199'          ? 
2 polymer syn 'Rhomboid-related protein 4'                1949.179  1   3.4.21.105 ? 'VBM motif (RESIDUES 300-314)' ? 
3 water   nat water                                       18.015    127 ?          ? ?                              ? 
# 
loop_
_entity_name_com.entity_id 
_entity_name_com.name 
1 'TER ATPase,15S Mg(2+)-ATPase p97 subunit,Valosin-containing protein,VCP' 
2 'RRP4,Rhomboid domain-containing protein 1,Rhomboid-like protein 4'       
# 
loop_
_entity_poly.entity_id 
_entity_poly.type 
_entity_poly.nstd_linkage 
_entity_poly.nstd_monomer 
_entity_poly.pdbx_seq_one_letter_code 
_entity_poly.pdbx_seq_one_letter_code_can 
_entity_poly.pdbx_strand_id 
_entity_poly.pdbx_target_identifier 
1 'polypeptide(L)' no no 
;GAMGSNRPNRLIVDEAINEDNSVVSLSQPKMDELQLFRGDTVLLKGKKRREAVCIVLSDDTCSDEKIRMNRVVRNNLRVR
LGDVISIQPCPDVKYGKRIHVLPIDDTVEGITGNLFEVYLKPYFLEAYRPIRKGDIFLVRGGMRAVEFKVVETDPSPYCI
VAPDTVIHCEGEPIKREDEEESLN
;
;GAMGSNRPNRLIVDEAINEDNSVVSLSQPKMDELQLFRGDTVLLKGKKRREAVCIVLSDDTCSDEKIRMNRVVRNNLRVR
LGDVISIQPCPDVKYGKRIHVLPIDDTVEGITGNLFEVYLKPYFLEAYRPIRKGDIFLVRGGMRAVEFKVVETDPSPYCI
VAPDTVIHCEGEPIKREDEEESLN
;
A ? 
2 'polypeptide(L)' no no SPEEMRRQRLHRFDS SPEEMRRQRLHRFDS B ? 
# 
loop_
_entity_poly_seq.entity_id 
_entity_poly_seq.num 
_entity_poly_seq.mon_id 
_entity_poly_seq.hetero 
1 1   GLY n 
1 2   ALA n 
1 3   MET n 
1 4   GLY n 
1 5   SER n 
1 6   ASN n 
1 7   ARG n 
1 8   PRO n 
1 9   ASN n 
1 10  ARG n 
1 11  LEU n 
1 12  ILE n 
1 13  VAL n 
1 14  ASP n 
1 15  GLU n 
1 16  ALA n 
1 17  ILE n 
1 18  ASN n 
1 19  GLU n 
1 20  ASP n 
1 21  ASN n 
1 22  SER n 
1 23  VAL n 
1 24  VAL n 
1 25  SER n 
1 26  LEU n 
1 27  SER n 
1 28  GLN n 
1 29  PRO n 
1 30  LYS n 
1 31  MET n 
1 32  ASP n 
1 33  GLU n 
1 34  LEU n 
1 35  GLN n 
1 36  LEU n 
1 37  PHE n 
1 38  ARG n 
1 39  GLY n 
1 40  ASP n 
1 41  THR n 
1 42  VAL n 
1 43  LEU n 
1 44  LEU n 
1 45  LYS n 
1 46  GLY n 
1 47  LYS n 
1 48  LYS n 
1 49  ARG n 
1 50  ARG n 
1 51  GLU n 
1 52  ALA n 
1 53  VAL n 
1 54  CYS n 
1 55  ILE n 
1 56  VAL n 
1 57  LEU n 
1 58  SER n 
1 59  ASP n 
1 60  ASP n 
1 61  THR n 
1 62  CYS n 
1 63  SER n 
1 64  ASP n 
1 65  GLU n 
1 66  LYS n 
1 67  ILE n 
1 68  ARG n 
1 69  MET n 
1 70  ASN n 
1 71  ARG n 
1 72  VAL n 
1 73  VAL n 
1 74  ARG n 
1 75  ASN n 
1 76  ASN n 
1 77  LEU n 
1 78  ARG n 
1 79  VAL n 
1 80  ARG n 
1 81  LEU n 
1 82  GLY n 
1 83  ASP n 
1 84  VAL n 
1 85  ILE n 
1 86  SER n 
1 87  ILE n 
1 88  GLN n 
1 89  PRO n 
1 90  CYS n 
1 91  PRO n 
1 92  ASP n 
1 93  VAL n 
1 94  LYS n 
1 95  TYR n 
1 96  GLY n 
1 97  LYS n 
1 98  ARG n 
1 99  ILE n 
1 100 HIS n 
1 101 VAL n 
1 102 LEU n 
1 103 PRO n 
1 104 ILE n 
1 105 ASP n 
1 106 ASP n 
1 107 THR n 
1 108 VAL n 
1 109 GLU n 
1 110 GLY n 
1 111 ILE n 
1 112 THR n 
1 113 GLY n 
1 114 ASN n 
1 115 LEU n 
1 116 PHE n 
1 117 GLU n 
1 118 VAL n 
1 119 TYR n 
1 120 LEU n 
1 121 LYS n 
1 122 PRO n 
1 123 TYR n 
1 124 PHE n 
1 125 LEU n 
1 126 GLU n 
1 127 ALA n 
1 128 TYR n 
1 129 ARG n 
1 130 PRO n 
1 131 ILE n 
1 132 ARG n 
1 133 LYS n 
1 134 GLY n 
1 135 ASP n 
1 136 ILE n 
1 137 PHE n 
1 138 LEU n 
1 139 VAL n 
1 140 ARG n 
1 141 GLY n 
1 142 GLY n 
1 143 MET n 
1 144 ARG n 
1 145 ALA n 
1 146 VAL n 
1 147 GLU n 
1 148 PHE n 
1 149 LYS n 
1 150 VAL n 
1 151 VAL n 
1 152 GLU n 
1 153 THR n 
1 154 ASP n 
1 155 PRO n 
1 156 SER n 
1 157 PRO n 
1 158 TYR n 
1 159 CYS n 
1 160 ILE n 
1 161 VAL n 
1 162 ALA n 
1 163 PRO n 
1 164 ASP n 
1 165 THR n 
1 166 VAL n 
1 167 ILE n 
1 168 HIS n 
1 169 CYS n 
1 170 GLU n 
1 171 GLY n 
1 172 GLU n 
1 173 PRO n 
1 174 ILE n 
1 175 LYS n 
1 176 ARG n 
1 177 GLU n 
1 178 ASP n 
1 179 GLU n 
1 180 GLU n 
1 181 GLU n 
1 182 SER n 
1 183 LEU n 
1 184 ASN n 
2 1   SER n 
2 2   PRO n 
2 3   GLU n 
2 4   GLU n 
2 5   MET n 
2 6   ARG n 
2 7   ARG n 
2 8   GLN n 
2 9   ARG n 
2 10  LEU n 
2 11  HIS n 
2 12  ARG n 
2 13  PHE n 
2 14  ASP n 
2 15  SER n 
# 
_entity_src_gen.entity_id                          1 
_entity_src_gen.pdbx_src_id                        1 
_entity_src_gen.pdbx_alt_source_flag               sample 
_entity_src_gen.pdbx_seq_type                      'Biological sequence' 
_entity_src_gen.pdbx_beg_seq_num                   1 
_entity_src_gen.pdbx_end_seq_num                   184 
_entity_src_gen.gene_src_common_name               Human 
_entity_src_gen.gene_src_genus                     ? 
_entity_src_gen.pdbx_gene_src_gene                 VCP 
_entity_src_gen.gene_src_species                   ? 
_entity_src_gen.gene_src_strain                    ? 
_entity_src_gen.gene_src_tissue                    ? 
_entity_src_gen.gene_src_tissue_fraction           ? 
_entity_src_gen.gene_src_details                   ? 
_entity_src_gen.pdbx_gene_src_fragment             ? 
_entity_src_gen.pdbx_gene_src_scientific_name      'Homo sapiens' 
_entity_src_gen.pdbx_gene_src_ncbi_taxonomy_id     9606 
_entity_src_gen.pdbx_gene_src_variant              ? 
_entity_src_gen.pdbx_gene_src_cell_line            ? 
_entity_src_gen.pdbx_gene_src_atcc                 ? 
_entity_src_gen.pdbx_gene_src_organ                ? 
_entity_src_gen.pdbx_gene_src_organelle            ? 
_entity_src_gen.pdbx_gene_src_cell                 ? 
_entity_src_gen.pdbx_gene_src_cellular_location    ? 
_entity_src_gen.host_org_common_name               ? 
_entity_src_gen.pdbx_host_org_scientific_name      'Escherichia coli' 
_entity_src_gen.pdbx_host_org_ncbi_taxonomy_id     562 
_entity_src_gen.host_org_genus                     ? 
_entity_src_gen.pdbx_host_org_gene                 ? 
_entity_src_gen.pdbx_host_org_organ                ? 
_entity_src_gen.host_org_species                   ? 
_entity_src_gen.pdbx_host_org_tissue               ? 
_entity_src_gen.pdbx_host_org_tissue_fraction      ? 
_entity_src_gen.pdbx_host_org_strain               ? 
_entity_src_gen.pdbx_host_org_variant              ? 
_entity_src_gen.pdbx_host_org_cell_line            ? 
_entity_src_gen.pdbx_host_org_atcc                 ? 
_entity_src_gen.pdbx_host_org_culture_collection   ? 
_entity_src_gen.pdbx_host_org_cell                 ? 
_entity_src_gen.pdbx_host_org_organelle            ? 
_entity_src_gen.pdbx_host_org_cellular_location    ? 
_entity_src_gen.pdbx_host_org_vector_type          ? 
_entity_src_gen.pdbx_host_org_vector               ? 
_entity_src_gen.host_org_details                   ? 
_entity_src_gen.expression_system_id               ? 
_entity_src_gen.plasmid_name                       ? 
_entity_src_gen.plasmid_details                    ? 
_entity_src_gen.pdbx_description                   ? 
# 
_pdbx_entity_src_syn.entity_id              2 
_pdbx_entity_src_syn.pdbx_src_id            1 
_pdbx_entity_src_syn.pdbx_alt_source_flag   sample 
_pdbx_entity_src_syn.pdbx_beg_seq_num       1 
_pdbx_entity_src_syn.pdbx_end_seq_num       15 
_pdbx_entity_src_syn.organism_scientific    'Homo sapiens' 
_pdbx_entity_src_syn.organism_common_name   Human 
_pdbx_entity_src_syn.ncbi_taxonomy_id       9606 
_pdbx_entity_src_syn.details                ? 
# 
loop_
_struct_ref.id 
_struct_ref.db_name 
_struct_ref.db_code 
_struct_ref.pdbx_db_accession 
_struct_ref.pdbx_db_isoform 
_struct_ref.entity_id 
_struct_ref.pdbx_seq_one_letter_code 
_struct_ref.pdbx_align_begin 
1 UNP TERA_HUMAN  P55072 ? 1 
;NRPNRLIVDEAINEDNSVVSLSQPKMDELQLFRGDTVLLKGKKRREAVCIVLSDDTCSDEKIRMNRVVRNNLRVRLGDVI
SIQPCPDVKYGKRIHVLPIDDTVEGITGNLFEVYLKPYFLEAYRPIRKGDIFLVRGGMRAVEFKVVETDPSPYCIVAPDT
VIHCEGEPIKREDEEESLN
;
21  
2 UNP RHBL4_HUMAN Q8TEB9 ? 2 SPEEMRRQRLHRFDS 300 
# 
loop_
_struct_ref_seq.align_id 
_struct_ref_seq.ref_id 
_struct_ref_seq.pdbx_PDB_id_code 
_struct_ref_seq.pdbx_strand_id 
_struct_ref_seq.seq_align_beg 
_struct_ref_seq.pdbx_seq_align_beg_ins_code 
_struct_ref_seq.seq_align_end 
_struct_ref_seq.pdbx_seq_align_end_ins_code 
_struct_ref_seq.pdbx_db_accession 
_struct_ref_seq.db_align_beg 
_struct_ref_seq.pdbx_db_align_beg_ins_code 
_struct_ref_seq.db_align_end 
_struct_ref_seq.pdbx_db_align_end_ins_code 
_struct_ref_seq.pdbx_auth_seq_align_beg 
_struct_ref_seq.pdbx_auth_seq_align_end 
1 1 5EPP A 6 ? 184 ? P55072 21  ? 199 ? 21  199 
2 2 5EPP B 1 ? 15  ? Q8TEB9 300 ? 314 ? 300 314 
# 
loop_
_struct_ref_seq_dif.align_id 
_struct_ref_seq_dif.pdbx_pdb_id_code 
_struct_ref_seq_dif.mon_id 
_struct_ref_seq_dif.pdbx_pdb_strand_id 
_struct_ref_seq_dif.seq_num 
_struct_ref_seq_dif.pdbx_pdb_ins_code 
_struct_ref_seq_dif.pdbx_seq_db_name 
_struct_ref_seq_dif.pdbx_seq_db_accession_code 
_struct_ref_seq_dif.db_mon_id 
_struct_ref_seq_dif.pdbx_seq_db_seq_num 
_struct_ref_seq_dif.details 
_struct_ref_seq_dif.pdbx_auth_seq_num 
_struct_ref_seq_dif.pdbx_ordinal 
1 5EPP GLY A 1 ? UNP P55072 ? ? 'expression tag' 16 1 
1 5EPP ALA A 2 ? UNP P55072 ? ? 'expression tag' 17 2 
1 5EPP MET A 3 ? UNP P55072 ? ? 'expression tag' 18 3 
1 5EPP GLY A 4 ? UNP P55072 ? ? 'expression tag' 19 4 
1 5EPP SER A 5 ? UNP P55072 ? ? 'expression tag' 20 5 
# 
loop_
_chem_comp.id 
_chem_comp.type 
_chem_comp.mon_nstd_flag 
_chem_comp.name 
_chem_comp.pdbx_synonyms 
_chem_comp.formula 
_chem_comp.formula_weight 
ALA 'L-peptide linking' y ALANINE         ? 'C3 H7 N O2'     89.093  
ARG 'L-peptide linking' y ARGININE        ? 'C6 H15 N4 O2 1' 175.209 
ASN 'L-peptide linking' y ASPARAGINE      ? 'C4 H8 N2 O3'    132.118 
ASP 'L-peptide linking' y 'ASPARTIC ACID' ? 'C4 H7 N O4'     133.103 
CYS 'L-peptide linking' y CYSTEINE        ? 'C3 H7 N O2 S'   121.158 
GLN 'L-peptide linking' y GLUTAMINE       ? 'C5 H10 N2 O3'   146.144 
GLU 'L-peptide linking' y 'GLUTAMIC ACID' ? 'C5 H9 N O4'     147.129 
GLY 'peptide linking'   y GLYCINE         ? 'C2 H5 N O2'     75.067  
HIS 'L-peptide linking' y HISTIDINE       ? 'C6 H10 N3 O2 1' 156.162 
HOH non-polymer         . WATER           ? 'H2 O'           18.015  
ILE 'L-peptide linking' y ISOLEUCINE      ? 'C6 H13 N O2'    131.173 
LEU 'L-peptide linking' y LEUCINE         ? 'C6 H13 N O2'    131.173 
LYS 'L-peptide linking' y LYSINE          ? 'C6 H15 N2 O2 1' 147.195 
MET 'L-peptide linking' y METHIONINE      ? 'C5 H11 N O2 S'  149.211 
PHE 'L-peptide linking' y PHENYLALANINE   ? 'C9 H11 N O2'    165.189 
PRO 'L-peptide linking' y PROLINE         ? 'C5 H9 N O2'     115.130 
SER 'L-peptide linking' y SERINE          ? 'C3 H7 N O3'     105.093 
THR 'L-peptide linking' y THREONINE       ? 'C4 H9 N O3'     119.119 
TYR 'L-peptide linking' y TYROSINE        ? 'C9 H11 N O3'    181.189 
VAL 'L-peptide linking' y VALINE          ? 'C5 H11 N O2'    117.146 
# 
_exptl.absorpt_coefficient_mu     ? 
_exptl.absorpt_correction_T_max   ? 
_exptl.absorpt_correction_T_min   ? 
_exptl.absorpt_correction_type    ? 
_exptl.absorpt_process_details    ? 
_exptl.entry_id                   5EPP 
_exptl.crystals_number            ? 
_exptl.details                    ? 
_exptl.method                     'X-RAY DIFFRACTION' 
_exptl.method_details             ? 
# 
_exptl_crystal.colour                      ? 
_exptl_crystal.density_diffrn              ? 
_exptl_crystal.density_Matthews            3.03 
_exptl_crystal.density_method              ? 
_exptl_crystal.density_percent_sol         59.42 
_exptl_crystal.description                 ? 
_exptl_crystal.F_000                       ? 
_exptl_crystal.id                          1 
_exptl_crystal.preparation                 ? 
_exptl_crystal.size_max                    ? 
_exptl_crystal.size_mid                    ? 
_exptl_crystal.size_min                    ? 
_exptl_crystal.size_rad                    ? 
_exptl_crystal.colour_lustre               ? 
_exptl_crystal.colour_modifier             ? 
_exptl_crystal.colour_primary              ? 
_exptl_crystal.density_meas                ? 
_exptl_crystal.density_meas_esd            ? 
_exptl_crystal.density_meas_gt             ? 
_exptl_crystal.density_meas_lt             ? 
_exptl_crystal.density_meas_temp           ? 
_exptl_crystal.density_meas_temp_esd       ? 
_exptl_crystal.density_meas_temp_gt        ? 
_exptl_crystal.density_meas_temp_lt        ? 
_exptl_crystal.pdbx_crystal_image_url      ? 
_exptl_crystal.pdbx_crystal_image_format   ? 
_exptl_crystal.pdbx_mosaicity              ? 
_exptl_crystal.pdbx_mosaicity_esd          ? 
# 
_exptl_crystal_grow.apparatus       ? 
_exptl_crystal_grow.atmosphere      ? 
_exptl_crystal_grow.crystal_id      1 
_exptl_crystal_grow.details         ? 
_exptl_crystal_grow.method          'VAPOR DIFFUSION, SITTING DROP' 
_exptl_crystal_grow.method_ref      ? 
_exptl_crystal_grow.pH              6.5 
_exptl_crystal_grow.pressure        ? 
_exptl_crystal_grow.pressure_esd    ? 
_exptl_crystal_grow.seeding         ? 
_exptl_crystal_grow.seeding_ref     ? 
_exptl_crystal_grow.temp            293 
_exptl_crystal_grow.temp_details    ? 
_exptl_crystal_grow.temp_esd        ? 
_exptl_crystal_grow.time            ? 
_exptl_crystal_grow.pdbx_details    '20% PEG 3350, 0.1 M Bis-Tris Propane pH 6.5, 0.2 M Sodium Acetate' 
_exptl_crystal_grow.pdbx_pH_range   ? 
# 
_diffrn.ambient_environment    ? 
_diffrn.ambient_temp           100 
_diffrn.ambient_temp_details   ? 
_diffrn.ambient_temp_esd       ? 
_diffrn.crystal_id             1 
_diffrn.crystal_support        ? 
_diffrn.crystal_treatment      ? 
_diffrn.details                ? 
_diffrn.id                     1 
_diffrn.ambient_pressure       ? 
_diffrn.ambient_pressure_esd   ? 
_diffrn.ambient_pressure_gt    ? 
_diffrn.ambient_pressure_lt    ? 
_diffrn.ambient_temp_gt        ? 
_diffrn.ambient_temp_lt        ? 
# 
_diffrn_detector.details                      ? 
_diffrn_detector.detector                     CCD 
_diffrn_detector.diffrn_id                    1 
_diffrn_detector.type                         'ADSC QUANTUM 315r' 
_diffrn_detector.area_resol_mean              ? 
_diffrn_detector.dtime                        ? 
_diffrn_detector.pdbx_frames_total            ? 
_diffrn_detector.pdbx_collection_time_total   ? 
_diffrn_detector.pdbx_collection_date         2015-10-14 
# 
_diffrn_radiation.collimation                      ? 
_diffrn_radiation.diffrn_id                        1 
_diffrn_radiation.filter_edge                      ? 
_diffrn_radiation.inhomogeneity                    ? 
_diffrn_radiation.monochromator                    ? 
_diffrn_radiation.polarisn_norm                    ? 
_diffrn_radiation.polarisn_ratio                   ? 
_diffrn_radiation.probe                            ? 
_diffrn_radiation.type                             ? 
_diffrn_radiation.xray_symbol                      ? 
_diffrn_radiation.wavelength_id                    1 
_diffrn_radiation.pdbx_monochromatic_or_laue_m_l   M 
_diffrn_radiation.pdbx_wavelength_list             ? 
_diffrn_radiation.pdbx_wavelength                  ? 
_diffrn_radiation.pdbx_diffrn_protocol             'SINGLE WAVELENGTH' 
_diffrn_radiation.pdbx_analyzer                    ? 
_diffrn_radiation.pdbx_scattering_type             x-ray 
# 
_diffrn_radiation_wavelength.id           1 
_diffrn_radiation_wavelength.wavelength   0.9796 
_diffrn_radiation_wavelength.wt           1.0 
# 
_diffrn_source.current                     ? 
_diffrn_source.details                     ? 
_diffrn_source.diffrn_id                   1 
_diffrn_source.power                       ? 
_diffrn_source.size                        ? 
_diffrn_source.source                      SYNCHROTRON 
_diffrn_source.target                      ? 
_diffrn_source.type                        'PAL/PLS BEAMLINE 5C (4A)' 
_diffrn_source.voltage                     ? 
_diffrn_source.take-off_angle              ? 
_diffrn_source.pdbx_wavelength_list        0.9796 
_diffrn_source.pdbx_wavelength             ? 
_diffrn_source.pdbx_synchrotron_beamline   '5C (4A)' 
_diffrn_source.pdbx_synchrotron_site       PAL/PLS 
# 
_reflns.B_iso_Wilson_estimate            ? 
_reflns.entry_id                         5EPP 
_reflns.data_reduction_details           ? 
_reflns.data_reduction_method            ? 
_reflns.d_resolution_high                1.88 
_reflns.d_resolution_low                 50 
_reflns.details                          ? 
_reflns.limit_h_max                      ? 
_reflns.limit_h_min                      ? 
_reflns.limit_k_max                      ? 
_reflns.limit_k_min                      ? 
_reflns.limit_l_max                      ? 
_reflns.limit_l_min                      ? 
_reflns.number_all                       ? 
_reflns.number_obs                       22279 
_reflns.observed_criterion               ? 
_reflns.observed_criterion_F_max         ? 
_reflns.observed_criterion_F_min         ? 
_reflns.observed_criterion_I_max         ? 
_reflns.observed_criterion_I_min         ? 
_reflns.observed_criterion_sigma_F       ? 
_reflns.observed_criterion_sigma_I       ? 
_reflns.percent_possible_obs             99.4 
_reflns.R_free_details                   ? 
_reflns.Rmerge_F_all                     ? 
_reflns.Rmerge_F_obs                     ? 
_reflns.Friedel_coverage                 ? 
_reflns.number_gt                        ? 
_reflns.threshold_expression             ? 
_reflns.pdbx_redundancy                  5.8 
_reflns.pdbx_Rmerge_I_obs                ? 
_reflns.pdbx_Rmerge_I_all                ? 
_reflns.pdbx_Rsym_value                  ? 
_reflns.pdbx_netI_over_av_sigmaI         ? 
_reflns.pdbx_netI_over_sigmaI            8.2 
_reflns.pdbx_res_netI_over_av_sigmaI_2   ? 
_reflns.pdbx_res_netI_over_sigmaI_2      ? 
_reflns.pdbx_chi_squared                 ? 
_reflns.pdbx_scaling_rejects             ? 
_reflns.pdbx_d_res_high_opt              ? 
_reflns.pdbx_d_res_low_opt               ? 
_reflns.pdbx_d_res_opt_method            ? 
_reflns.phase_calculation_details        ? 
_reflns.pdbx_Rrim_I_all                  ? 
_reflns.pdbx_Rpim_I_all                  ? 
_reflns.pdbx_d_opt                       ? 
_reflns.pdbx_number_measured_all         ? 
_reflns.pdbx_diffrn_id                   1 
_reflns.pdbx_ordinal                     1 
_reflns.pdbx_CC_half                     ? 
_reflns.pdbx_R_split                     ? 
# 
_refine.aniso_B[1][1]                            ? 
_refine.aniso_B[1][2]                            ? 
_refine.aniso_B[1][3]                            ? 
_refine.aniso_B[2][2]                            ? 
_refine.aniso_B[2][3]                            ? 
_refine.aniso_B[3][3]                            ? 
_refine.B_iso_max                                ? 
_refine.B_iso_mean                               ? 
_refine.B_iso_min                                ? 
_refine.correlation_coeff_Fo_to_Fc               ? 
_refine.correlation_coeff_Fo_to_Fc_free          ? 
_refine.details                                  ? 
_refine.diff_density_max                         ? 
_refine.diff_density_max_esd                     ? 
_refine.diff_density_min                         ? 
_refine.diff_density_min_esd                     ? 
_refine.diff_density_rms                         ? 
_refine.diff_density_rms_esd                     ? 
_refine.entry_id                                 5EPP 
_refine.pdbx_refine_id                           'X-RAY DIFFRACTION' 
_refine.ls_abs_structure_details                 ? 
_refine.ls_abs_structure_Flack                   ? 
_refine.ls_abs_structure_Flack_esd               ? 
_refine.ls_abs_structure_Rogers                  ? 
_refine.ls_abs_structure_Rogers_esd              ? 
_refine.ls_d_res_high                            1.880 
_refine.ls_d_res_low                             42.002 
_refine.ls_extinction_coef                       ? 
_refine.ls_extinction_coef_esd                   ? 
_refine.ls_extinction_expression                 ? 
_refine.ls_extinction_method                     ? 
_refine.ls_goodness_of_fit_all                   ? 
_refine.ls_goodness_of_fit_all_esd               ? 
_refine.ls_goodness_of_fit_obs                   ? 
_refine.ls_goodness_of_fit_obs_esd               ? 
_refine.ls_hydrogen_treatment                    ? 
_refine.ls_matrix_type                           ? 
_refine.ls_number_constraints                    ? 
_refine.ls_number_parameters                     ? 
_refine.ls_number_reflns_all                     ? 
_refine.ls_number_reflns_obs                     22279 
_refine.ls_number_reflns_R_free                  1143 
_refine.ls_number_reflns_R_work                  ? 
_refine.ls_number_restraints                     ? 
_refine.ls_percent_reflns_obs                    99.40 
_refine.ls_percent_reflns_R_free                 5.13 
_refine.ls_R_factor_all                          ? 
_refine.ls_R_factor_obs                          0.1784 
_refine.ls_R_factor_R_free                       0.2095 
_refine.ls_R_factor_R_free_error                 ? 
_refine.ls_R_factor_R_free_error_details         ? 
_refine.ls_R_factor_R_work                       0.1768 
_refine.ls_R_Fsqd_factor_obs                     ? 
_refine.ls_R_I_factor_obs                        ? 
_refine.ls_redundancy_reflns_all                 ? 
_refine.ls_redundancy_reflns_obs                 ? 
_refine.ls_restrained_S_all                      ? 
_refine.ls_restrained_S_obs                      ? 
_refine.ls_shift_over_esd_max                    ? 
_refine.ls_shift_over_esd_mean                   ? 
_refine.ls_structure_factor_coef                 ? 
_refine.ls_weighting_details                     ? 
_refine.ls_weighting_scheme                      ? 
_refine.ls_wR_factor_all                         ? 
_refine.ls_wR_factor_obs                         ? 
_refine.ls_wR_factor_R_free                      ? 
_refine.ls_wR_factor_R_work                      ? 
_refine.occupancy_max                            ? 
_refine.occupancy_min                            ? 
_refine.solvent_model_details                    'FLAT BULK SOLVENT MODEL' 
_refine.solvent_model_param_bsol                 ? 
_refine.solvent_model_param_ksol                 ? 
_refine.ls_R_factor_gt                           ? 
_refine.ls_goodness_of_fit_gt                    ? 
_refine.ls_goodness_of_fit_ref                   ? 
_refine.ls_shift_over_su_max                     ? 
_refine.ls_shift_over_su_max_lt                  ? 
_refine.ls_shift_over_su_mean                    ? 
_refine.ls_shift_over_su_mean_lt                 ? 
_refine.pdbx_ls_sigma_I                          ? 
_refine.pdbx_ls_sigma_F                          1.36 
_refine.pdbx_ls_sigma_Fsqd                       ? 
_refine.pdbx_data_cutoff_high_absF               ? 
_refine.pdbx_data_cutoff_high_rms_absF           ? 
_refine.pdbx_data_cutoff_low_absF                ? 
_refine.pdbx_isotropic_thermal_model             ? 
_refine.pdbx_ls_cross_valid_method               THROUGHOUT 
_refine.pdbx_method_to_determine_struct          'MOLECULAR REPLACEMENT' 
_refine.pdbx_starting_model                      3QQ7 
_refine.pdbx_stereochemistry_target_values       ML 
_refine.pdbx_R_Free_selection_details            ? 
_refine.pdbx_stereochem_target_val_spec_case     ? 
_refine.pdbx_overall_ESU_R                       ? 
_refine.pdbx_overall_ESU_R_Free                  ? 
_refine.pdbx_solvent_vdw_probe_radii             1.11 
_refine.pdbx_solvent_ion_probe_radii             ? 
_refine.pdbx_solvent_shrinkage_radii             0.90 
_refine.pdbx_real_space_R                        ? 
_refine.pdbx_density_correlation                 ? 
_refine.pdbx_pd_number_of_powder_patterns        ? 
_refine.pdbx_pd_number_of_points                 ? 
_refine.pdbx_pd_meas_number_of_points            ? 
_refine.pdbx_pd_proc_ls_prof_R_factor            ? 
_refine.pdbx_pd_proc_ls_prof_wR_factor           ? 
_refine.pdbx_pd_Marquardt_correlation_coeff      ? 
_refine.pdbx_pd_Fsqrd_R_factor                   ? 
_refine.pdbx_pd_ls_matrix_band_width             ? 
_refine.pdbx_overall_phase_error                 20.32 
_refine.pdbx_overall_SU_R_free_Cruickshank_DPI   ? 
_refine.pdbx_overall_SU_R_free_Blow_DPI          ? 
_refine.pdbx_overall_SU_R_Blow_DPI               ? 
_refine.pdbx_TLS_residual_ADP_flag               ? 
_refine.pdbx_diffrn_id                           1 
_refine.overall_SU_B                             ? 
_refine.overall_SU_ML                            0.21 
_refine.overall_SU_R_Cruickshank_DPI             ? 
_refine.overall_SU_R_free                        ? 
_refine.overall_FOM_free_R_set                   ? 
_refine.overall_FOM_work_R_set                   ? 
_refine.pdbx_average_fsc_overall                 ? 
_refine.pdbx_average_fsc_work                    ? 
_refine.pdbx_average_fsc_free                    ? 
# 
_refine_hist.pdbx_refine_id                   'X-RAY DIFFRACTION' 
_refine_hist.cycle_id                         LAST 
_refine_hist.pdbx_number_atoms_protein        1490 
_refine_hist.pdbx_number_atoms_nucleic_acid   0 
_refine_hist.pdbx_number_atoms_ligand         0 
_refine_hist.number_atoms_solvent             127 
_refine_hist.number_atoms_total               1617 
_refine_hist.d_res_high                       1.880 
_refine_hist.d_res_low                        42.002 
# 
loop_
_refine_ls_restr.pdbx_refine_id 
_refine_ls_restr.criterion 
_refine_ls_restr.dev_ideal 
_refine_ls_restr.dev_ideal_target 
_refine_ls_restr.number 
_refine_ls_restr.rejects 
_refine_ls_restr.type 
_refine_ls_restr.weight 
_refine_ls_restr.pdbx_restraint_function 
'X-RAY DIFFRACTION' ? 0.007  ? 1514 ? f_bond_d           ? ? 
'X-RAY DIFFRACTION' ? 0.989  ? 2043 ? f_angle_d          ? ? 
'X-RAY DIFFRACTION' ? 20.598 ? 952  ? f_dihedral_angle_d ? ? 
'X-RAY DIFFRACTION' ? 0.065  ? 230  ? f_chiral_restr     ? ? 
'X-RAY DIFFRACTION' ? 0.009  ? 270  ? f_plane_restr      ? ? 
# 
loop_
_refine_ls_shell.pdbx_refine_id 
_refine_ls_shell.d_res_high 
_refine_ls_shell.d_res_low 
_refine_ls_shell.number_reflns_all 
_refine_ls_shell.number_reflns_obs 
_refine_ls_shell.number_reflns_R_free 
_refine_ls_shell.number_reflns_R_work 
_refine_ls_shell.percent_reflns_obs 
_refine_ls_shell.percent_reflns_R_free 
_refine_ls_shell.R_factor_all 
_refine_ls_shell.R_factor_obs 
_refine_ls_shell.R_factor_R_free 
_refine_ls_shell.R_factor_R_free_error 
_refine_ls_shell.R_factor_R_work 
_refine_ls_shell.redundancy_reflns_all 
_refine_ls_shell.redundancy_reflns_obs 
_refine_ls_shell.wR_factor_all 
_refine_ls_shell.wR_factor_obs 
_refine_ls_shell.wR_factor_R_free 
_refine_ls_shell.wR_factor_R_work 
_refine_ls_shell.pdbx_total_number_of_bins_used 
_refine_ls_shell.pdbx_phase_error 
_refine_ls_shell.pdbx_fsc_work 
_refine_ls_shell.pdbx_fsc_free 
'X-RAY DIFFRACTION' 1.8797 1.9652  . . 130 2620 99.00  . . . 0.3184 . 0.2353 . . . . . . . . . . 
'X-RAY DIFFRACTION' 1.9652 2.0688  . . 141 2634 99.00  . . . 0.2468 . 0.1913 . . . . . . . . . . 
'X-RAY DIFFRACTION' 2.0688 2.1985  . . 139 2625 99.00  . . . 0.1953 . 0.1822 . . . . . . . . . . 
'X-RAY DIFFRACTION' 2.1985 2.3682  . . 156 2601 99.00  . . . 0.2097 . 0.1803 . . . . . . . . . . 
'X-RAY DIFFRACTION' 2.3682 2.6065  . . 147 2638 100.00 . . . 0.2256 . 0.1836 . . . . . . . . . . 
'X-RAY DIFFRACTION' 2.6065 2.9835  . . 162 2631 100.00 . . . 0.2418 . 0.1919 . . . . . . . . . . 
'X-RAY DIFFRACTION' 2.9835 3.7586  . . 131 2670 100.00 . . . 0.2238 . 0.1763 . . . . . . . . . . 
'X-RAY DIFFRACTION' 3.7586 42.0123 . . 137 2717 99.00  . . . 0.1489 . 0.1482 . . . . . . . . . . 
# 
_struct.entry_id                     5EPP 
_struct.title                        
'Structural Insights into the Interaction of p97 N-terminus Domain and VBM Motif in Rhomboid Protease, RHBDL4' 
_struct.pdbx_model_details           ? 
_struct.pdbx_formula_weight          ? 
_struct.pdbx_formula_weight_method   ? 
_struct.pdbx_model_type_details      ? 
_struct.pdbx_CASP_flag               ? 
# 
_struct_keywords.entry_id        5EPP 
_struct_keywords.text            'BETA-BARREL, ATPASE, RHBDL4 VBM motif, UBIQUITIN, HYDROLASE' 
_struct_keywords.pdbx_keywords   HYDROLASE 
# 
loop_
_struct_asym.id 
_struct_asym.pdbx_blank_PDB_chainid_flag 
_struct_asym.pdbx_modified 
_struct_asym.entity_id 
_struct_asym.details 
A N N 1 ? 
B N N 2 ? 
C N N 3 ? 
D N N 3 ? 
# 
loop_
_struct_conf.conf_type_id 
_struct_conf.id 
_struct_conf.pdbx_PDB_helix_id 
_struct_conf.beg_label_comp_id 
_struct_conf.beg_label_asym_id 
_struct_conf.beg_label_seq_id 
_struct_conf.pdbx_beg_PDB_ins_code 
_struct_conf.end_label_comp_id 
_struct_conf.end_label_asym_id 
_struct_conf.end_label_seq_id 
_struct_conf.pdbx_end_PDB_ins_code 
_struct_conf.beg_auth_comp_id 
_struct_conf.beg_auth_asym_id 
_struct_conf.beg_auth_seq_id 
_struct_conf.end_auth_comp_id 
_struct_conf.end_auth_asym_id 
_struct_conf.end_auth_seq_id 
_struct_conf.pdbx_PDB_helix_class 
_struct_conf.details 
_struct_conf.pdbx_PDB_helix_length 
HELX_P HELX_P1 AA1 SER A 27  ? LEU A 34  ? SER A 42  LEU A 49  1 ? 8  
HELX_P HELX_P2 AA2 ASN A 70  ? ARG A 78  ? ASN A 85  ARG A 93  1 ? 9  
HELX_P HELX_P3 AA3 ASP A 105 ? VAL A 108 ? ASP A 120 VAL A 123 5 ? 4  
HELX_P HELX_P4 AA4 ASN A 114 ? TYR A 119 ? ASN A 129 TYR A 134 1 ? 6  
HELX_P HELX_P5 AA5 TYR A 119 ? LEU A 125 ? TYR A 134 LEU A 140 1 ? 7  
HELX_P HELX_P6 AA6 PRO B 2   ? SER B 15  ? PRO B 301 SER B 314 1 ? 14 
# 
_struct_conf_type.id          HELX_P 
_struct_conf_type.criteria    ? 
_struct_conf_type.reference   ? 
# 
loop_
_struct_mon_prot_cis.pdbx_id 
_struct_mon_prot_cis.label_comp_id 
_struct_mon_prot_cis.label_seq_id 
_struct_mon_prot_cis.label_asym_id 
_struct_mon_prot_cis.label_alt_id 
_struct_mon_prot_cis.pdbx_PDB_ins_code 
_struct_mon_prot_cis.auth_comp_id 
_struct_mon_prot_cis.auth_seq_id 
_struct_mon_prot_cis.auth_asym_id 
_struct_mon_prot_cis.pdbx_label_comp_id_2 
_struct_mon_prot_cis.pdbx_label_seq_id_2 
_struct_mon_prot_cis.pdbx_label_asym_id_2 
_struct_mon_prot_cis.pdbx_PDB_ins_code_2 
_struct_mon_prot_cis.pdbx_auth_comp_id_2 
_struct_mon_prot_cis.pdbx_auth_seq_id_2 
_struct_mon_prot_cis.pdbx_auth_asym_id_2 
_struct_mon_prot_cis.pdbx_PDB_model_num 
_struct_mon_prot_cis.pdbx_omega_angle 
1 ASP 154 A . ? ASP 169 A PRO 155 A ? PRO 170 A 1 0.33 
2 SER 156 A . ? SER 171 A PRO 157 A ? PRO 172 A 1 0.13 
# 
loop_
_struct_sheet.id 
_struct_sheet.type 
_struct_sheet.number_strands 
_struct_sheet.details 
AA1 ? 7 ? 
AA2 ? 4 ? 
AA3 ? 2 ? 
# 
loop_
_struct_sheet_order.sheet_id 
_struct_sheet_order.range_id_1 
_struct_sheet_order.range_id_2 
_struct_sheet_order.offset 
_struct_sheet_order.sense 
AA1 1 2 ? parallel      
AA1 2 3 ? anti-parallel 
AA1 3 4 ? parallel      
AA1 4 5 ? anti-parallel 
AA1 5 6 ? anti-parallel 
AA1 6 7 ? anti-parallel 
AA2 1 2 ? anti-parallel 
AA2 2 3 ? anti-parallel 
AA2 3 4 ? parallel      
AA3 1 2 ? anti-parallel 
# 
loop_
_struct_sheet_range.sheet_id 
_struct_sheet_range.id 
_struct_sheet_range.beg_label_comp_id 
_struct_sheet_range.beg_label_asym_id 
_struct_sheet_range.beg_label_seq_id 
_struct_sheet_range.pdbx_beg_PDB_ins_code 
_struct_sheet_range.end_label_comp_id 
_struct_sheet_range.end_label_asym_id 
_struct_sheet_range.end_label_seq_id 
_struct_sheet_range.pdbx_end_PDB_ins_code 
_struct_sheet_range.beg_auth_comp_id 
_struct_sheet_range.beg_auth_asym_id 
_struct_sheet_range.beg_auth_seq_id 
_struct_sheet_range.end_auth_comp_id 
_struct_sheet_range.end_auth_asym_id 
_struct_sheet_range.end_auth_seq_id 
AA1 1 ASN A 9   ? GLU A 15  ? ASN A 24  GLU A 30  
AA1 2 LYS A 66  ? MET A 69  ? LYS A 81  MET A 84  
AA1 3 VAL A 23  ? LEU A 26  ? VAL A 38  LEU A 41  
AA1 4 GLU A 51  ? SER A 58  ? GLU A 66  SER A 73  
AA1 5 THR A 41  ? LYS A 45  ? THR A 56  LYS A 60  
AA1 6 VAL A 84  ? PRO A 89  ? VAL A 99  PRO A 104 
AA1 7 ASN A 9   ? GLU A 15  ? ASN A 24  GLU A 30  
AA2 1 ILE A 136 ? GLY A 141 ? ILE A 151 GLY A 156 
AA2 2 ARG A 144 ? ASP A 154 ? ARG A 159 ASP A 169 
AA2 3 ARG A 98  ? PRO A 103 ? ARG A 113 PRO A 118 
AA2 4 VAL A 166 ? HIS A 168 ? VAL A 181 HIS A 183 
AA3 1 ARG A 129 ? ARG A 132 ? ARG A 144 ARG A 147 
AA3 2 TYR A 158 ? VAL A 161 ? TYR A 173 VAL A 176 
# 
loop_
_pdbx_struct_sheet_hbond.sheet_id 
_pdbx_struct_sheet_hbond.range_id_1 
_pdbx_struct_sheet_hbond.range_id_2 
_pdbx_struct_sheet_hbond.range_1_label_atom_id 
_pdbx_struct_sheet_hbond.range_1_label_comp_id 
_pdbx_struct_sheet_hbond.range_1_label_asym_id 
_pdbx_struct_sheet_hbond.range_1_label_seq_id 
_pdbx_struct_sheet_hbond.range_1_PDB_ins_code 
_pdbx_struct_sheet_hbond.range_1_auth_atom_id 
_pdbx_struct_sheet_hbond.range_1_auth_comp_id 
_pdbx_struct_sheet_hbond.range_1_auth_asym_id 
_pdbx_struct_sheet_hbond.range_1_auth_seq_id 
_pdbx_struct_sheet_hbond.range_2_label_atom_id 
_pdbx_struct_sheet_hbond.range_2_label_comp_id 
_pdbx_struct_sheet_hbond.range_2_label_asym_id 
_pdbx_struct_sheet_hbond.range_2_label_seq_id 
_pdbx_struct_sheet_hbond.range_2_PDB_ins_code 
_pdbx_struct_sheet_hbond.range_2_auth_atom_id 
_pdbx_struct_sheet_hbond.range_2_auth_comp_id 
_pdbx_struct_sheet_hbond.range_2_auth_asym_id 
_pdbx_struct_sheet_hbond.range_2_auth_seq_id 
AA1 1 2 N ASP A 14  ? N ASP A 29  O ILE A 67  ? O ILE A 82  
AA1 2 3 O ARG A 68  ? O ARG A 83  N SER A 25  ? N SER A 40  
AA1 3 4 N VAL A 24  ? N VAL A 39  O ILE A 55  ? O ILE A 70  
AA1 4 5 O ALA A 52  ? O ALA A 67  N LEU A 44  ? N LEU A 59  
AA1 5 6 N LEU A 43  ? N LEU A 58  O GLN A 88  ? O GLN A 103 
AA1 6 7 O ILE A 85  ? O ILE A 100 N LEU A 11  ? N LEU A 26  
AA2 1 2 N GLY A 141 ? N GLY A 156 O ARG A 144 ? O ARG A 159 
AA2 2 3 O LYS A 149 ? O LYS A 164 N LEU A 102 ? N LEU A 117 
AA2 3 4 N ILE A 99  ? N ILE A 114 O HIS A 168 ? O HIS A 183 
AA3 1 2 N ARG A 129 ? N ARG A 144 O VAL A 161 ? O VAL A 176 
# 
_atom_sites.entry_id                    5EPP 
_atom_sites.fract_transf_matrix[1][1]   0.00168216 
_atom_sites.fract_transf_matrix[1][2]   0.00543370 
_atom_sites.fract_transf_matrix[1][3]   0.01045692 
_atom_sites.fract_transf_matrix[2][1]   -0.00727600 
_atom_sites.fract_transf_matrix[2][2]   -0.00229378 
_atom_sites.fract_transf_matrix[2][3]   0.00913804 
_atom_sites.fract_transf_matrix[3][1]   0.01178890 
_atom_sites.fract_transf_matrix[3][2]   -0.01464122 
_atom_sites.fract_transf_matrix[3][3]   0.00571155 
_atom_sites.fract_transf_vector[1]      0.257302 
_atom_sites.fract_transf_vector[2]      -0.229388 
_atom_sites.fract_transf_vector[3]      -0.014479 
# 
loop_
_atom_type.symbol 
C 
N 
O 
S 
# 
loop_
_atom_site.group_PDB 
_atom_site.id 
_atom_site.type_symbol 
_atom_site.label_atom_id 
_atom_site.label_alt_id 
_atom_site.label_comp_id 
_atom_site.label_asym_id 
_atom_site.label_entity_id 
_atom_site.label_seq_id 
_atom_site.pdbx_PDB_ins_code 
_atom_site.Cartn_x 
_atom_site.Cartn_y 
_atom_site.Cartn_z 
_atom_site.occupancy 
_atom_site.B_iso_or_equiv 
_atom_site.pdbx_formal_charge 
_atom_site.auth_seq_id 
_atom_site.auth_comp_id 
_atom_site.auth_asym_id 
_atom_site.auth_atom_id 
_atom_site.pdbx_PDB_model_num 
ATOM   1    N N   . ASN A 1 6   ? 2.417   -0.191  -19.747 1.00 35.28 ? 21  ASN A N   1 
ATOM   2    C CA  . ASN A 1 6   ? 1.248   -0.809  -20.356 1.00 43.15 ? 21  ASN A CA  1 
ATOM   3    C C   . ASN A 1 6   ? 0.954   -2.190  -19.749 1.00 44.09 ? 21  ASN A C   1 
ATOM   4    O O   . ASN A 1 6   ? 0.012   -2.370  -18.965 1.00 42.83 ? 21  ASN A O   1 
ATOM   5    C CB  . ASN A 1 6   ? 1.460   -0.933  -21.871 1.00 48.12 ? 21  ASN A CB  1 
ATOM   6    C CG  . ASN A 1 6   ? 0.177   -1.259  -22.621 1.00 52.56 ? 21  ASN A CG  1 
ATOM   7    O OD1 . ASN A 1 6   ? -0.922  -1.051  -22.101 1.00 54.09 ? 21  ASN A OD1 1 
ATOM   8    N ND2 . ASN A 1 6   ? 0.311   -1.769  -23.851 1.00 50.09 ? 21  ASN A ND2 1 
ATOM   9    N N   . ARG A 1 7   ? 1.778   -3.152  -20.113 1.00 37.59 ? 22  ARG A N   1 
ATOM   10   C CA  . ARG A 1 7   ? 1.723   -4.558  -19.752 1.00 25.86 ? 22  ARG A CA  1 
ATOM   11   C C   . ARG A 1 7   ? 2.532   -4.825  -18.492 1.00 20.30 ? 22  ARG A C   1 
ATOM   12   O O   . ARG A 1 7   ? 3.430   -4.056  -18.152 1.00 22.02 ? 22  ARG A O   1 
ATOM   13   C CB  . ARG A 1 7   ? 2.289   -5.392  -20.897 1.00 23.02 ? 22  ARG A CB  1 
ATOM   14   C CG  . ARG A 1 7   ? 1.723   -5.042  -22.243 1.00 30.11 ? 22  ARG A CG  1 
ATOM   15   C CD  . ARG A 1 7   ? 1.141   -6.299  -22.792 1.00 25.90 ? 22  ARG A CD  1 
ATOM   16   N NE  . ARG A 1 7   ? 0.425   -6.127  -24.042 1.00 25.57 ? 22  ARG A NE  1 
ATOM   17   C CZ  . ARG A 1 7   ? -0.486  -6.997  -24.456 1.00 24.04 ? 22  ARG A CZ  1 
ATOM   18   N NH1 . ARG A 1 7   ? -0.769  -8.043  -23.689 1.00 24.56 ? 22  ARG A NH1 1 
ATOM   19   N NH2 . ARG A 1 7   ? -1.120  -6.816  -25.606 1.00 25.47 ? 22  ARG A NH2 1 
ATOM   20   N N   . PRO A 1 8   ? 2.275   -5.931  -17.794 1.00 18.89 ? 23  PRO A N   1 
ATOM   21   C CA  . PRO A 1 8   ? 3.065   -6.234  -16.596 1.00 18.44 ? 23  PRO A CA  1 
ATOM   22   C C   . PRO A 1 8   ? 4.522   -6.533  -16.930 1.00 19.93 ? 23  PRO A C   1 
ATOM   23   O O   . PRO A 1 8   ? 4.844   -7.124  -17.963 1.00 15.61 ? 23  PRO A O   1 
ATOM   24   C CB  . PRO A 1 8   ? 2.359   -7.458  -16.002 1.00 20.71 ? 23  PRO A CB  1 
ATOM   25   C CG  . PRO A 1 8   ? 1.618   -8.063  -17.156 1.00 28.90 ? 23  PRO A CG  1 
ATOM   26   C CD  . PRO A 1 8   ? 1.195   -6.913  -18.004 1.00 24.09 ? 23  PRO A CD  1 
ATOM   27   N N   . ASN A 1 9   ? 5.403   -6.104  -16.033 1.00 14.13 ? 24  ASN A N   1 
ATOM   28   C CA  . ASN A 1 9   ? 6.839   -6.305  -16.154 1.00 13.48 ? 24  ASN A CA  1 
ATOM   29   C C   . ASN A 1 9   ? 7.286   -7.094  -14.935 1.00 15.82 ? 24  ASN A C   1 
ATOM   30   O O   . ASN A 1 9   ? 6.911   -6.752  -13.813 1.00 12.68 ? 24  ASN A O   1 
ATOM   31   C CB  . ASN A 1 9   ? 7.563   -4.955  -16.241 1.00 13.93 ? 24  ASN A CB  1 
ATOM   32   C CG  . ASN A 1 9   ? 9.007   -5.094  -16.684 1.00 19.68 ? 24  ASN A CG  1 
ATOM   33   O OD1 . ASN A 1 9   ? 9.903   -5.400  -15.882 1.00 23.19 ? 24  ASN A OD1 1 
ATOM   34   N ND2 . ASN A 1 9   ? 9.246   -4.858  -17.965 1.00 17.39 ? 24  ASN A ND2 1 
ATOM   35   N N   . ARG A 1 10  ? 8.047   -8.165  -15.151 1.00 14.25 ? 25  ARG A N   1 
ATOM   36   C CA  . ARG A 1 10  ? 8.514   -9.011  -14.060 1.00 11.64 ? 25  ARG A CA  1 
ATOM   37   C C   . ARG A 1 10  ? 9.808   -8.484  -13.451 1.00 12.68 ? 25  ARG A C   1 
ATOM   38   O O   . ARG A 1 10  ? 10.749  -8.138  -14.173 1.00 14.82 ? 25  ARG A O   1 
ATOM   39   C CB  . ARG A 1 10  ? 8.724   -10.445 -14.566 1.00 14.20 ? 25  ARG A CB  1 
ATOM   40   C CG  . ARG A 1 10  ? 7.414   -11.183 -14.845 1.00 13.47 ? 25  ARG A CG  1 
ATOM   41   C CD  . ARG A 1 10  ? 7.648   -12.411 -15.711 1.00 18.11 ? 25  ARG A CD  1 
ATOM   42   N NE  . ARG A 1 10  ? 8.684   -13.268 -15.153 1.00 18.10 ? 25  ARG A NE  1 
ATOM   43   C CZ  . ARG A 1 10  ? 8.445   -14.213 -14.258 1.00 19.35 ? 25  ARG A CZ  1 
ATOM   44   N NH1 . ARG A 1 10  ? 7.208   -14.407 -13.829 1.00 20.93 ? 25  ARG A NH1 1 
ATOM   45   N NH2 . ARG A 1 10  ? 9.441   -14.949 -13.790 1.00 24.89 ? 25  ARG A NH2 1 
ATOM   46   N N   . LEU A 1 11  ? 9.863   -8.459  -12.110 1.00 10.32 ? 26  LEU A N   1 
ATOM   47   C CA  . LEU A 1 11  ? 11.005  -7.966  -11.350 1.00 11.23 ? 26  LEU A CA  1 
ATOM   48   C C   . LEU A 1 11  ? 11.201  -8.819  -10.100 1.00 11.17 ? 26  LEU A C   1 
ATOM   49   O O   . LEU A 1 11  ? 10.249  -9.405  -9.577  1.00 10.87 ? 26  LEU A O   1 
ATOM   50   C CB  . LEU A 1 11  ? 10.828  -6.496  -10.927 1.00 12.49 ? 26  LEU A CB  1 
ATOM   51   C CG  . LEU A 1 11  ? 10.713  -5.459  -12.054 1.00 15.45 ? 26  LEU A CG  1 
ATOM   52   C CD1 . LEU A 1 11  ? 10.229  -4.124  -11.489 1.00 14.59 ? 26  LEU A CD1 1 
ATOM   53   C CD2 . LEU A 1 11  ? 12.050  -5.272  -12.743 1.00 12.68 ? 26  LEU A CD2 1 
ATOM   54   N N   . ILE A 1 12  ? 12.441  -8.853  -9.614  1.00 12.03 ? 27  ILE A N   1 
ATOM   55   C CA  . ILE A 1 12  ? 12.830  -9.651  -8.452  1.00 11.95 ? 27  ILE A CA  1 
ATOM   56   C C   . ILE A 1 12  ? 12.609  -8.851  -7.164  1.00 12.63 ? 27  ILE A C   1 
ATOM   57   O O   . ILE A 1 12  ? 13.076  -7.716  -7.037  1.00 12.36 ? 27  ILE A O   1 
ATOM   58   C CB  . ILE A 1 12  ? 14.298  -10.095 -8.583  1.00 12.83 ? 27  ILE A CB  1 
ATOM   59   C CG1 . ILE A 1 12  ? 14.437  -11.097 -9.745  1.00 14.81 ? 27  ILE A CG1 1 
ATOM   60   C CG2 . ILE A 1 12  ? 14.816  -10.682 -7.271  1.00 13.42 ? 27  ILE A CG2 1 
ATOM   61   C CD1 . ILE A 1 12  ? 15.861  -11.206 -10.265 1.00 22.78 ? 27  ILE A CD1 1 
ATOM   62   N N   . VAL A 1 13  ? 11.925  -9.466  -6.197  1.00 11.13 ? 28  VAL A N   1 
ATOM   63   C CA  . VAL A 1 13  ? 11.588  -8.818  -4.930  1.00 13.12 ? 28  VAL A CA  1 
ATOM   64   C C   . VAL A 1 13  ? 12.844  -8.591  -4.092  1.00 13.39 ? 28  VAL A C   1 
ATOM   65   O O   . VAL A 1 13  ? 13.635  -9.510  -3.863  1.00 12.11 ? 28  VAL A O   1 
ATOM   66   C CB  . VAL A 1 13  ? 10.563  -9.670  -4.164  1.00 14.38 ? 28  VAL A CB  1 
ATOM   67   C CG1 . VAL A 1 13  ? 10.276  -9.088  -2.776  1.00 13.90 ? 28  VAL A CG1 1 
ATOM   68   C CG2 . VAL A 1 13  ? 9.272   -9.781  -4.971  1.00 12.26 ? 28  VAL A CG2 1 
ATOM   69   N N   . ASP A 1 14  ? 13.022  -7.363  -3.613  1.00 10.49 ? 29  ASP A N   1 
ATOM   70   C CA  . ASP A 1 14  ? 14.126  -6.988  -2.739  1.00 12.30 ? 29  ASP A CA  1 
ATOM   71   C C   . ASP A 1 14  ? 13.545  -6.299  -1.510  1.00 13.67 ? 29  ASP A C   1 
ATOM   72   O O   . ASP A 1 14  ? 12.357  -5.958  -1.477  1.00 10.20 ? 29  ASP A O   1 
ATOM   73   C CB  . ASP A 1 14  ? 15.112  -6.064  -3.469  1.00 12.91 ? 29  ASP A CB  1 
ATOM   74   C CG  . ASP A 1 14  ? 16.489  -6.006  -2.815  1.00 20.46 ? 29  ASP A CG  1 
ATOM   75   O OD1 . ASP A 1 14  ? 16.701  -6.601  -1.735  1.00 18.55 ? 29  ASP A OD1 1 
ATOM   76   O OD2 . ASP A 1 14  ? 17.372  -5.329  -3.400  1.00 24.19 ? 29  ASP A OD2 1 
ATOM   77   N N   . GLU A 1 15  ? 14.387  -6.093  -0.492  1.00 10.92 ? 30  GLU A N   1 
ATOM   78   C CA  . GLU A 1 15  ? 13.915  -5.495  0.754   1.00 13.58 ? 30  GLU A CA  1 
ATOM   79   C C   . GLU A 1 15  ? 13.766  -3.982  0.605   1.00 11.97 ? 30  GLU A C   1 
ATOM   80   O O   . GLU A 1 15  ? 14.477  -3.339  -0.172  1.00 12.36 ? 30  GLU A O   1 
ATOM   81   C CB  . GLU A 1 15  ? 14.875  -5.820  1.902   1.00 14.22 ? 30  GLU A CB  1 
ATOM   82   C CG  . GLU A 1 15  ? 14.474  -5.238  3.268   1.00 15.31 ? 30  GLU A CG  1 
ATOM   83   C CD  . GLU A 1 15  ? 13.170  -5.808  3.806   1.00 20.06 ? 30  GLU A CD  1 
ATOM   84   O OE1 . GLU A 1 15  ? 13.210  -6.848  4.501   1.00 21.52 ? 30  GLU A OE1 1 
ATOM   85   O OE2 . GLU A 1 15  ? 12.095  -5.221  3.539   1.00 14.74 ? 30  GLU A OE2 1 
ATOM   86   N N   . ALA A 1 16  ? 12.827  -3.421  1.364   1.00 10.65 ? 31  ALA A N   1 
ATOM   87   C CA  . ALA A 1 16  ? 12.519  -1.999  1.290   1.00 11.30 ? 31  ALA A CA  1 
ATOM   88   C C   . ALA A 1 16  ? 13.633  -1.153  1.891   1.00 14.72 ? 31  ALA A C   1 
ATOM   89   O O   . ALA A 1 16  ? 14.234  -1.523  2.905   1.00 13.29 ? 31  ALA A O   1 
ATOM   90   C CB  . ALA A 1 16  ? 11.216  -1.705  2.044   1.00 9.34  ? 31  ALA A CB  1 
ATOM   91   N N   . ILE A 1 17  ? 13.895  0.001   1.275   1.00 11.39 ? 32  ILE A N   1 
ATOM   92   C CA  . ILE A 1 17  ? 14.606  1.071   1.960   1.00 14.62 ? 32  ILE A CA  1 
ATOM   93   C C   . ILE A 1 17  ? 13.675  2.207   2.350   1.00 14.30 ? 32  ILE A C   1 
ATOM   94   O O   . ILE A 1 17  ? 14.065  3.046   3.175   1.00 14.72 ? 32  ILE A O   1 
ATOM   95   C CB  . ILE A 1 17  ? 15.789  1.622   1.138   1.00 17.79 ? 32  ILE A CB  1 
ATOM   96   C CG1 . ILE A 1 17  ? 15.314  2.111   -0.221  1.00 18.14 ? 32  ILE A CG1 1 
ATOM   97   C CG2 . ILE A 1 17  ? 16.928  0.608   1.067   1.00 25.22 ? 32  ILE A CG2 1 
ATOM   98   C CD1 . ILE A 1 17  ? 16.078  3.322   -0.651  1.00 29.13 ? 32  ILE A CD1 1 
ATOM   99   N N   . ASN A 1 18  ? 12.470  2.271   1.783   1.00 12.25 ? 33  ASN A N   1 
ATOM   100  C CA  . ASN A 1 18  ? 11.399  3.150   2.251   1.00 10.11 ? 33  ASN A CA  1 
ATOM   101  C C   . ASN A 1 18  ? 10.425  2.224   2.965   1.00 10.68 ? 33  ASN A C   1 
ATOM   102  O O   . ASN A 1 18  ? 9.643   1.512   2.325   1.00 11.83 ? 33  ASN A O   1 
ATOM   103  C CB  . ASN A 1 18  ? 10.749  3.893   1.086   1.00 12.12 ? 33  ASN A CB  1 
ATOM   104  C CG  . ASN A 1 18  ? 9.775   4.975   1.540   1.00 13.10 ? 33  ASN A CG  1 
ATOM   105  O OD1 . ASN A 1 18  ? 9.073   4.828   2.545   1.00 13.28 ? 33  ASN A OD1 1 
ATOM   106  N ND2 . ASN A 1 18  ? 9.741   6.073   0.798   1.00 10.86 ? 33  ASN A ND2 1 
ATOM   107  N N   . GLU A 1 19  ? 10.505  2.205   4.294   1.00 11.02 ? 34  GLU A N   1 
ATOM   108  C CA  . GLU A 1 19  ? 9.818   1.197   5.107   1.00 11.23 ? 34  GLU A CA  1 
ATOM   109  C C   . GLU A 1 19  ? 8.408   1.701   5.377   1.00 15.79 ? 34  GLU A C   1 
ATOM   110  O O   . GLU A 1 19  ? 8.098   2.270   6.422   1.00 19.48 ? 34  GLU A O   1 
ATOM   111  C CB  . GLU A 1 19  ? 10.602  0.932   6.389   1.00 16.56 ? 34  GLU A CB  1 
ATOM   112  C CG  . GLU A 1 19  ? 9.975   -0.054  7.350   1.00 22.49 ? 34  GLU A CG  1 
ATOM   113  C CD  . GLU A 1 19  ? 9.683   -1.402  6.717   1.00 20.22 ? 34  GLU A CD  1 
ATOM   114  O OE1 . GLU A 1 19  ? 10.616  -2.056  6.193   1.00 17.87 ? 34  GLU A OE1 1 
ATOM   115  O OE2 . GLU A 1 19  ? 8.505   -1.813  6.756   1.00 19.73 ? 34  GLU A OE2 1 
ATOM   116  N N   . ASP A 1 20  ? 7.553   1.524   4.377   1.00 12.73 ? 35  ASP A N   1 
ATOM   117  C CA  . ASP A 1 20  ? 6.182   1.997   4.419   1.00 12.38 ? 35  ASP A CA  1 
ATOM   118  C C   . ASP A 1 20  ? 5.337   1.028   3.612   1.00 11.55 ? 35  ASP A C   1 
ATOM   119  O O   . ASP A 1 20  ? 5.752   0.592   2.536   1.00 13.32 ? 35  ASP A O   1 
ATOM   120  C CB  . ASP A 1 20  ? 6.040   3.410   3.852   1.00 12.98 ? 35  ASP A CB  1 
ATOM   121  C CG  . ASP A 1 20  ? 4.637   3.933   3.999   1.00 18.30 ? 35  ASP A CG  1 
ATOM   122  O OD1 . ASP A 1 20  ? 3.815   3.640   3.100   1.00 14.71 ? 35  ASP A OD1 1 
ATOM   123  O OD2 . ASP A 1 20  ? 4.347   4.602   5.028   1.00 20.00 ? 35  ASP A OD2 1 
ATOM   124  N N   . ASN A 1 21  ? 4.150   0.704   4.132   1.00 10.75 ? 36  ASN A N   1 
ATOM   125  C CA  . ASN A 1 21  ? 3.304   -0.312  3.508   1.00 10.79 ? 36  ASN A CA  1 
ATOM   126  C C   . ASN A 1 21  ? 2.866   0.055   2.095   1.00 13.96 ? 36  ASN A C   1 
ATOM   127  O O   . ASN A 1 21  ? 2.457   -0.831  1.343   1.00 16.11 ? 36  ASN A O   1 
ATOM   128  C CB  . ASN A 1 21  ? 2.038   -0.547  4.340   1.00 9.07  ? 36  ASN A CB  1 
ATOM   129  C CG  . ASN A 1 21  ? 2.335   -0.966  5.760   1.00 10.54 ? 36  ASN A CG  1 
ATOM   130  O OD1 . ASN A 1 21  ? 3.415   -1.485  6.060   1.00 12.16 ? 36  ASN A OD1 1 
ATOM   131  N ND2 . ASN A 1 21  ? 1.366   -0.755  6.647   1.00 9.92  ? 36  ASN A ND2 1 
ATOM   132  N N   . SER A 1 22  ? 2.881   1.334   1.725   1.00 11.52 ? 37  SER A N   1 
ATOM   133  C CA  . SER A 1 22  ? 2.320   1.727   0.439   1.00 12.68 ? 37  SER A CA  1 
ATOM   134  C C   . SER A 1 22  ? 3.371   1.946   -0.648  1.00 11.08 ? 37  SER A C   1 
ATOM   135  O O   . SER A 1 22  ? 2.996   2.259   -1.778  1.00 13.71 ? 37  SER A O   1 
ATOM   136  C CB  . SER A 1 22  ? 1.480   3.017   0.579   1.00 11.20 ? 37  SER A CB  1 
ATOM   137  O OG  . SER A 1 22  ? 0.352   2.833   1.420   1.00 14.36 ? 37  SER A OG  1 
ATOM   138  N N   . VAL A 1 23  ? 4.659   1.810   -0.350  1.00 9.43  ? 38  VAL A N   1 
ATOM   139  C CA  . VAL A 1 23  ? 5.719   2.289   -1.242  1.00 8.30  ? 38  VAL A CA  1 
ATOM   140  C C   . VAL A 1 23  ? 6.492   1.107   -1.811  1.00 8.55  ? 38  VAL A C   1 
ATOM   141  O O   . VAL A 1 23  ? 6.902   0.220   -1.059  1.00 8.68  ? 38  VAL A O   1 
ATOM   142  C CB  . VAL A 1 23  ? 6.685   3.238   -0.508  1.00 8.65  ? 38  VAL A CB  1 
ATOM   143  C CG1 . VAL A 1 23  ? 7.906   3.543   -1.386  1.00 8.79  ? 38  VAL A CG1 1 
ATOM   144  C CG2 . VAL A 1 23  ? 5.963   4.523   -0.099  1.00 9.58  ? 38  VAL A CG2 1 
ATOM   145  N N   . VAL A 1 24  ? 6.730   1.120   -3.128  1.00 7.18  ? 39  VAL A N   1 
ATOM   146  C CA  . VAL A 1 24  ? 7.703   0.224   -3.747  1.00 6.16  ? 39  VAL A CA  1 
ATOM   147  C C   . VAL A 1 24  ? 8.721   1.092   -4.469  1.00 8.81  ? 39  VAL A C   1 
ATOM   148  O O   . VAL A 1 24  ? 8.399   2.194   -4.914  1.00 7.74  ? 39  VAL A O   1 
ATOM   149  C CB  . VAL A 1 24  ? 7.069   -0.805  -4.716  1.00 6.73  ? 39  VAL A CB  1 
ATOM   150  C CG1 . VAL A 1 24  ? 6.165   -1.743  -3.957  1.00 11.30 ? 39  VAL A CG1 1 
ATOM   151  C CG2 . VAL A 1 24  ? 6.283   -0.108  -5.851  1.00 10.04 ? 39  VAL A CG2 1 
ATOM   152  N N   . SER A 1 25  ? 9.965   0.608   -4.560  1.00 8.39  ? 40  SER A N   1 
ATOM   153  C CA  . SER A 1 25  ? 11.049  1.377   -5.159  1.00 8.34  ? 40  SER A CA  1 
ATOM   154  C C   . SER A 1 25  ? 11.605  0.638   -6.365  1.00 9.40  ? 40  SER A C   1 
ATOM   155  O O   . SER A 1 25  ? 11.787  -0.581  -6.315  1.00 7.21  ? 40  SER A O   1 
ATOM   156  C CB  . SER A 1 25  ? 12.179  1.630   -4.148  1.00 9.88  ? 40  SER A CB  1 
ATOM   157  O OG  . SER A 1 25  ? 11.676  2.368   -3.039  1.00 13.89 ? 40  SER A OG  1 
ATOM   158  N N   . LEU A 1 26  ? 11.893  1.400   -7.426  1.00 7.92  ? 41  LEU A N   1 
ATOM   159  C CA  . LEU A 1 26  ? 12.532  0.929   -8.649  1.00 9.09  ? 41  LEU A CA  1 
ATOM   160  C C   . LEU A 1 26  ? 13.749  1.797   -8.934  1.00 10.44 ? 41  LEU A C   1 
ATOM   161  O O   . LEU A 1 26  ? 13.837  2.938   -8.474  1.00 9.73  ? 41  LEU A O   1 
ATOM   162  C CB  . LEU A 1 26  ? 11.589  1.034   -9.866  1.00 8.90  ? 41  LEU A CB  1 
ATOM   163  C CG  . LEU A 1 26  ? 10.304  0.234   -9.895  1.00 13.37 ? 41  LEU A CG  1 
ATOM   164  C CD1 . LEU A 1 26  ? 9.553   0.467   -11.226 1.00 13.98 ? 41  LEU A CD1 1 
ATOM   165  C CD2 . LEU A 1 26  ? 10.639  -1.202  -9.708  1.00 15.37 ? 41  LEU A CD2 1 
ATOM   166  N N   . SER A 1 27  ? 14.674  1.278   -9.744  1.00 9.47  ? 42  SER A N   1 
ATOM   167  C CA  . SER A 1 27  ? 15.753  2.130   -10.211 1.00 10.13 ? 42  SER A CA  1 
ATOM   168  C C   . SER A 1 27  ? 15.202  3.140   -11.210 1.00 11.95 ? 42  SER A C   1 
ATOM   169  O O   . SER A 1 27  ? 14.157  2.929   -11.824 1.00 9.81  ? 42  SER A O   1 
ATOM   170  C CB  . SER A 1 27  ? 16.861  1.306   -10.865 1.00 13.21 ? 42  SER A CB  1 
ATOM   171  O OG  . SER A 1 27  ? 16.429  0.855   -12.146 1.00 12.08 ? 42  SER A OG  1 
ATOM   172  N N   . GLN A 1 28  ? 15.893  4.267   -11.348 1.00 12.10 ? 43  GLN A N   1 
ATOM   173  C CA  . GLN A 1 28  ? 15.429  5.265   -12.310 1.00 14.97 ? 43  GLN A CA  1 
ATOM   174  C C   . GLN A 1 28  ? 15.468  4.742   -13.746 1.00 14.42 ? 43  GLN A C   1 
ATOM   175  O O   . GLN A 1 28  ? 14.512  5.018   -14.495 1.00 14.52 ? 43  GLN A O   1 
ATOM   176  C CB  . GLN A 1 28  ? 16.227  6.566   -12.147 1.00 17.97 ? 43  GLN A CB  1 
ATOM   177  C CG  . GLN A 1 28  ? 15.745  7.698   -13.043 1.00 30.05 ? 43  GLN A CG  1 
ATOM   178  C CD  . GLN A 1 28  ? 14.320  8.172   -12.727 1.00 32.69 ? 43  GLN A CD  1 
ATOM   179  O OE1 . GLN A 1 28  ? 14.025  8.636   -11.616 1.00 31.63 ? 43  GLN A OE1 1 
ATOM   180  N NE2 . GLN A 1 28  ? 13.429  8.043   -13.709 1.00 30.75 ? 43  GLN A NE2 1 
ATOM   181  N N   . PRO A 1 29  ? 16.483  3.984   -14.185 1.00 13.78 ? 44  PRO A N   1 
ATOM   182  C CA  . PRO A 1 29  ? 16.398  3.389   -15.529 1.00 15.42 ? 44  PRO A CA  1 
ATOM   183  C C   . PRO A 1 29  ? 15.184  2.497   -15.718 1.00 14.70 ? 44  PRO A C   1 
ATOM   184  O O   . PRO A 1 29  ? 14.552  2.537   -16.781 1.00 14.68 ? 44  PRO A O   1 
ATOM   185  C CB  . PRO A 1 29  ? 17.707  2.594   -15.637 1.00 17.50 ? 44  PRO A CB  1 
ATOM   186  C CG  . PRO A 1 29  ? 18.661  3.354   -14.790 1.00 17.26 ? 44  PRO A CG  1 
ATOM   187  C CD  . PRO A 1 29  ? 17.836  3.827   -13.613 1.00 15.06 ? 44  PRO A CD  1 
ATOM   188  N N   . LYS A 1 30  ? 14.832  1.687   -14.717 1.00 12.29 ? 45  LYS A N   1 
ATOM   189  C CA  . LYS A 1 30  ? 13.660  0.832   -14.869 1.00 11.88 ? 45  LYS A CA  1 
ATOM   190  C C   . LYS A 1 30  ? 12.380  1.658   -14.900 1.00 12.27 ? 45  LYS A C   1 
ATOM   191  O O   . LYS A 1 30  ? 11.468  1.380   -15.691 1.00 12.78 ? 45  LYS A O   1 
ATOM   192  C CB  . LYS A 1 30  ? 13.617  -0.212  -13.751 1.00 10.77 ? 45  LYS A CB  1 
ATOM   193  C CG  . LYS A 1 30  ? 12.447  -1.192  -13.854 1.00 12.37 ? 45  LYS A CG  1 
ATOM   194  C CD  . LYS A 1 30  ? 12.471  -1.994  -15.165 1.00 17.99 ? 45  LYS A CD  1 
ATOM   195  C CE  . LYS A 1 30  ? 13.842  -2.615  -15.439 1.00 18.56 ? 45  LYS A CE  1 
ATOM   196  N NZ  . LYS A 1 30  ? 13.717  -3.653  -16.499 1.00 24.88 ? 45  LYS A NZ  1 
ATOM   197  N N   . MET A 1 31  ? 12.298  2.700   -14.077 1.00 9.64  ? 46  MET A N   1 
ATOM   198  C CA  . MET A 1 31  ? 11.118  3.553   -14.150 1.00 12.24 ? 46  MET A CA  1 
ATOM   199  C C   . MET A 1 31  ? 11.000  4.220   -15.516 1.00 13.84 ? 46  MET A C   1 
ATOM   200  O O   . MET A 1 31  ? 9.894   4.337   -16.053 1.00 15.12 ? 46  MET A O   1 
ATOM   201  C CB  . MET A 1 31  ? 11.146  4.589   -13.038 1.00 14.09 ? 46  MET A CB  1 
ATOM   202  C CG  . MET A 1 31  ? 10.673  3.993   -11.731 1.00 17.44 ? 46  MET A CG  1 
ATOM   203  S SD  . MET A 1 31  ? 10.591  5.221   -10.485 1.00 27.40 ? 46  MET A SD  1 
ATOM   204  C CE  . MET A 1 31  ? 9.108   6.110   -10.962 1.00 16.44 ? 46  MET A CE  1 
ATOM   205  N N   . ASP A 1 32  ? 12.124  4.657   -16.090 1.00 12.47 ? 47  ASP A N   1 
ATOM   206  C CA  . ASP A 1 32  ? 12.101  5.251   -17.427 1.00 18.05 ? 47  ASP A CA  1 
ATOM   207  C C   . ASP A 1 32  ? 11.604  4.246   -18.451 1.00 17.28 ? 47  ASP A C   1 
ATOM   208  O O   . ASP A 1 32  ? 10.736  4.554   -19.278 1.00 17.18 ? 47  ASP A O   1 
ATOM   209  C CB  . ASP A 1 32  ? 13.495  5.745   -17.831 1.00 17.53 ? 47  ASP A CB  1 
ATOM   210  C CG  . ASP A 1 32  ? 13.987  6.880   -16.972 1.00 25.41 ? 47  ASP A CG  1 
ATOM   211  O OD1 . ASP A 1 32  ? 13.168  7.475   -16.246 1.00 28.77 ? 47  ASP A OD1 1 
ATOM   212  O OD2 . ASP A 1 32  ? 15.198  7.189   -17.021 1.00 32.70 ? 47  ASP A OD2 1 
ATOM   213  N N   . GLU A 1 33  ? 12.142  3.026   -18.397 1.00 15.30 ? 48  GLU A N   1 
ATOM   214  C CA  . GLU A 1 33  ? 11.723  1.984   -19.328 1.00 15.18 ? 48  GLU A CA  1 
ATOM   215  C C   . GLU A 1 33  ? 10.233  1.714   -19.224 1.00 17.12 ? 48  GLU A C   1 
ATOM   216  O O   . GLU A 1 33  ? 9.560   1.507   -20.242 1.00 16.42 ? 48  GLU A O   1 
ATOM   217  C CB  . GLU A 1 33  ? 12.513  0.705   -19.059 1.00 15.03 ? 48  GLU A CB  1 
ATOM   218  C CG  . GLU A 1 33  ? 12.205  -0.419  -20.024 1.00 18.46 ? 48  GLU A CG  1 
ATOM   219  C CD  . GLU A 1 33  ? 12.755  -1.743  -19.546 1.00 23.63 ? 48  GLU A CD  1 
ATOM   220  O OE1 . GLU A 1 33  ? 12.415  -2.798  -20.133 1.00 25.96 ? 48  GLU A OE1 1 
ATOM   221  O OE2 . GLU A 1 33  ? 13.525  -1.722  -18.568 1.00 25.11 ? 48  GLU A OE2 1 
ATOM   222  N N   . LEU A 1 34  ? 9.691   1.723   -18.007 1.00 12.94 ? 49  LEU A N   1 
ATOM   223  C CA  . LEU A 1 34  ? 8.298   1.369   -17.785 1.00 10.06 ? 49  LEU A CA  1 
ATOM   224  C C   . LEU A 1 34  ? 7.358   2.552   -17.908 1.00 11.35 ? 49  LEU A C   1 
ATOM   225  O O   . LEU A 1 34  ? 6.159   2.382   -17.696 1.00 14.34 ? 49  LEU A O   1 
ATOM   226  C CB  . LEU A 1 34  ? 8.120   0.721   -16.406 1.00 14.23 ? 49  LEU A CB  1 
ATOM   227  C CG  . LEU A 1 34  ? 8.997   -0.517  -16.160 1.00 16.35 ? 49  LEU A CG  1 
ATOM   228  C CD1 . LEU A 1 34  ? 8.625   -1.210  -14.848 1.00 15.14 ? 49  LEU A CD1 1 
ATOM   229  C CD2 . LEU A 1 34  ? 8.948   -1.482  -17.332 1.00 18.83 ? 49  LEU A CD2 1 
ATOM   230  N N   . GLN A 1 35  ? 7.868   3.734   -18.249 1.00 12.07 ? 50  GLN A N   1 
ATOM   231  C CA  . GLN A 1 35  ? 7.040   4.932   -18.424 1.00 16.95 ? 50  GLN A CA  1 
ATOM   232  C C   . GLN A 1 35  ? 6.358   5.343   -17.127 1.00 14.81 ? 50  GLN A C   1 
ATOM   233  O O   . GLN A 1 35  ? 5.232   5.831   -17.147 1.00 14.63 ? 50  GLN A O   1 
ATOM   234  C CB  . GLN A 1 35  ? 5.964   4.745   -19.503 1.00 20.40 ? 50  GLN A CB  1 
ATOM   235  C CG  . GLN A 1 35  ? 6.362   3.916   -20.708 1.00 24.70 ? 50  GLN A CG  1 
ATOM   236  C CD  . GLN A 1 35  ? 7.176   4.712   -21.669 1.00 27.38 ? 50  GLN A CD  1 
ATOM   237  O OE1 . GLN A 1 35  ? 6.639   5.436   -22.508 1.00 26.98 ? 50  GLN A OE1 1 
ATOM   238  N NE2 . GLN A 1 35  ? 8.491   4.607   -21.546 1.00 32.07 ? 50  GLN A NE2 1 
ATOM   239  N N   . LEU A 1 36  ? 7.009   5.126   -15.991 1.00 11.69 ? 51  LEU A N   1 
ATOM   240  C CA  . LEU A 1 36  ? 6.435   5.445   -14.692 1.00 11.93 ? 51  LEU A CA  1 
ATOM   241  C C   . LEU A 1 36  ? 7.013   6.756   -14.181 1.00 11.35 ? 51  LEU A C   1 
ATOM   242  O O   . LEU A 1 36  ? 8.194   7.045   -14.398 1.00 12.82 ? 51  LEU A O   1 
ATOM   243  C CB  . LEU A 1 36  ? 6.729   4.335   -13.677 1.00 11.29 ? 51  LEU A CB  1 
ATOM   244  C CG  . LEU A 1 36  ? 6.090   2.971   -13.947 1.00 14.01 ? 51  LEU A CG  1 
ATOM   245  C CD1 . LEU A 1 36  ? 6.606   1.926   -12.956 1.00 11.97 ? 51  LEU A CD1 1 
ATOM   246  C CD2 . LEU A 1 36  ? 4.564   3.081   -13.867 1.00 15.17 ? 51  LEU A CD2 1 
ATOM   247  N N   . PHE A 1 37  ? 6.176   7.541   -13.497 1.00 10.46 ? 52  PHE A N   1 
ATOM   248  C CA  . PHE A 1 37  ? 6.594   8.741   -12.785 1.00 10.17 ? 52  PHE A CA  1 
ATOM   249  C C   . PHE A 1 37  ? 6.592   8.443   -11.292 1.00 11.30 ? 52  PHE A C   1 
ATOM   250  O O   . PHE A 1 37  ? 5.768   7.661   -10.809 1.00 10.84 ? 52  PHE A O   1 
ATOM   251  C CB  . PHE A 1 37  ? 5.647   9.930   -13.015 1.00 11.14 ? 52  PHE A CB  1 
ATOM   252  C CG  . PHE A 1 37  ? 5.750   10.574  -14.374 1.00 14.65 ? 52  PHE A CG  1 
ATOM   253  C CD1 . PHE A 1 37  ? 6.702   10.172  -15.301 1.00 18.63 ? 52  PHE A CD1 1 
ATOM   254  C CD2 . PHE A 1 37  ? 4.881   11.605  -14.715 1.00 19.52 ? 52  PHE A CD2 1 
ATOM   255  C CE1 . PHE A 1 37  ? 6.787   10.786  -16.559 1.00 20.94 ? 52  PHE A CE1 1 
ATOM   256  C CE2 . PHE A 1 37  ? 4.955   12.224  -15.969 1.00 22.55 ? 52  PHE A CE2 1 
ATOM   257  C CZ  . PHE A 1 37  ? 5.909   11.809  -16.889 1.00 17.76 ? 52  PHE A CZ  1 
ATOM   258  N N   . ARG A 1 38  ? 7.496   9.094   -10.561 1.00 9.61  ? 53  ARG A N   1 
ATOM   259  C CA  . ARG A 1 38  ? 7.471   9.027   -9.101  1.00 9.84  ? 53  ARG A CA  1 
ATOM   260  C C   . ARG A 1 38  ? 6.094   9.426   -8.583  1.00 9.37  ? 53  ARG A C   1 
ATOM   261  O O   . ARG A 1 38  ? 5.544   10.459  -8.982  1.00 7.83  ? 53  ARG A O   1 
ATOM   262  C CB  . ARG A 1 38  ? 8.536   9.963   -8.510  1.00 9.71  ? 53  ARG A CB  1 
ATOM   263  C CG  . ARG A 1 38  ? 9.964   9.642   -8.921  1.00 12.43 ? 53  ARG A CG  1 
ATOM   264  C CD  . ARG A 1 38  ? 10.910  10.780  -8.545  1.00 12.46 ? 53  ARG A CD  1 
ATOM   265  N NE  . ARG A 1 38  ? 10.945  11.021  -7.093  1.00 11.00 ? 53  ARG A NE  1 
ATOM   266  C CZ  . ARG A 1 38  ? 10.811  12.217  -6.528  1.00 12.96 ? 53  ARG A CZ  1 
ATOM   267  N NH1 . ARG A 1 38  ? 10.887  12.337  -5.210  1.00 14.20 ? 53  ARG A NH1 1 
ATOM   268  N NH2 . ARG A 1 38  ? 10.628  13.299  -7.277  1.00 13.96 ? 53  ARG A NH2 1 
ATOM   269  N N   . GLY A 1 39  ? 5.546   8.618   -7.678  1.00 7.15  ? 54  GLY A N   1 
ATOM   270  C CA  . GLY A 1 39  ? 4.232   8.883   -7.112  1.00 7.20  ? 54  GLY A CA  1 
ATOM   271  C C   . GLY A 1 39  ? 3.059   8.250   -7.836  1.00 8.57  ? 54  GLY A C   1 
ATOM   272  O O   . GLY A 1 39  ? 1.920   8.382   -7.361  1.00 8.44  ? 54  GLY A O   1 
ATOM   273  N N   . ASP A 1 40  ? 3.297   7.581   -8.970  1.00 8.81  ? 55  ASP A N   1 
ATOM   274  C CA  . ASP A 1 40  ? 2.275   6.813   -9.687  1.00 10.01 ? 55  ASP A CA  1 
ATOM   275  C C   . ASP A 1 40  ? 1.701   5.699   -8.816  1.00 12.05 ? 55  ASP A C   1 
ATOM   276  O O   . ASP A 1 40  ? 2.414   5.083   -8.020  1.00 7.72  ? 55  ASP A O   1 
ATOM   277  C CB  . ASP A 1 40  ? 2.882   6.140   -10.931 1.00 10.37 ? 55  ASP A CB  1 
ATOM   278  C CG  . ASP A 1 40  ? 2.941   7.041   -12.161 1.00 13.37 ? 55  ASP A CG  1 
ATOM   279  O OD1 . ASP A 1 40  ? 2.465   8.201   -12.125 1.00 14.54 ? 55  ASP A OD1 1 
ATOM   280  O OD2 . ASP A 1 40  ? 3.456   6.553   -13.202 1.00 13.87 ? 55  ASP A OD2 1 
ATOM   281  N N   . THR A 1 41  ? 0.419   5.387   -9.016  1.00 8.81  ? 56  THR A N   1 
ATOM   282  C CA  . THR A 1 41  ? -0.131  4.145   -8.473  1.00 10.16 ? 56  THR A CA  1 
ATOM   283  C C   . THR A 1 41  ? 0.241   2.989   -9.391  1.00 12.55 ? 56  THR A C   1 
ATOM   284  O O   . THR A 1 41  ? 0.140   3.107   -10.612 1.00 11.33 ? 56  THR A O   1 
ATOM   285  C CB  . THR A 1 41  ? -1.655  4.214   -8.360  1.00 11.52 ? 56  THR A CB  1 
ATOM   286  O OG1 . THR A 1 41  ? -2.032  5.415   -7.688  1.00 9.51  ? 56  THR A OG1 1 
ATOM   287  C CG2 . THR A 1 41  ? -2.181  3.005   -7.580  1.00 13.02 ? 56  THR A CG2 1 
ATOM   288  N N   . VAL A 1 42  ? 0.667   1.864   -8.804  1.00 10.54 ? 57  VAL A N   1 
ATOM   289  C CA  . VAL A 1 42  ? 1.010   0.681   -9.582  1.00 10.27 ? 57  VAL A CA  1 
ATOM   290  C C   . VAL A 1 42  ? 0.279   -0.528  -9.009  1.00 12.16 ? 57  VAL A C   1 
ATOM   291  O O   . VAL A 1 42  ? -0.118  -0.553  -7.841  1.00 10.71 ? 57  VAL A O   1 
ATOM   292  C CB  . VAL A 1 42  ? 2.539   0.422   -9.631  1.00 9.69  ? 57  VAL A CB  1 
ATOM   293  C CG1 . VAL A 1 42  ? 3.255   1.538   -10.396 1.00 8.11  ? 57  VAL A CG1 1 
ATOM   294  C CG2 . VAL A 1 42  ? 3.125   0.288   -8.209  1.00 9.76  ? 57  VAL A CG2 1 
ATOM   295  N N   . LEU A 1 43  ? 0.092   -1.537  -9.860  1.00 10.65 ? 58  LEU A N   1 
ATOM   296  C CA  . LEU A 1 43  ? -0.568  -2.779  -9.481  1.00 11.87 ? 58  LEU A CA  1 
ATOM   297  C C   . LEU A 1 43  ? 0.459   -3.904  -9.507  1.00 11.75 ? 58  LEU A C   1 
ATOM   298  O O   . LEU A 1 43  ? 1.094   -4.144  -10.538 1.00 11.04 ? 58  LEU A O   1 
ATOM   299  C CB  . LEU A 1 43  ? -1.730  -3.092  -10.425 1.00 16.41 ? 58  LEU A CB  1 
ATOM   300  C CG  . LEU A 1 43  ? -2.392  -4.468  -10.292 1.00 17.77 ? 58  LEU A CG  1 
ATOM   301  C CD1 . LEU A 1 43  ? -2.934  -4.682  -8.889  1.00 17.26 ? 58  LEU A CD1 1 
ATOM   302  C CD2 . LEU A 1 43  ? -3.518  -4.606  -11.321 1.00 23.71 ? 58  LEU A CD2 1 
ATOM   303  N N   . LEU A 1 44  ? 0.620   -4.583  -8.378  1.00 11.07 ? 59  LEU A N   1 
ATOM   304  C CA  . LEU A 1 44  ? 1.550   -5.691  -8.254  1.00 11.11 ? 59  LEU A CA  1 
ATOM   305  C C   . LEU A 1 44  ? 0.773   -6.997  -8.215  1.00 11.85 ? 59  LEU A C   1 
ATOM   306  O O   . LEU A 1 44  ? -0.282  -7.075  -7.581  1.00 13.43 ? 59  LEU A O   1 
ATOM   307  C CB  . LEU A 1 44  ? 2.385   -5.577  -6.977  1.00 10.22 ? 59  LEU A CB  1 
ATOM   308  C CG  . LEU A 1 44  ? 2.987   -4.199  -6.723  1.00 15.34 ? 59  LEU A CG  1 
ATOM   309  C CD1 . LEU A 1 44  ? 3.687   -4.182  -5.368  1.00 21.59 ? 59  LEU A CD1 1 
ATOM   310  C CD2 . LEU A 1 44  ? 3.958   -3.909  -7.842  1.00 13.79 ? 59  LEU A CD2 1 
ATOM   311  N N   . LYS A 1 45  ? 1.304   -8.017  -8.883  1.00 13.05 ? 60  LYS A N   1 
ATOM   312  C CA  . LYS A 1 45  ? 0.724   -9.353  -8.859  1.00 15.44 ? 60  LYS A CA  1 
ATOM   313  C C   . LYS A 1 45  ? 1.746   -10.347 -8.338  1.00 13.31 ? 60  LYS A C   1 
ATOM   314  O O   . LYS A 1 45  ? 2.871   -10.419 -8.849  1.00 15.06 ? 60  LYS A O   1 
ATOM   315  C CB  . LYS A 1 45  ? 0.250   -9.757  -10.246 1.00 18.24 ? 60  LYS A CB  1 
ATOM   316  C CG  . LYS A 1 45  ? -0.864  -8.878  -10.717 1.00 21.46 ? 60  LYS A CG  1 
ATOM   317  C CD  . LYS A 1 45  ? -1.385  -9.361  -12.033 1.00 30.71 ? 60  LYS A CD  1 
ATOM   318  C CE  . LYS A 1 45  ? -2.890  -9.405  -11.990 1.00 36.11 ? 60  LYS A CE  1 
ATOM   319  N NZ  . LYS A 1 45  ? -3.413  -8.061  -12.310 1.00 37.91 ? 60  LYS A NZ  1 
ATOM   320  N N   . GLY A 1 46  ? 1.347   -11.109 -7.323  1.00 14.89 ? 61  GLY A N   1 
ATOM   321  C CA  . GLY A 1 46  ? 2.227   -12.057 -6.674  1.00 12.50 ? 61  GLY A CA  1 
ATOM   322  C C   . GLY A 1 46  ? 1.725   -13.476 -6.852  1.00 21.97 ? 61  GLY A C   1 
ATOM   323  O O   . GLY A 1 46  ? 1.262   -13.842 -7.936  1.00 22.42 ? 61  GLY A O   1 
ATOM   324  N N   . LYS A 1 47  ? 1.801   -14.277 -5.796  1.00 20.48 ? 62  LYS A N   1 
ATOM   325  C CA  . LYS A 1 47  ? 1.427   -15.680 -5.851  1.00 23.65 ? 62  LYS A CA  1 
ATOM   326  C C   . LYS A 1 47  ? 0.011   -15.886 -5.333  1.00 28.32 ? 62  LYS A C   1 
ATOM   327  O O   . LYS A 1 47  ? -0.592  -15.006 -4.707  1.00 23.55 ? 62  LYS A O   1 
ATOM   328  C CB  . LYS A 1 47  ? 2.417   -16.523 -5.047  1.00 21.41 ? 62  LYS A CB  1 
ATOM   329  C CG  . LYS A 1 47  ? 3.808   -16.521 -5.618  1.00 25.06 ? 62  LYS A CG  1 
ATOM   330  C CD  . LYS A 1 47  ? 4.664   -17.570 -4.939  1.00 27.24 ? 62  LYS A CD  1 
ATOM   331  C CE  . LYS A 1 47  ? 6.112   -17.301 -5.204  1.00 29.45 ? 62  LYS A CE  1 
ATOM   332  N NZ  . LYS A 1 47  ? 6.324   -16.979 -6.638  1.00 35.77 ? 62  LYS A NZ  1 
ATOM   333  N N   . LYS A 1 48  ? -0.526  -17.078 -5.610  1.00 31.40 ? 63  LYS A N   1 
ATOM   334  C CA  . LYS A 1 48  ? -1.847  -17.471 -5.116  1.00 30.73 ? 63  LYS A CA  1 
ATOM   335  C C   . LYS A 1 48  ? -2.917  -16.447 -5.490  1.00 28.86 ? 63  LYS A C   1 
ATOM   336  O O   . LYS A 1 48  ? -3.795  -16.132 -4.688  1.00 28.40 ? 63  LYS A O   1 
ATOM   337  C CB  . LYS A 1 48  ? -1.827  -17.686 -3.599  1.00 33.83 ? 63  LYS A CB  1 
ATOM   338  C CG  . LYS A 1 48  ? -0.814  -18.704 -3.077  1.00 31.53 ? 63  LYS A CG  1 
ATOM   339  C CD  . LYS A 1 48  ? -0.936  -18.781 -1.561  1.00 39.57 ? 63  LYS A CD  1 
ATOM   340  C CE  . LYS A 1 48  ? 0.060   -19.729 -0.924  1.00 47.75 ? 63  LYS A CE  1 
ATOM   341  N NZ  . LYS A 1 48  ? 0.020   -19.581 0.564   1.00 50.57 ? 63  LYS A NZ  1 
ATOM   342  N N   . ARG A 1 49  ? -2.829  -15.906 -6.708  1.00 20.67 ? 64  ARG A N   1 
ATOM   343  C CA  . ARG A 1 49  ? -3.794  -14.944 -7.242  1.00 28.42 ? 64  ARG A CA  1 
ATOM   344  C C   . ARG A 1 49  ? -3.826  -13.632 -6.447  1.00 23.76 ? 64  ARG A C   1 
ATOM   345  O O   . ARG A 1 49  ? -4.769  -12.851 -6.579  1.00 25.17 ? 64  ARG A O   1 
ATOM   346  C CB  . ARG A 1 49  ? -5.212  -15.543 -7.317  1.00 33.66 ? 64  ARG A CB  1 
ATOM   347  C CG  . ARG A 1 49  ? -5.384  -16.768 -8.239  1.00 44.51 ? 64  ARG A CG  1 
ATOM   348  C CD  . ARG A 1 49  ? -5.076  -18.102 -7.519  1.00 56.02 ? 64  ARG A CD  1 
ATOM   349  N NE  . ARG A 1 49  ? -5.895  -18.261 -6.327  1.00 62.45 ? 64  ARG A NE  1 
ATOM   350  C CZ  . ARG A 1 49  ? -5.621  -19.119 -5.351  1.00 68.14 ? 64  ARG A CZ  1 
ATOM   351  N NH1 . ARG A 1 49  ? -4.533  -19.883 -5.427  1.00 67.79 ? 64  ARG A NH1 1 
ATOM   352  N NH2 . ARG A 1 49  ? -6.428  -19.203 -4.292  1.00 71.31 ? 64  ARG A NH2 1 
ATOM   353  N N   . ARG A 1 50  ? -2.818  -13.359 -5.622  1.00 21.08 ? 65  ARG A N   1 
ATOM   354  C CA  . ARG A 1 50  ? -2.829  -12.154 -4.793  1.00 17.76 ? 65  ARG A CA  1 
ATOM   355  C C   . ARG A 1 50  ? -2.338  -10.934 -5.568  1.00 17.01 ? 65  ARG A C   1 
ATOM   356  O O   . ARG A 1 50  ? -1.488  -11.032 -6.466  1.00 14.07 ? 65  ARG A O   1 
ATOM   357  C CB  . ARG A 1 50  ? -1.959  -12.349 -3.554  1.00 17.23 ? 65  ARG A CB  1 
ATOM   358  C CG  . ARG A 1 50  ? -2.426  -13.471 -2.633  1.00 21.41 ? 65  ARG A CG  1 
ATOM   359  C CD  . ARG A 1 50  ? -3.668  -13.076 -1.848  1.00 25.10 ? 65  ARG A CD  1 
ATOM   360  N NE  . ARG A 1 50  ? -3.451  -11.868 -1.053  1.00 28.53 ? 65  ARG A NE  1 
ATOM   361  C CZ  . ARG A 1 50  ? -4.329  -11.380 -0.182  1.00 33.98 ? 65  ARG A CZ  1 
ATOM   362  N NH1 . ARG A 1 50  ? -5.486  -12.011 0.008   1.00 30.53 ? 65  ARG A NH1 1 
ATOM   363  N NH2 . ARG A 1 50  ? -4.055  -10.263 0.498   1.00 27.85 ? 65  ARG A NH2 1 
ATOM   364  N N   . GLU A 1 51  ? -2.872  -9.771  -5.190  1.00 14.67 ? 66  GLU A N   1 
ATOM   365  C CA  . GLU A 1 51  ? -2.516  -8.492  -5.786  1.00 17.56 ? 66  GLU A CA  1 
ATOM   366  C C   . GLU A 1 51  ? -2.271  -7.467  -4.689  1.00 18.13 ? 66  GLU A C   1 
ATOM   367  O O   . GLU A 1 51  ? -2.747  -7.616  -3.564  1.00 17.65 ? 66  GLU A O   1 
ATOM   368  C CB  . GLU A 1 51  ? -3.620  -7.963  -6.692  1.00 18.08 ? 66  GLU A CB  1 
ATOM   369  C CG  . GLU A 1 51  ? -3.909  -8.834  -7.890  1.00 22.75 ? 66  GLU A CG  1 
ATOM   370  C CD  . GLU A 1 51  ? -5.016  -8.252  -8.746  1.00 25.02 ? 66  GLU A CD  1 
ATOM   371  O OE1 . GLU A 1 51  ? -5.840  -7.458  -8.227  1.00 27.38 ? 66  GLU A OE1 1 
ATOM   372  O OE2 . GLU A 1 51  ? -5.041  -8.576  -9.945  1.00 33.55 ? 66  GLU A OE2 1 
ATOM   373  N N   . ALA A 1 52  ? -1.572  -6.393  -5.045  1.00 15.97 ? 67  ALA A N   1 
ATOM   374  C CA  . ALA A 1 52  ? -1.400  -5.255  -4.152  1.00 17.91 ? 67  ALA A CA  1 
ATOM   375  C C   . ALA A 1 52  ? -1.300  -4.000  -5.003  1.00 15.35 ? 67  ALA A C   1 
ATOM   376  O O   . ALA A 1 52  ? -0.832  -4.050  -6.140  1.00 15.14 ? 67  ALA A O   1 
ATOM   377  C CB  . ALA A 1 52  ? -0.153  -5.406  -3.279  1.00 14.00 ? 67  ALA A CB  1 
ATOM   378  N N   . VAL A 1 53  ? -1.762  -2.876  -4.466  1.00 11.19 ? 68  VAL A N   1 
ATOM   379  C CA  . VAL A 1 53  ? -1.576  -1.588  -5.129  1.00 9.29  ? 68  VAL A CA  1 
ATOM   380  C C   . VAL A 1 53  ? -0.665  -0.740  -4.256  1.00 12.41 ? 68  VAL A C   1 
ATOM   381  O O   . VAL A 1 53  ? -0.773  -0.751  -3.024  1.00 11.57 ? 68  VAL A O   1 
ATOM   382  C CB  . VAL A 1 53  ? -2.901  -0.857  -5.420  1.00 13.42 ? 68  VAL A CB  1 
ATOM   383  C CG1 . VAL A 1 53  ? -3.633  -1.500  -6.618  1.00 15.63 ? 68  VAL A CG1 1 
ATOM   384  C CG2 . VAL A 1 53  ? -3.792  -0.821  -4.177  1.00 14.57 ? 68  VAL A CG2 1 
ATOM   385  N N   . CYS A 1 54  ? 0.257   -0.037  -4.898  1.00 10.80 ? 69  CYS A N   1 
ATOM   386  C CA  . CYS A 1 54  ? 1.300   0.679   -4.194  1.00 8.76  ? 69  CYS A CA  1 
ATOM   387  C C   . CYS A 1 54  ? 1.599   1.974   -4.928  1.00 7.78  ? 69  CYS A C   1 
ATOM   388  O O   . CYS A 1 54  ? 1.095   2.228   -6.018  1.00 9.32  ? 69  CYS A O   1 
ATOM   389  C CB  . CYS A 1 54  ? 2.580   -0.156  -4.091  1.00 13.10 ? 69  CYS A CB  1 
ATOM   390  S SG  . CYS A 1 54  ? 2.441   -1.640  -3.063  1.00 20.82 ? 69  CYS A SG  1 
ATOM   391  N N   . ILE A 1 55  ? 2.438   2.782   -4.298  1.00 6.41  ? 70  ILE A N   1 
ATOM   392  C CA  . ILE A 1 55  ? 2.976   4.020   -4.854  1.00 6.94  ? 70  ILE A CA  1 
ATOM   393  C C   . ILE A 1 55  ? 4.421   3.749   -5.232  1.00 6.69  ? 70  ILE A C   1 
ATOM   394  O O   . ILE A 1 55  ? 5.202   3.323   -4.376  1.00 7.94  ? 70  ILE A O   1 
ATOM   395  C CB  . ILE A 1 55  ? 2.927   5.150   -3.816  1.00 6.13  ? 70  ILE A CB  1 
ATOM   396  C CG1 . ILE A 1 55  ? 1.491   5.379   -3.327  1.00 7.60  ? 70  ILE A CG1 1 
ATOM   397  C CG2 . ILE A 1 55  ? 3.547   6.439   -4.388  1.00 5.96  ? 70  ILE A CG2 1 
ATOM   398  C CD1 . ILE A 1 55  ? 1.481   6.218   -2.028  1.00 6.66  ? 70  ILE A CD1 1 
ATOM   399  N N   . VAL A 1 56  ? 4.802   4.039   -6.487  1.00 7.54  ? 71  VAL A N   1 
ATOM   400  C CA  . VAL A 1 56  ? 6.167   3.746   -6.936  1.00 7.38  ? 71  VAL A CA  1 
ATOM   401  C C   . VAL A 1 56  ? 7.048   4.982   -6.776  1.00 7.87  ? 71  VAL A C   1 
ATOM   402  O O   . VAL A 1 56  ? 6.639   6.112   -7.071  1.00 7.47  ? 71  VAL A O   1 
ATOM   403  C CB  . VAL A 1 56  ? 6.172   3.217   -8.387  1.00 8.24  ? 71  VAL A CB  1 
ATOM   404  C CG1 . VAL A 1 56  ? 5.660   4.291   -9.370  1.00 6.50  ? 71  VAL A CG1 1 
ATOM   405  C CG2 . VAL A 1 56  ? 7.583   2.751   -8.784  1.00 8.17  ? 71  VAL A CG2 1 
ATOM   406  N N   . LEU A 1 57  ? 8.265   4.763   -6.271  1.00 7.51  ? 72  LEU A N   1 
ATOM   407  C CA  . LEU A 1 57  ? 9.271   5.804   -6.131  1.00 7.80  ? 72  LEU A CA  1 
ATOM   408  C C   . LEU A 1 57  ? 10.574  5.300   -6.731  1.00 10.59 ? 72  LEU A C   1 
ATOM   409  O O   . LEU A 1 57  ? 10.767  4.094   -6.907  1.00 8.45  ? 72  LEU A O   1 
ATOM   410  C CB  . LEU A 1 57  ? 9.506   6.192   -4.662  1.00 7.29  ? 72  LEU A CB  1 
ATOM   411  C CG  . LEU A 1 57  ? 8.343   6.819   -3.894  1.00 13.34 ? 72  LEU A CG  1 
ATOM   412  C CD1 . LEU A 1 57  ? 8.747   6.996   -2.411  1.00 11.19 ? 72  LEU A CD1 1 
ATOM   413  C CD2 . LEU A 1 57  ? 7.992   8.155   -4.518  1.00 8.67  ? 72  LEU A CD2 1 
ATOM   414  N N   . SER A 1 58  ? 11.464  6.233   -7.055  1.00 8.00  ? 73  SER A N   1 
ATOM   415  C CA  . SER A 1 58  ? 12.748  5.851   -7.624  1.00 9.41  ? 73  SER A CA  1 
ATOM   416  C C   . SER A 1 58  ? 13.768  5.723   -6.504  1.00 12.46 ? 73  SER A C   1 
ATOM   417  O O   . SER A 1 58  ? 13.632  6.338   -5.446  1.00 12.13 ? 73  SER A O   1 
ATOM   418  C CB  . SER A 1 58  ? 13.224  6.875   -8.660  1.00 16.09 ? 73  SER A CB  1 
ATOM   419  O OG  . SER A 1 58  ? 13.561  8.092   -8.011  1.00 18.59 ? 73  SER A OG  1 
ATOM   420  N N   . ASP A 1 59  ? 14.795  4.911   -6.739  1.00 11.74 ? 74  ASP A N   1 
ATOM   421  C CA  . ASP A 1 59  ? 15.765  4.622   -5.686  1.00 12.01 ? 74  ASP A CA  1 
ATOM   422  C C   . ASP A 1 59  ? 17.126  4.440   -6.342  1.00 16.01 ? 74  ASP A C   1 
ATOM   423  O O   . ASP A 1 59  ? 17.280  3.570   -7.202  1.00 12.85 ? 74  ASP A O   1 
ATOM   424  C CB  . ASP A 1 59  ? 15.327  3.373   -4.915  1.00 11.41 ? 74  ASP A CB  1 
ATOM   425  C CG  . ASP A 1 59  ? 16.427  2.778   -4.059  1.00 17.94 ? 74  ASP A CG  1 
ATOM   426  O OD1 . ASP A 1 59  ? 17.376  3.488   -3.672  1.00 21.33 ? 74  ASP A OD1 1 
ATOM   427  O OD2 . ASP A 1 59  ? 16.331  1.567   -3.769  1.00 24.91 ? 74  ASP A OD2 1 
ATOM   428  N N   . ASP A 1 60  ? 18.110  5.247   -5.933  1.00 14.96 ? 75  ASP A N   1 
ATOM   429  C CA  . ASP A 1 60  ? 19.436  5.191   -6.535  1.00 15.07 ? 75  ASP A CA  1 
ATOM   430  C C   . ASP A 1 60  ? 20.281  4.019   -6.031  1.00 19.98 ? 75  ASP A C   1 
ATOM   431  O O   . ASP A 1 60  ? 21.403  3.834   -6.514  1.00 19.27 ? 75  ASP A O   1 
ATOM   432  C CB  . ASP A 1 60  ? 20.161  6.533   -6.318  1.00 18.96 ? 75  ASP A CB  1 
ATOM   433  C CG  . ASP A 1 60  ? 20.472  6.834   -4.843  1.00 28.30 ? 75  ASP A CG  1 
ATOM   434  O OD1 . ASP A 1 60  ? 20.071  6.073   -3.932  1.00 27.24 ? 75  ASP A OD1 1 
ATOM   435  O OD2 . ASP A 1 60  ? 21.119  7.875   -4.591  1.00 31.60 ? 75  ASP A OD2 1 
ATOM   436  N N   . THR A 1 61  ? 19.766  3.208   -5.108  1.00 16.20 ? 76  THR A N   1 
ATOM   437  C CA  . THR A 1 61  ? 20.437  1.994   -4.661  1.00 16.95 ? 76  THR A CA  1 
ATOM   438  C C   . THR A 1 61  ? 19.804  0.717   -5.202  1.00 18.47 ? 76  THR A C   1 
ATOM   439  O O   . THR A 1 61  ? 20.286  -0.379  -4.891  1.00 18.32 ? 76  THR A O   1 
ATOM   440  C CB  . THR A 1 61  ? 20.443  1.929   -3.127  1.00 19.18 ? 76  THR A CB  1 
ATOM   441  O OG1 . THR A 1 61  ? 19.104  1.729   -2.666  1.00 17.36 ? 76  THR A OG1 1 
ATOM   442  C CG2 . THR A 1 61  ? 20.967  3.231   -2.527  1.00 19.58 ? 76  THR A CG2 1 
ATOM   443  N N   . CYS A 1 62  ? 18.735  0.811   -5.988  1.00 13.43 ? 77  CYS A N   1 
ATOM   444  C CA  . CYS A 1 62  ? 17.991  -0.371  -6.407  1.00 14.53 ? 77  CYS A CA  1 
ATOM   445  C C   . CYS A 1 62  ? 18.577  -0.933  -7.702  1.00 16.37 ? 77  CYS A C   1 
ATOM   446  O O   . CYS A 1 62  ? 18.865  -0.181  -8.636  1.00 15.59 ? 77  CYS A O   1 
ATOM   447  C CB  . CYS A 1 62  ? 16.511  -0.011  -6.575  1.00 15.53 ? 77  CYS A CB  1 
ATOM   448  S SG  . CYS A 1 62  ? 15.381  -1.345  -6.984  1.00 16.84 ? 77  CYS A SG  1 
ATOM   449  N N   . SER A 1 63  ? 18.796  -2.248  -7.736  1.00 17.57 ? 78  SER A N   1 
ATOM   450  C CA  . SER A 1 63  ? 19.210  -2.906  -8.971  1.00 20.91 ? 78  SER A CA  1 
ATOM   451  C C   . SER A 1 63  ? 18.113  -2.796  -10.025 1.00 13.25 ? 78  SER A C   1 
ATOM   452  O O   . SER A 1 63  ? 16.925  -2.816  -9.709  1.00 12.84 ? 78  SER A O   1 
ATOM   453  C CB  . SER A 1 63  ? 19.525  -4.382  -8.712  1.00 18.39 ? 78  SER A CB  1 
ATOM   454  O OG  . SER A 1 63  ? 20.492  -4.495  -7.682  1.00 29.05 ? 78  SER A OG  1 
ATOM   455  N N   . ASP A 1 64  ? 18.527  -2.707  -11.296 1.00 17.23 ? 79  ASP A N   1 
ATOM   456  C CA  . ASP A 1 64  ? 17.570  -2.431  -12.365 1.00 15.93 ? 79  ASP A CA  1 
ATOM   457  C C   . ASP A 1 64  ? 16.465  -3.476  -12.424 1.00 16.27 ? 79  ASP A C   1 
ATOM   458  O O   . ASP A 1 64  ? 15.300  -3.137  -12.653 1.00 15.49 ? 79  ASP A O   1 
ATOM   459  C CB  . ASP A 1 64  ? 18.280  -2.350  -13.716 1.00 19.42 ? 79  ASP A CB  1 
ATOM   460  C CG  . ASP A 1 64  ? 19.012  -1.042  -13.914 1.00 28.08 ? 79  ASP A CG  1 
ATOM   461  O OD1 . ASP A 1 64  ? 18.649  -0.033  -13.261 1.00 19.64 ? 79  ASP A OD1 1 
ATOM   462  O OD2 . ASP A 1 64  ? 19.959  -1.018  -14.730 1.00 25.41 ? 79  ASP A OD2 1 
ATOM   463  N N   . GLU A 1 65  ? 16.800  -4.754  -12.235 1.00 13.85 ? 80  GLU A N   1 
ATOM   464  C CA  . GLU A 1 65  ? 15.800  -5.799  -12.386 1.00 14.14 ? 80  GLU A CA  1 
ATOM   465  C C   . GLU A 1 65  ? 15.159  -6.198  -11.056 1.00 13.35 ? 80  GLU A C   1 
ATOM   466  O O   . GLU A 1 65  ? 14.534  -7.259  -10.968 1.00 13.43 ? 80  GLU A O   1 
ATOM   467  C CB  . GLU A 1 65  ? 16.407  -7.019  -13.085 1.00 17.12 ? 80  GLU A CB  1 
ATOM   468  C CG  . GLU A 1 65  ? 17.021  -6.680  -14.458 1.00 19.75 ? 80  GLU A CG  1 
ATOM   469  C CD  . GLU A 1 65  ? 16.011  -6.081  -15.452 1.00 22.38 ? 80  GLU A CD  1 
ATOM   470  O OE1 . GLU A 1 65  ? 16.270  -4.978  -15.986 1.00 24.93 ? 80  GLU A OE1 1 
ATOM   471  O OE2 . GLU A 1 65  ? 14.960  -6.714  -15.711 1.00 25.55 ? 80  GLU A OE2 1 
ATOM   472  N N   . LYS A 1 66  ? 15.269  -5.352  -10.030 1.00 11.49 ? 81  LYS A N   1 
ATOM   473  C CA  . LYS A 1 66  ? 14.684  -5.638  -8.730  1.00 10.75 ? 81  LYS A CA  1 
ATOM   474  C C   . LYS A 1 66  ? 13.651  -4.570  -8.377  1.00 10.50 ? 81  LYS A C   1 
ATOM   475  O O   . LYS A 1 66  ? 13.664  -3.455  -8.914  1.00 10.65 ? 81  LYS A O   1 
ATOM   476  C CB  . LYS A 1 66  ? 15.764  -5.710  -7.638  1.00 10.16 ? 81  LYS A CB  1 
ATOM   477  C CG  . LYS A 1 66  ? 16.745  -6.870  -7.838  1.00 12.95 ? 81  LYS A CG  1 
ATOM   478  C CD  . LYS A 1 66  ? 17.558  -7.134  -6.589  1.00 17.90 ? 81  LYS A CD  1 
ATOM   479  C CE  . LYS A 1 66  ? 18.601  -8.215  -6.820  1.00 24.39 ? 81  LYS A CE  1 
ATOM   480  N NZ  . LYS A 1 66  ? 19.556  -8.231  -5.688  1.00 26.77 ? 81  LYS A NZ  1 
ATOM   481  N N   . ILE A 1 67  ? 12.748  -4.929  -7.469  1.00 9.52  ? 82  ILE A N   1 
ATOM   482  C CA  . ILE A 1 67  ? 11.773  -3.993  -6.916  1.00 8.01  ? 82  ILE A CA  1 
ATOM   483  C C   . ILE A 1 67  ? 11.816  -4.119  -5.394  1.00 9.44  ? 82  ILE A C   1 
ATOM   484  O O   . ILE A 1 67  ? 11.728  -5.229  -4.858  1.00 9.16  ? 82  ILE A O   1 
ATOM   485  C CB  . ILE A 1 67  ? 10.357  -4.268  -7.460  1.00 9.52  ? 82  ILE A CB  1 
ATOM   486  C CG1 . ILE A 1 67  ? 9.323   -3.342  -6.818  1.00 8.71  ? 82  ILE A CG1 1 
ATOM   487  C CG2 . ILE A 1 67  ? 9.961   -5.750  -7.270  1.00 8.45  ? 82  ILE A CG2 1 
ATOM   488  C CD1 . ILE A 1 67  ? 7.927   -3.486  -7.417  1.00 11.01 ? 82  ILE A CD1 1 
ATOM   489  N N   . ARG A 1 68  ? 11.970  -2.992  -4.696  1.00 8.25  ? 83  ARG A N   1 
ATOM   490  C CA  . ARG A 1 68  ? 12.013  -3.002  -3.232  1.00 7.28  ? 83  ARG A CA  1 
ATOM   491  C C   . ARG A 1 68  ? 10.602  -2.855  -2.672  1.00 9.61  ? 83  ARG A C   1 
ATOM   492  O O   . ARG A 1 68  ? 9.846   -1.988  -3.119  1.00 6.59  ? 83  ARG A O   1 
ATOM   493  C CB  . ARG A 1 68  ? 12.880  -1.855  -2.707  1.00 9.85  ? 83  ARG A CB  1 
ATOM   494  C CG  . ARG A 1 68  ? 14.337  -1.900  -3.100  1.00 11.86 ? 83  ARG A CG  1 
ATOM   495  C CD  . ARG A 1 68  ? 15.102  -0.929  -2.206  1.00 13.77 ? 83  ARG A CD  1 
ATOM   496  N NE  . ARG A 1 68  ? 16.544  -0.869  -2.442  1.00 16.16 ? 83  ARG A NE  1 
ATOM   497  C CZ  . ARG A 1 68  ? 17.422  -1.653  -1.827  1.00 16.61 ? 83  ARG A CZ  1 
ATOM   498  N NH1 . ARG A 1 68  ? 17.006  -2.581  -0.974  1.00 14.66 ? 83  ARG A NH1 1 
ATOM   499  N NH2 . ARG A 1 68  ? 18.713  -1.513  -2.071  1.00 18.88 ? 83  ARG A NH2 1 
ATOM   500  N N   . MET A 1 69  ? 10.252  -3.689  -1.693  1.00 9.33  ? 84  MET A N   1 
ATOM   501  C CA  . MET A 1 69  ? 8.954   -3.597  -1.039  1.00 8.76  ? 84  MET A CA  1 
ATOM   502  C C   . MET A 1 69  ? 9.103   -4.117  0.385   1.00 10.13 ? 84  MET A C   1 
ATOM   503  O O   . MET A 1 69  ? 9.935   -4.991  0.645   1.00 9.74  ? 84  MET A O   1 
ATOM   504  C CB  . MET A 1 69  ? 7.884   -4.403  -1.787  1.00 10.44 ? 84  MET A CB  1 
ATOM   505  C CG  . MET A 1 69  ? 8.211   -5.881  -1.851  1.00 13.37 ? 84  MET A CG  1 
ATOM   506  S SD  . MET A 1 69  ? 7.025   -6.803  -2.837  1.00 15.01 ? 84  MET A SD  1 
ATOM   507  C CE  . MET A 1 69  ? 7.315   -6.030  -4.416  1.00 18.08 ? 84  MET A CE  1 
ATOM   508  N N   . ASN A 1 70  ? 8.273   -3.604  1.302   1.00 8.03  ? 85  ASN A N   1 
ATOM   509  C CA  . ASN A 1 70  ? 8.432   -4.022  2.690   1.00 11.47 ? 85  ASN A CA  1 
ATOM   510  C C   . ASN A 1 70  ? 7.701   -5.340  2.959   1.00 11.68 ? 85  ASN A C   1 
ATOM   511  O O   . ASN A 1 70  ? 7.031   -5.910  2.098   1.00 9.36  ? 85  ASN A O   1 
ATOM   512  C CB  . ASN A 1 70  ? 8.013   -2.904  3.655   1.00 10.12 ? 85  ASN A CB  1 
ATOM   513  C CG  . ASN A 1 70  ? 6.521   -2.846  3.946   1.00 12.56 ? 85  ASN A CG  1 
ATOM   514  O OD1 . ASN A 1 70  ? 5.681   -3.449  3.263   1.00 9.92  ? 85  ASN A OD1 1 
ATOM   515  N ND2 . ASN A 1 70  ? 6.178   -2.067  4.981   1.00 11.63 ? 85  ASN A ND2 1 
ATOM   516  N N   . ARG A 1 71  ? 7.854   -5.844  4.184   1.00 10.20 ? 86  ARG A N   1 
ATOM   517  C CA  . ARG A 1 71  ? 7.360   -7.179  4.503   1.00 12.92 ? 86  ARG A CA  1 
ATOM   518  C C   . ARG A 1 71  ? 5.843   -7.255  4.449   1.00 12.94 ? 86  ARG A C   1 
ATOM   519  O O   . ARG A 1 71  ? 5.284   -8.313  4.123   1.00 13.88 ? 86  ARG A O   1 
ATOM   520  C CB  . ARG A 1 71  ? 7.857   -7.588  5.891   1.00 17.83 ? 86  ARG A CB  1 
ATOM   521  C CG  . ARG A 1 71  ? 7.850   -9.079  6.145   1.00 24.83 ? 86  ARG A CG  1 
ATOM   522  C CD  . ARG A 1 71  ? 8.863   -9.397  7.246   1.00 34.82 ? 86  ARG A CD  1 
ATOM   523  N NE  . ARG A 1 71  ? 8.344   -8.895  8.512   1.00 45.26 ? 86  ARG A NE  1 
ATOM   524  C CZ  . ARG A 1 71  ? 7.392   -9.497  9.227   1.00 44.10 ? 86  ARG A CZ  1 
ATOM   525  N NH1 . ARG A 1 71  ? 6.861   -10.646 8.820   1.00 50.04 ? 86  ARG A NH1 1 
ATOM   526  N NH2 . ARG A 1 71  ? 6.962   -8.950  10.356  1.00 45.92 ? 86  ARG A NH2 1 
ATOM   527  N N   . VAL A 1 72  ? 5.160   -6.160  4.795   1.00 10.88 ? 87  VAL A N   1 
ATOM   528  C CA  . VAL A 1 72  ? 3.706   -6.130  4.696   1.00 10.35 ? 87  VAL A CA  1 
ATOM   529  C C   . VAL A 1 72  ? 3.266   -6.384  3.262   1.00 12.12 ? 87  VAL A C   1 
ATOM   530  O O   . VAL A 1 72  ? 2.344   -7.172  3.006   1.00 11.76 ? 87  VAL A O   1 
ATOM   531  C CB  . VAL A 1 72  ? 3.163   -4.784  5.219   1.00 13.20 ? 87  VAL A CB  1 
ATOM   532  C CG1 . VAL A 1 72  ? 1.682   -4.625  4.865   1.00 11.04 ? 87  VAL A CG1 1 
ATOM   533  C CG2 . VAL A 1 72  ? 3.380   -4.690  6.725   1.00 14.43 ? 87  VAL A CG2 1 
ATOM   534  N N   . VAL A 1 73  ? 3.908   -5.719  2.301   1.00 10.82 ? 88  VAL A N   1 
ATOM   535  C CA  . VAL A 1 73  ? 3.507   -5.917  0.913   1.00 9.10  ? 88  VAL A CA  1 
ATOM   536  C C   . VAL A 1 73  ? 3.860   -7.324  0.452   1.00 10.50 ? 88  VAL A C   1 
ATOM   537  O O   . VAL A 1 73  ? 3.074   -7.973  -0.244  1.00 12.17 ? 88  VAL A O   1 
ATOM   538  C CB  . VAL A 1 73  ? 4.137   -4.850  0.006   1.00 11.42 ? 88  VAL A CB  1 
ATOM   539  C CG1 . VAL A 1 73  ? 3.860   -5.191  -1.454  1.00 11.41 ? 88  VAL A CG1 1 
ATOM   540  C CG2 . VAL A 1 73  ? 3.538   -3.479  0.331   1.00 13.25 ? 88  VAL A CG2 1 
ATOM   541  N N   . ARG A 1 74  ? 5.051   -7.806  0.818   1.00 10.58 ? 89  ARG A N   1 
ATOM   542  C CA  . ARG A 1 74  ? 5.450   -9.164  0.453   1.00 11.06 ? 89  ARG A CA  1 
ATOM   543  C C   . ARG A 1 74  ? 4.453   -10.191 0.980   1.00 14.17 ? 89  ARG A C   1 
ATOM   544  O O   . ARG A 1 74  ? 4.060   -11.113 0.256   1.00 12.94 ? 89  ARG A O   1 
ATOM   545  C CB  . ARG A 1 74  ? 6.853   -9.464  0.990   1.00 11.65 ? 89  ARG A CB  1 
ATOM   546  C CG  . ARG A 1 74  ? 7.946   -8.601  0.371   1.00 11.85 ? 89  ARG A CG  1 
ATOM   547  C CD  . ARG A 1 74  ? 9.337   -9.229  0.520   1.00 13.07 ? 89  ARG A CD  1 
ATOM   548  N NE  . ARG A 1 74  ? 9.799   -9.437  1.898   1.00 11.43 ? 89  ARG A NE  1 
ATOM   549  C CZ  . ARG A 1 74  ? 10.375  -8.501  2.650   1.00 16.14 ? 89  ARG A CZ  1 
ATOM   550  N NH1 . ARG A 1 74  ? 10.515  -7.269  2.180   1.00 11.12 ? 89  ARG A NH1 1 
ATOM   551  N NH2 . ARG A 1 74  ? 10.810  -8.795  3.876   1.00 13.16 ? 89  ARG A NH2 1 
ATOM   552  N N   . ASN A 1 75  ? 4.032   -10.045 2.241   1.00 14.71 ? 90  ASN A N   1 
ATOM   553  C CA  . ASN A 1 75  ? 3.049   -10.970 2.803   1.00 14.85 ? 90  ASN A CA  1 
ATOM   554  C C   . ASN A 1 75  ? 1.715   -10.877 2.070   1.00 15.42 ? 90  ASN A C   1 
ATOM   555  O O   . ASN A 1 75  ? 1.060   -11.900 1.850   1.00 16.89 ? 90  ASN A O   1 
ATOM   556  C CB  . ASN A 1 75  ? 2.848   -10.701 4.293   1.00 13.69 ? 90  ASN A CB  1 
ATOM   557  C CG  . ASN A 1 75  ? 4.042   -11.098 5.127   1.00 18.59 ? 90  ASN A CG  1 
ATOM   558  O OD1 . ASN A 1 75  ? 4.910   -11.846 4.684   1.00 20.38 ? 90  ASN A OD1 1 
ATOM   559  N ND2 . ASN A 1 75  ? 4.085   -10.600 6.356   1.00 20.95 ? 90  ASN A ND2 1 
ATOM   560  N N   . ASN A 1 76  ? 1.285   -9.665  1.689   1.00 12.93 ? 91  ASN A N   1 
ATOM   561  C CA  . ASN A 1 76  ? 0.052   -9.547  0.915   1.00 12.60 ? 91  ASN A CA  1 
ATOM   562  C C   . ASN A 1 76  ? 0.161   -10.247 -0.429  1.00 15.28 ? 91  ASN A C   1 
ATOM   563  O O   . ASN A 1 76  ? -0.844  -10.730 -0.953  1.00 14.70 ? 91  ASN A O   1 
ATOM   564  C CB  . ASN A 1 76  ? -0.322  -8.087  0.674   1.00 16.57 ? 91  ASN A CB  1 
ATOM   565  C CG  . ASN A 1 76  ? -1.095  -7.494  1.827   1.00 18.45 ? 91  ASN A CG  1 
ATOM   566  O OD1 . ASN A 1 76  ? -1.933  -8.165  2.423   1.00 20.31 ? 91  ASN A OD1 1 
ATOM   567  N ND2 . ASN A 1 76  ? -0.826  -6.234  2.143   1.00 17.26 ? 91  ASN A ND2 1 
ATOM   568  N N   . LEU A 1 77  ? 1.353   -10.271 -1.013  1.00 13.67 ? 92  LEU A N   1 
ATOM   569  C CA  . LEU A 1 77  ? 1.583   -10.905 -2.303  1.00 14.62 ? 92  LEU A CA  1 
ATOM   570  C C   . LEU A 1 77  ? 1.983   -12.368 -2.166  1.00 17.10 ? 92  LEU A C   1 
ATOM   571  O O   . LEU A 1 77  ? 2.154   -13.047 -3.185  1.00 17.45 ? 92  LEU A O   1 
ATOM   572  C CB  . LEU A 1 77  ? 2.670   -10.149 -3.075  1.00 9.95  ? 92  LEU A CB  1 
ATOM   573  C CG  . LEU A 1 77  ? 2.299   -8.731  -3.505  1.00 13.62 ? 92  LEU A CG  1 
ATOM   574  C CD1 . LEU A 1 77  ? 3.493   -8.055  -4.187  1.00 12.90 ? 92  LEU A CD1 1 
ATOM   575  C CD2 . LEU A 1 77  ? 1.071   -8.745  -4.428  1.00 13.18 ? 92  LEU A CD2 1 
ATOM   576  N N   . ARG A 1 78  ? 2.155   -12.851 -0.933  1.00 15.38 ? 93  ARG A N   1 
ATOM   577  C CA  . ARG A 1 78  ? 2.571   -14.230 -0.674  1.00 18.32 ? 93  ARG A CA  1 
ATOM   578  C C   . ARG A 1 78  ? 3.908   -14.551 -1.337  1.00 19.26 ? 93  ARG A C   1 
ATOM   579  O O   . ARG A 1 78  ? 4.086   -15.623 -1.919  1.00 18.80 ? 93  ARG A O   1 
ATOM   580  C CB  . ARG A 1 78  ? 1.495   -15.223 -1.124  1.00 19.92 ? 93  ARG A CB  1 
ATOM   581  C CG  . ARG A 1 78  ? 0.111   -14.949 -0.548  1.00 23.01 ? 93  ARG A CG  1 
ATOM   582  C CD  . ARG A 1 78  ? 0.064   -15.169 0.960   1.00 26.85 ? 93  ARG A CD  1 
ATOM   583  N NE  . ARG A 1 78  ? -1.321  -15.269 1.427   1.00 27.09 ? 93  ARG A NE  1 
ATOM   584  C CZ  . ARG A 1 78  ? -2.061  -14.238 1.821   1.00 30.63 ? 93  ARG A CZ  1 
ATOM   585  N NH1 . ARG A 1 78  ? -1.550  -13.013 1.823   1.00 22.43 ? 93  ARG A NH1 1 
ATOM   586  N NH2 . ARG A 1 78  ? -3.313  -14.431 2.219   1.00 29.66 ? 93  ARG A NH2 1 
ATOM   587  N N   . VAL A 1 79  ? 4.866   -13.625 -1.242  1.00 15.74 ? 94  VAL A N   1 
ATOM   588  C CA  . VAL A 1 79  ? 6.175   -13.815 -1.848  1.00 14.47 ? 94  VAL A CA  1 
ATOM   589  C C   . VAL A 1 79  ? 7.258   -13.623 -0.802  1.00 17.19 ? 94  VAL A C   1 
ATOM   590  O O   . VAL A 1 79  ? 7.044   -13.031 0.257   1.00 18.43 ? 94  VAL A O   1 
ATOM   591  C CB  . VAL A 1 79  ? 6.437   -12.866 -3.038  1.00 15.11 ? 94  VAL A CB  1 
ATOM   592  C CG1 . VAL A 1 79  ? 5.480   -13.156 -4.184  1.00 15.63 ? 94  VAL A CG1 1 
ATOM   593  C CG2 . VAL A 1 79  ? 6.354   -11.393 -2.579  1.00 14.83 ? 94  VAL A CG2 1 
ATOM   594  N N   . ARG A 1 80  ? 8.443   -14.131 -1.123  1.00 18.26 ? 95  ARG A N   1 
ATOM   595  C CA  . ARG A 1 80  ? 9.632   -13.947 -0.306  1.00 20.88 ? 95  ARG A CA  1 
ATOM   596  C C   . ARG A 1 80  ? 10.668  -13.167 -1.101  1.00 17.94 ? 95  ARG A C   1 
ATOM   597  O O   . ARG A 1 80  ? 10.558  -13.024 -2.322  1.00 19.42 ? 95  ARG A O   1 
ATOM   598  C CB  . ARG A 1 80  ? 10.220  -15.296 0.138   1.00 28.26 ? 95  ARG A CB  1 
ATOM   599  C CG  . ARG A 1 80  ? 9.245   -16.147 0.939   1.00 35.11 ? 95  ARG A CG  1 
ATOM   600  C CD  . ARG A 1 80  ? 9.958   -17.168 1.820   1.00 46.17 ? 95  ARG A CD  1 
ATOM   601  N NE  . ARG A 1 80  ? 10.783  -18.098 1.051   1.00 54.07 ? 95  ARG A NE  1 
ATOM   602  C CZ  . ARG A 1 80  ? 10.305  -19.092 0.306   1.00 59.79 ? 95  ARG A CZ  1 
ATOM   603  N NH1 . ARG A 1 80  ? 8.995   -19.292 0.213   1.00 59.33 ? 95  ARG A NH1 1 
ATOM   604  N NH2 . ARG A 1 80  ? 11.140  -19.887 -0.350  1.00 62.70 ? 95  ARG A NH2 1 
ATOM   605  N N   . LEU A 1 81  ? 11.674  -12.647 -0.400  1.00 14.97 ? 96  LEU A N   1 
ATOM   606  C CA  . LEU A 1 81  ? 12.797  -12.023 -1.085  1.00 14.19 ? 96  LEU A CA  1 
ATOM   607  C C   . LEU A 1 81  ? 13.368  -12.981 -2.124  1.00 20.73 ? 96  LEU A C   1 
ATOM   608  O O   . LEU A 1 81  ? 13.529  -14.175 -1.865  1.00 17.66 ? 96  LEU A O   1 
ATOM   609  C CB  . LEU A 1 81  ? 13.888  -11.622 -0.087  1.00 16.68 ? 96  LEU A CB  1 
ATOM   610  C CG  . LEU A 1 81  ? 13.467  -10.561 0.938   1.00 18.83 ? 96  LEU A CG  1 
ATOM   611  C CD1 . LEU A 1 81  ? 14.473  -10.420 2.083   1.00 21.34 ? 96  LEU A CD1 1 
ATOM   612  C CD2 . LEU A 1 81  ? 13.266  -9.231  0.250   1.00 13.28 ? 96  LEU A CD2 1 
ATOM   613  N N   . GLY A 1 82  ? 13.651  -12.452 -3.314  1.00 15.11 ? 97  GLY A N   1 
ATOM   614  C CA  . GLY A 1 82  ? 14.164  -13.251 -4.402  1.00 17.27 ? 97  GLY A CA  1 
ATOM   615  C C   . GLY A 1 82  ? 13.109  -13.816 -5.334  1.00 15.29 ? 97  GLY A C   1 
ATOM   616  O O   . GLY A 1 82  ? 13.452  -14.231 -6.449  1.00 15.62 ? 97  GLY A O   1 
ATOM   617  N N   . ASP A 1 83  ? 11.850  -13.865 -4.911  1.00 14.29 ? 98  ASP A N   1 
ATOM   618  C CA  . ASP A 1 83  ? 10.766  -14.242 -5.805  1.00 15.51 ? 98  ASP A CA  1 
ATOM   619  C C   . ASP A 1 83  ? 10.579  -13.180 -6.889  1.00 16.98 ? 98  ASP A C   1 
ATOM   620  O O   . ASP A 1 83  ? 11.080  -12.057 -6.791  1.00 14.06 ? 98  ASP A O   1 
ATOM   621  C CB  . ASP A 1 83  ? 9.456   -14.419 -5.031  1.00 17.49 ? 98  ASP A CB  1 
ATOM   622  C CG  . ASP A 1 83  ? 9.423   -15.707 -4.213  1.00 23.78 ? 98  ASP A CG  1 
ATOM   623  O OD1 . ASP A 1 83  ? 10.208  -16.623 -4.528  1.00 22.22 ? 98  ASP A OD1 1 
ATOM   624  O OD2 . ASP A 1 83  ? 8.594   -15.814 -3.283  1.00 21.29 ? 98  ASP A OD2 1 
ATOM   625  N N   . VAL A 1 84  ? 9.860   -13.549 -7.946  1.00 15.24 ? 99  VAL A N   1 
ATOM   626  C CA  . VAL A 1 84  ? 9.570   -12.634 -9.047  1.00 14.96 ? 99  VAL A CA  1 
ATOM   627  C C   . VAL A 1 84  ? 8.097   -12.257 -8.987  1.00 16.38 ? 99  VAL A C   1 
ATOM   628  O O   . VAL A 1 84  ? 7.235   -13.129 -8.850  1.00 16.89 ? 99  VAL A O   1 
ATOM   629  C CB  . VAL A 1 84  ? 9.925   -13.253 -10.410 1.00 17.33 ? 99  VAL A CB  1 
ATOM   630  C CG1 . VAL A 1 84  ? 9.425   -12.361 -11.529 1.00 17.56 ? 99  VAL A CG1 1 
ATOM   631  C CG2 . VAL A 1 84  ? 11.423  -13.450 -10.524 1.00 18.18 ? 99  VAL A CG2 1 
ATOM   632  N N   . ILE A 1 85  ? 7.806   -10.959 -9.075  1.00 11.53 ? 100 ILE A N   1 
ATOM   633  C CA  . ILE A 1 85  ? 6.444   -10.469 -9.165  1.00 11.74 ? 100 ILE A CA  1 
ATOM   634  C C   . ILE A 1 85  ? 6.343   -9.648  -10.446 1.00 10.88 ? 100 ILE A C   1 
ATOM   635  O O   . ILE A 1 85  ? 7.338   -9.402  -11.125 1.00 12.94 ? 100 ILE A O   1 
ATOM   636  C CB  . ILE A 1 85  ? 6.026   -9.632  -7.926  1.00 15.76 ? 100 ILE A CB  1 
ATOM   637  C CG1 . ILE A 1 85  ? 6.967   -8.436  -7.680  1.00 13.95 ? 100 ILE A CG1 1 
ATOM   638  C CG2 . ILE A 1 85  ? 5.997   -10.517 -6.673  1.00 12.36 ? 100 ILE A CG2 1 
ATOM   639  C CD1 . ILE A 1 85  ? 6.698   -7.184  -8.511  1.00 19.79 ? 100 ILE A CD1 1 
ATOM   640  N N   . SER A 1 86  ? 5.135   -9.201  -10.759 1.00 11.72 ? 101 SER A N   1 
ATOM   641  C CA  . SER A 1 86  ? 4.945   -8.304  -11.888 1.00 13.83 ? 101 SER A CA  1 
ATOM   642  C C   . SER A 1 86  ? 4.400   -6.969  -11.399 1.00 12.65 ? 101 SER A C   1 
ATOM   643  O O   . SER A 1 86  ? 3.665   -6.903  -10.410 1.00 12.44 ? 101 SER A O   1 
ATOM   644  C CB  . SER A 1 86  ? 3.998   -8.894  -12.947 1.00 17.28 ? 101 SER A CB  1 
ATOM   645  O OG  . SER A 1 86  ? 2.637   -8.809  -12.559 1.00 17.15 ? 101 SER A OG  1 
ATOM   646  N N   . ILE A 1 87  ? 4.771   -5.908  -12.111 1.00 11.59 ? 102 ILE A N   1 
ATOM   647  C CA  . ILE A 1 87  ? 4.313   -4.552  -11.832 1.00 11.88 ? 102 ILE A CA  1 
ATOM   648  C C   . ILE A 1 87  ? 3.732   -3.971  -13.116 1.00 13.19 ? 102 ILE A C   1 
ATOM   649  O O   . ILE A 1 87  ? 4.240   -4.234  -14.213 1.00 12.67 ? 102 ILE A O   1 
ATOM   650  C CB  . ILE A 1 87  ? 5.468   -3.672  -11.292 1.00 10.56 ? 102 ILE A CB  1 
ATOM   651  C CG1 . ILE A 1 87  ? 4.981   -2.280  -10.881 1.00 10.28 ? 102 ILE A CG1 1 
ATOM   652  C CG2 . ILE A 1 87  ? 6.600   -3.550  -12.321 1.00 11.39 ? 102 ILE A CG2 1 
ATOM   653  C CD1 . ILE A 1 87  ? 6.106   -1.416  -10.274 1.00 11.26 ? 102 ILE A CD1 1 
ATOM   654  N N   . GLN A 1 88  ? 2.660   -3.194  -12.981 1.00 11.80 ? 103 GLN A N   1 
ATOM   655  C CA  . GLN A 1 88  ? 2.071   -2.501  -14.116 1.00 12.18 ? 103 GLN A CA  1 
ATOM   656  C C   . GLN A 1 88  ? 1.464   -1.192  -13.634 1.00 12.57 ? 103 GLN A C   1 
ATOM   657  O O   . GLN A 1 88  ? 1.059   -1.090  -12.468 1.00 11.34 ? 103 GLN A O   1 
ATOM   658  C CB  . GLN A 1 88  ? 1.001   -3.363  -14.808 1.00 13.79 ? 103 GLN A CB  1 
ATOM   659  C CG  . GLN A 1 88  ? -0.198  -3.671  -13.932 1.00 15.65 ? 103 GLN A CG  1 
ATOM   660  C CD  . GLN A 1 88  ? -1.014  -4.833  -14.458 1.00 26.66 ? 103 GLN A CD  1 
ATOM   661  O OE1 . GLN A 1 88  ? -0.631  -5.992  -14.308 1.00 23.30 ? 103 GLN A OE1 1 
ATOM   662  N NE2 . GLN A 1 88  ? -2.150  -4.527  -15.070 1.00 27.57 ? 103 GLN A NE2 1 
ATOM   663  N N   . PRO A 1 89  ? 1.382   -0.180  -14.507 1.00 14.04 ? 104 PRO A N   1 
ATOM   664  C CA  . PRO A 1 89  ? 0.726   1.081   -14.124 1.00 14.08 ? 104 PRO A CA  1 
ATOM   665  C C   . PRO A 1 89  ? -0.742  0.855   -13.812 1.00 19.44 ? 104 PRO A C   1 
ATOM   666  O O   . PRO A 1 89  ? -1.410  0.037   -14.442 1.00 17.91 ? 104 PRO A O   1 
ATOM   667  C CB  . PRO A 1 89  ? 0.881   1.968   -15.371 1.00 19.32 ? 104 PRO A CB  1 
ATOM   668  C CG  . PRO A 1 89  ? 1.837   1.250   -16.283 1.00 20.06 ? 104 PRO A CG  1 
ATOM   669  C CD  . PRO A 1 89  ? 1.758   -0.205  -15.931 1.00 18.04 ? 104 PRO A CD  1 
ATOM   670  N N   . CYS A 1 90  ? -1.256  1.612   -12.846 1.00 15.80 ? 105 CYS A N   1 
ATOM   671  C CA  . CYS A 1 90  ? -2.668  1.540   -12.471 1.00 18.70 ? 105 CYS A CA  1 
ATOM   672  C C   . CYS A 1 90  ? -3.241  2.943   -12.360 1.00 22.29 ? 105 CYS A C   1 
ATOM   673  O O   . CYS A 1 90  ? -3.643  3.378   -11.279 1.00 24.03 ? 105 CYS A O   1 
ATOM   674  C CB  . CYS A 1 90  ? -2.839  0.777   -11.160 1.00 17.96 ? 105 CYS A CB  1 
ATOM   675  S SG  . CYS A 1 90  ? -4.417  -0.060  -11.112 1.00 41.67 ? 105 CYS A SG  1 
ATOM   676  N N   . PRO A 1 91  ? -3.287  3.690   -13.469 1.00 22.08 ? 106 PRO A N   1 
ATOM   677  C CA  . PRO A 1 91  ? -3.661  5.110   -13.387 1.00 26.54 ? 106 PRO A CA  1 
ATOM   678  C C   . PRO A 1 91  ? -5.153  5.367   -13.227 1.00 29.31 ? 106 PRO A C   1 
ATOM   679  O O   . PRO A 1 91  ? -5.533  6.503   -12.909 1.00 28.72 ? 106 PRO A O   1 
ATOM   680  C CB  . PRO A 1 91  ? -3.156  5.671   -14.722 1.00 27.63 ? 106 PRO A CB  1 
ATOM   681  C CG  . PRO A 1 91  ? -3.320  4.523   -15.668 1.00 29.67 ? 106 PRO A CG  1 
ATOM   682  C CD  . PRO A 1 91  ? -2.984  3.282   -14.852 1.00 25.13 ? 106 PRO A CD  1 
ATOM   683  N N   . ASP A 1 92  ? -6.005  4.370   -13.421 1.00 28.06 ? 107 ASP A N   1 
ATOM   684  C CA  . ASP A 1 92  ? -7.445  4.596   -13.401 1.00 34.37 ? 107 ASP A CA  1 
ATOM   685  C C   . ASP A 1 92  ? -8.084  4.380   -12.033 1.00 32.57 ? 107 ASP A C   1 
ATOM   686  O O   . ASP A 1 92  ? -9.314  4.458   -11.923 1.00 30.21 ? 107 ASP A O   1 
ATOM   687  C CB  . ASP A 1 92  ? -8.129  3.690   -14.427 1.00 39.15 ? 107 ASP A CB  1 
ATOM   688  C CG  . ASP A 1 92  ? -7.981  4.202   -15.849 1.00 50.48 ? 107 ASP A CG  1 
ATOM   689  O OD1 . ASP A 1 92  ? -8.308  3.435   -16.788 1.00 53.06 ? 107 ASP A OD1 1 
ATOM   690  O OD2 . ASP A 1 92  ? -7.538  5.365   -16.015 1.00 51.37 ? 107 ASP A OD2 1 
ATOM   691  N N   . VAL A 1 93  ? -7.295  4.115   -10.991 1.00 25.90 ? 108 VAL A N   1 
ATOM   692  C CA  . VAL A 1 93  ? -7.862  3.899   -9.664  1.00 25.85 ? 108 VAL A CA  1 
ATOM   693  C C   . VAL A 1 93  ? -8.503  5.187   -9.168  1.00 23.17 ? 108 VAL A C   1 
ATOM   694  O O   . VAL A 1 93  ? -7.905  6.267   -9.236  1.00 27.84 ? 108 VAL A O   1 
ATOM   695  C CB  . VAL A 1 93  ? -6.791  3.409   -8.680  1.00 24.50 ? 108 VAL A CB  1 
ATOM   696  C CG1 . VAL A 1 93  ? -7.407  3.215   -7.300  1.00 21.58 ? 108 VAL A CG1 1 
ATOM   697  C CG2 . VAL A 1 93  ? -6.203  2.114   -9.170  1.00 26.15 ? 108 VAL A CG2 1 
ATOM   698  N N   . LYS A 1 94  ? -9.718  5.069   -8.653  1.00 25.15 ? 109 LYS A N   1 
ATOM   699  C CA  . LYS A 1 94  ? -10.518 6.205   -8.230  1.00 23.40 ? 109 LYS A CA  1 
ATOM   700  C C   . LYS A 1 94  ? -10.395 6.424   -6.727  1.00 20.83 ? 109 LYS A C   1 
ATOM   701  O O   . LYS A 1 94  ? -10.069 5.509   -5.961  1.00 18.26 ? 109 LYS A O   1 
ATOM   702  C CB  . LYS A 1 94  ? -11.987 5.985   -8.600  1.00 26.69 ? 109 LYS A CB  1 
ATOM   703  C CG  . LYS A 1 94  ? -12.242 5.790   -10.082 1.00 33.40 ? 109 LYS A CG  1 
ATOM   704  C CD  . LYS A 1 94  ? -12.220 7.115   -10.822 1.00 37.63 ? 109 LYS A CD  1 
ATOM   705  C CE  . LYS A 1 94  ? -12.640 6.931   -12.277 1.00 44.51 ? 109 LYS A CE  1 
ATOM   706  N NZ  . LYS A 1 94  ? -11.588 6.243   -13.071 1.00 42.94 ? 109 LYS A NZ  1 
ATOM   707  N N   . TYR A 1 95  ? -10.660 7.659   -6.316  1.00 18.22 ? 110 TYR A N   1 
ATOM   708  C CA  . TYR A 1 95  ? -10.782 7.950   -4.896  1.00 19.40 ? 110 TYR A CA  1 
ATOM   709  C C   . TYR A 1 95  ? -11.917 7.132   -4.299  1.00 22.80 ? 110 TYR A C   1 
ATOM   710  O O   . TYR A 1 95  ? -12.976 6.960   -4.913  1.00 23.69 ? 110 TYR A O   1 
ATOM   711  C CB  . TYR A 1 95  ? -11.046 9.431   -4.658  1.00 19.16 ? 110 TYR A CB  1 
ATOM   712  C CG  . TYR A 1 95  ? -9.913  10.351  -5.024  1.00 24.14 ? 110 TYR A CG  1 
ATOM   713  C CD1 . TYR A 1 95  ? -8.670  9.850   -5.408  1.00 22.85 ? 110 TYR A CD1 1 
ATOM   714  C CD2 . TYR A 1 95  ? -10.076 11.727  -4.962  1.00 25.30 ? 110 TYR A CD2 1 
ATOM   715  C CE1 . TYR A 1 95  ? -7.639  10.702  -5.739  1.00 25.09 ? 110 TYR A CE1 1 
ATOM   716  C CE2 . TYR A 1 95  ? -9.052  12.581  -5.286  1.00 25.38 ? 110 TYR A CE2 1 
ATOM   717  C CZ  . TYR A 1 95  ? -7.832  12.058  -5.674  1.00 24.78 ? 110 TYR A CZ  1 
ATOM   718  O OH  . TYR A 1 95  ? -6.816  12.912  -6.007  1.00 27.96 ? 110 TYR A OH  1 
ATOM   719  N N   . GLY A 1 96  ? -11.698 6.625   -3.092  1.00 18.57 ? 111 GLY A N   1 
ATOM   720  C CA  . GLY A 1 96  ? -12.719 5.823   -2.444  1.00 18.97 ? 111 GLY A CA  1 
ATOM   721  C C   . GLY A 1 96  ? -13.835 6.695   -1.883  1.00 19.06 ? 111 GLY A C   1 
ATOM   722  O O   . GLY A 1 96  ? -13.600 7.771   -1.339  1.00 18.87 ? 111 GLY A O   1 
ATOM   723  N N   . LYS A 1 97  ? -15.071 6.215   -2.037  1.00 24.22 ? 112 LYS A N   1 
ATOM   724  C CA  . LYS A 1 97  ? -16.184 6.806   -1.299  1.00 26.24 ? 112 LYS A CA  1 
ATOM   725  C C   . LYS A 1 97  ? -16.110 6.421   0.173   1.00 19.13 ? 112 LYS A C   1 
ATOM   726  O O   . LYS A 1 97  ? -16.206 7.275   1.059   1.00 21.31 ? 112 LYS A O   1 
ATOM   727  C CB  . LYS A 1 97  ? -17.516 6.342   -1.893  1.00 25.93 ? 112 LYS A CB  1 
ATOM   728  C CG  . LYS A 1 97  ? -17.624 6.492   -3.394  1.00 29.74 ? 112 LYS A CG  1 
ATOM   729  C CD  . LYS A 1 97  ? -17.685 7.949   -3.786  1.00 36.17 ? 112 LYS A CD  1 
ATOM   730  C CE  . LYS A 1 97  ? -17.876 8.100   -5.282  1.00 45.28 ? 112 LYS A CE  1 
ATOM   731  N NZ  . LYS A 1 97  ? -16.897 9.064   -5.847  1.00 49.56 ? 112 LYS A NZ  1 
ATOM   732  N N   . ARG A 1 98  ? -15.965 5.126   0.441   1.00 24.65 ? 113 ARG A N   1 
ATOM   733  C CA  . ARG A 1 98  ? -15.931 4.577   1.785   1.00 28.21 ? 113 ARG A CA  1 
ATOM   734  C C   . ARG A 1 98  ? -15.057 3.338   1.757   1.00 22.83 ? 113 ARG A C   1 
ATOM   735  O O   . ARG A 1 98  ? -15.018 2.613   0.760   1.00 24.63 ? 113 ARG A O   1 
ATOM   736  C CB  . ARG A 1 98  ? -17.322 4.171   2.303   1.00 28.05 ? 113 ARG A CB  1 
ATOM   737  C CG  . ARG A 1 98  ? -18.486 5.031   1.838   1.00 40.27 ? 113 ARG A CG  1 
ATOM   738  C CD  . ARG A 1 98  ? -19.824 4.388   2.188   1.00 43.12 ? 113 ARG A CD  1 
ATOM   739  N NE  . ARG A 1 98  ? -19.893 2.989   1.761   1.00 50.51 ? 113 ARG A NE  1 
ATOM   740  C CZ  . ARG A 1 98  ? -20.278 2.588   0.551   1.00 51.40 ? 113 ARG A CZ  1 
ATOM   741  N NH1 . ARG A 1 98  ? -20.627 3.481   -0.370  1.00 47.51 ? 113 ARG A NH1 1 
ATOM   742  N NH2 . ARG A 1 98  ? -20.314 1.292   0.260   1.00 49.20 ? 113 ARG A NH2 1 
ATOM   743  N N   . ILE A 1 99  ? -14.368 3.087   2.866   1.00 19.24 ? 114 ILE A N   1 
ATOM   744  C CA  . ILE A 1 99  ? -13.681 1.822   3.059   1.00 18.62 ? 114 ILE A CA  1 
ATOM   745  C C   . ILE A 1 99  ? -14.046 1.302   4.440   1.00 17.22 ? 114 ILE A C   1 
ATOM   746  O O   . ILE A 1 99  ? -14.422 2.057   5.337   1.00 18.96 ? 114 ILE A O   1 
ATOM   747  C CB  . ILE A 1 99  ? -12.145 1.936   2.904   1.00 19.30 ? 114 ILE A CB  1 
ATOM   748  C CG1 . ILE A 1 99  ? -11.533 2.722   4.065   1.00 18.97 ? 114 ILE A CG1 1 
ATOM   749  C CG2 . ILE A 1 99  ? -11.790 2.578   1.569   1.00 20.38 ? 114 ILE A CG2 1 
ATOM   750  C CD1 . ILE A 1 99  ? -10.013 2.581   4.162   1.00 18.78 ? 114 ILE A CD1 1 
ATOM   751  N N   . HIS A 1 100 ? -13.934 -0.013  4.594   1.00 17.98 ? 115 HIS A N   1 
ATOM   752  C CA  . HIS A 1 100 ? -14.247 -0.700  5.837   1.00 19.54 ? 115 HIS A CA  1 
ATOM   753  C C   . HIS A 1 100 ? -13.053 -1.564  6.193   1.00 16.65 ? 115 HIS A C   1 
ATOM   754  O O   . HIS A 1 100 ? -12.660 -2.435  5.411   1.00 19.01 ? 115 HIS A O   1 
ATOM   755  C CB  . HIS A 1 100 ? -15.510 -1.556  5.690   1.00 23.60 ? 115 HIS A CB  1 
ATOM   756  C CG  . HIS A 1 100 ? -16.724 -0.772  5.298   1.00 29.79 ? 115 HIS A CG  1 
ATOM   757  N ND1 . HIS A 1 100 ? -17.723 -0.447  6.193   1.00 37.10 ? 115 HIS A ND1 1 
ATOM   758  C CD2 . HIS A 1 100 ? -17.086 -0.224  4.113   1.00 28.70 ? 115 HIS A CD2 1 
ATOM   759  C CE1 . HIS A 1 100 ? -18.653 0.259   5.572   1.00 31.27 ? 115 HIS A CE1 1 
ATOM   760  N NE2 . HIS A 1 100 ? -18.289 0.410   4.311   1.00 34.42 ? 115 HIS A NE2 1 
ATOM   761  N N   . VAL A 1 101 ? -12.471 -1.322  7.358   1.00 19.44 ? 116 VAL A N   1 
ATOM   762  C CA  . VAL A 1 101 ? -11.342 -2.110  7.819   1.00 18.77 ? 116 VAL A CA  1 
ATOM   763  C C   . VAL A 1 101 ? -11.685 -2.658  9.194   1.00 18.50 ? 116 VAL A C   1 
ATOM   764  O O   . VAL A 1 101 ? -12.492 -2.076  9.927   1.00 21.67 ? 116 VAL A O   1 
ATOM   765  C CB  . VAL A 1 101 ? -10.026 -1.294  7.859   1.00 18.19 ? 116 VAL A CB  1 
ATOM   766  C CG1 . VAL A 1 101 ? -9.743  -0.667  6.499   1.00 18.17 ? 116 VAL A CG1 1 
ATOM   767  C CG2 . VAL A 1 101 ? -10.091 -0.213  8.935   1.00 18.66 ? 116 VAL A CG2 1 
ATOM   768  N N   . LEU A 1 102 ? -11.062 -3.780  9.542   1.00 17.33 ? 117 LEU A N   1 
ATOM   769  C CA  . LEU A 1 102 ? -11.213 -4.392  10.854  1.00 16.48 ? 117 LEU A CA  1 
ATOM   770  C C   . LEU A 1 102 ? -9.853  -4.829  11.364  1.00 14.37 ? 117 LEU A C   1 
ATOM   771  O O   . LEU A 1 102 ? -9.005  -5.263  10.576  1.00 15.46 ? 117 LEU A O   1 
ATOM   772  C CB  . LEU A 1 102 ? -12.150 -5.609  10.814  1.00 18.91 ? 117 LEU A CB  1 
ATOM   773  C CG  . LEU A 1 102 ? -13.626 -5.325  10.584  1.00 24.07 ? 117 LEU A CG  1 
ATOM   774  C CD1 . LEU A 1 102 ? -14.395 -6.642  10.540  1.00 24.88 ? 117 LEU A CD1 1 
ATOM   775  C CD2 . LEU A 1 102 ? -14.162 -4.419  11.684  1.00 29.57 ? 117 LEU A CD2 1 
ATOM   776  N N   . PRO A 1 103 ? -9.612  -4.738  12.674  1.00 15.53 ? 118 PRO A N   1 
ATOM   777  C CA  . PRO A 1 103 ? -8.367  -5.265  13.229  1.00 16.15 ? 118 PRO A CA  1 
ATOM   778  C C   . PRO A 1 103 ? -8.376  -6.783  13.220  1.00 17.53 ? 118 PRO A C   1 
ATOM   779  O O   . PRO A 1 103 ? -9.426  -7.425  13.264  1.00 20.09 ? 118 PRO A O   1 
ATOM   780  C CB  . PRO A 1 103 ? -8.360  -4.728  14.662  1.00 16.19 ? 118 PRO A CB  1 
ATOM   781  C CG  . PRO A 1 103 ? -9.812  -4.658  15.008  1.00 18.56 ? 118 PRO A CG  1 
ATOM   782  C CD  . PRO A 1 103 ? -10.521 -4.242  13.726  1.00 18.04 ? 118 PRO A CD  1 
ATOM   783  N N   . ILE A 1 104 ? -7.183  -7.354  13.190  1.00 18.84 ? 119 ILE A N   1 
ATOM   784  C CA  . ILE A 1 104 ? -7.012  -8.800  13.292  1.00 22.14 ? 119 ILE A CA  1 
ATOM   785  C C   . ILE A 1 104 ? -6.926  -9.177  14.765  1.00 20.85 ? 119 ILE A C   1 
ATOM   786  O O   . ILE A 1 104 ? -6.115  -8.617  15.509  1.00 19.13 ? 119 ILE A O   1 
ATOM   787  C CB  . ILE A 1 104 ? -5.760  -9.266  12.531  1.00 22.09 ? 119 ILE A CB  1 
ATOM   788  C CG1 . ILE A 1 104 ? -5.896  -8.977  11.030  1.00 22.32 ? 119 ILE A CG1 1 
ATOM   789  C CG2 . ILE A 1 104 ? -5.505  -10.748 12.792  1.00 27.10 ? 119 ILE A CG2 1 
ATOM   790  C CD1 . ILE A 1 104 ? -7.027  -9.698  10.367  1.00 29.48 ? 119 ILE A CD1 1 
ATOM   791  N N   . ASP A 1 105 ? -7.725  -10.172 15.165  1.00 24.00 ? 120 ASP A N   1 
ATOM   792  C CA  . ASP A 1 105 ? -7.952  -10.468 16.580  1.00 26.05 ? 120 ASP A CA  1 
ATOM   793  C C   . ASP A 1 105 ? -6.658  -10.585 17.377  1.00 27.83 ? 120 ASP A C   1 
ATOM   794  O O   . ASP A 1 105 ? -6.535  -10.004 18.463  1.00 24.93 ? 120 ASP A O   1 
ATOM   795  C CB  . ASP A 1 105 ? -8.763  -11.760 16.721  1.00 36.38 ? 120 ASP A CB  1 
ATOM   796  C CG  . ASP A 1 105 ? -7.967  -13.003 16.313  1.00 43.68 ? 120 ASP A CG  1 
ATOM   797  O OD1 . ASP A 1 105 ? -8.151  -14.064 16.942  1.00 48.56 ? 120 ASP A OD1 1 
ATOM   798  O OD2 . ASP A 1 105 ? -7.157  -12.926 15.362  1.00 40.56 ? 120 ASP A OD2 1 
ATOM   799  N N   . ASP A 1 106 ? -5.678  -11.339 16.868  1.00 27.43 ? 121 ASP A N   1 
ATOM   800  C CA  . ASP A 1 106 ? -4.525  -11.635 17.705  1.00 27.61 ? 121 ASP A CA  1 
ATOM   801  C C   . ASP A 1 106 ? -3.519  -10.496 17.775  1.00 28.79 ? 121 ASP A C   1 
ATOM   802  O O   . ASP A 1 106 ? -2.494  -10.645 18.450  1.00 30.79 ? 121 ASP A O   1 
ATOM   803  C CB  . ASP A 1 106 ? -3.835  -12.931 17.249  1.00 36.04 ? 121 ASP A CB  1 
ATOM   804  C CG  . ASP A 1 106 ? -3.244  -12.841 15.855  1.00 40.70 ? 121 ASP A CG  1 
ATOM   805  O OD1 . ASP A 1 106 ? -3.460  -11.829 15.154  1.00 39.45 ? 121 ASP A OD1 1 
ATOM   806  O OD2 . ASP A 1 106 ? -2.554  -13.807 15.458  1.00 46.90 ? 121 ASP A OD2 1 
ATOM   807  N N   . THR A 1 107 ? -3.777  -9.365  17.113  1.00 24.24 ? 122 THR A N   1 
ATOM   808  C CA  . THR A 1 107 ? -2.923  -8.199  17.274  1.00 22.15 ? 122 THR A CA  1 
ATOM   809  C C   . THR A 1 107 ? -3.543  -7.118  18.159  1.00 20.31 ? 122 THR A C   1 
ATOM   810  O O   . THR A 1 107 ? -2.841  -6.168  18.519  1.00 22.25 ? 122 THR A O   1 
ATOM   811  C CB  . THR A 1 107 ? -2.559  -7.601  15.898  1.00 20.44 ? 122 THR A CB  1 
ATOM   812  O OG1 . THR A 1 107 ? -3.732  -7.048  15.279  1.00 20.61 ? 122 THR A OG1 1 
ATOM   813  C CG2 . THR A 1 107 ? -1.988  -8.684  14.988  1.00 22.86 ? 122 THR A CG2 1 
ATOM   814  N N   . VAL A 1 108 ? -4.820  -7.238  18.528  1.00 22.11 ? 123 VAL A N   1 
ATOM   815  C CA  . VAL A 1 108 ? -5.492  -6.256  19.377  1.00 25.75 ? 123 VAL A CA  1 
ATOM   816  C C   . VAL A 1 108 ? -5.828  -6.812  20.749  1.00 33.20 ? 123 VAL A C   1 
ATOM   817  O O   . VAL A 1 108 ? -6.620  -6.202  21.475  1.00 27.16 ? 123 VAL A O   1 
ATOM   818  C CB  . VAL A 1 108 ? -6.771  -5.702  18.728  1.00 28.68 ? 123 VAL A CB  1 
ATOM   819  C CG1 . VAL A 1 108 ? -6.438  -4.707  17.678  1.00 25.57 ? 123 VAL A CG1 1 
ATOM   820  C CG2 . VAL A 1 108 ? -7.657  -6.827  18.185  1.00 24.76 ? 123 VAL A CG2 1 
ATOM   821  N N   . GLU A 1 109 ? -5.266  -7.959  21.121  1.00 31.27 ? 124 GLU A N   1 
ATOM   822  C CA  . GLU A 1 109 ? -5.623  -8.586  22.386  1.00 34.81 ? 124 GLU A CA  1 
ATOM   823  C C   . GLU A 1 109 ? -5.389  -7.619  23.537  1.00 31.44 ? 124 GLU A C   1 
ATOM   824  O O   . GLU A 1 109 ? -4.262  -7.163  23.759  1.00 34.45 ? 124 GLU A O   1 
ATOM   825  C CB  . GLU A 1 109 ? -4.810  -9.865  22.584  1.00 35.39 ? 124 GLU A CB  1 
ATOM   826  C CG  . GLU A 1 109 ? -5.351  -11.052 21.809  1.00 45.54 ? 124 GLU A CG  1 
ATOM   827  C CD  . GLU A 1 109 ? -6.421  -11.806 22.571  1.00 56.85 ? 124 GLU A CD  1 
ATOM   828  O OE1 . GLU A 1 109 ? -6.185  -12.986 22.904  1.00 62.82 ? 124 GLU A OE1 1 
ATOM   829  O OE2 . GLU A 1 109 ? -7.493  -11.221 22.839  1.00 52.42 ? 124 GLU A OE2 1 
ATOM   830  N N   . GLY A 1 110 ? -6.470  -7.268  24.236  1.00 34.49 ? 125 GLY A N   1 
ATOM   831  C CA  . GLY A 1 110 ? -6.380  -6.403  25.394  1.00 30.08 ? 125 GLY A CA  1 
ATOM   832  C C   . GLY A 1 110 ? -6.186  -4.933  25.098  1.00 26.47 ? 125 GLY A C   1 
ATOM   833  O O   . GLY A 1 110 ? -6.053  -4.144  26.040  1.00 29.35 ? 125 GLY A O   1 
ATOM   834  N N   . ILE A 1 111 ? -6.158  -4.537  23.834  1.00 20.63 ? 126 ILE A N   1 
ATOM   835  C CA  . ILE A 1 111 ? -5.994  -3.133  23.484  1.00 23.93 ? 126 ILE A CA  1 
ATOM   836  C C   . ILE A 1 111 ? -7.329  -2.416  23.637  1.00 18.31 ? 126 ILE A C   1 
ATOM   837  O O   . ILE A 1 111 ? -8.342  -2.833  23.068  1.00 18.96 ? 126 ILE A O   1 
ATOM   838  C CB  . ILE A 1 111 ? -5.446  -2.994  22.056  1.00 24.14 ? 126 ILE A CB  1 
ATOM   839  C CG1 . ILE A 1 111 ? -3.959  -3.343  22.043  1.00 26.77 ? 126 ILE A CG1 1 
ATOM   840  C CG2 . ILE A 1 111 ? -5.672  -1.581  21.527  1.00 22.23 ? 126 ILE A CG2 1 
ATOM   841  C CD1 . ILE A 1 111 ? -3.292  -3.100  20.715  1.00 24.54 ? 126 ILE A CD1 1 
ATOM   842  N N   . THR A 1 112 ? -7.331  -1.334  24.399  1.00 16.44 ? 127 THR A N   1 
ATOM   843  C CA  . THR A 1 112 ? -8.507  -0.491  24.559  1.00 16.84 ? 127 THR A CA  1 
ATOM   844  C C   . THR A 1 112 ? -8.285  0.844   23.849  1.00 19.64 ? 127 THR A C   1 
ATOM   845  O O   . THR A 1 112 ? -7.182  1.156   23.395  1.00 19.13 ? 127 THR A O   1 
ATOM   846  C CB  . THR A 1 112 ? -8.823  -0.287  26.047  1.00 18.87 ? 127 THR A CB  1 
ATOM   847  O OG1 . THR A 1 112 ? -7.696  0.299   26.705  1.00 20.37 ? 127 THR A OG1 1 
ATOM   848  C CG2 . THR A 1 112 ? -9.161  -1.636  26.716  1.00 16.82 ? 127 THR A CG2 1 
ATOM   849  N N   . GLY A 1 113 ? -9.344  1.636   23.744  1.00 16.27 ? 128 GLY A N   1 
ATOM   850  C CA  . GLY A 1 113 ? -9.253  2.943   23.123  1.00 15.61 ? 128 GLY A CA  1 
ATOM   851  C C   . GLY A 1 113 ? -9.906  3.005   21.755  1.00 14.15 ? 128 GLY A C   1 
ATOM   852  O O   . GLY A 1 113 ? -10.674 2.133   21.353  1.00 14.90 ? 128 GLY A O   1 
ATOM   853  N N   . ASN A 1 114 ? -9.566  4.063   21.019  1.00 13.37 ? 129 ASN A N   1 
ATOM   854  C CA  . ASN A 1 114 ? -10.218 4.440   19.765  1.00 14.59 ? 129 ASN A CA  1 
ATOM   855  C C   . ASN A 1 114 ? -9.266  4.072   18.632  1.00 14.44 ? 129 ASN A C   1 
ATOM   856  O O   . ASN A 1 114 ? -8.298  4.796   18.377  1.00 16.08 ? 129 ASN A O   1 
ATOM   857  C CB  . ASN A 1 114 ? -10.540 5.940   19.779  1.00 14.14 ? 129 ASN A CB  1 
ATOM   858  C CG  . ASN A 1 114 ? -11.359 6.399   18.581  1.00 17.46 ? 129 ASN A CG  1 
ATOM   859  O OD1 . ASN A 1 114 ? -11.169 5.950   17.461  1.00 15.86 ? 129 ASN A OD1 1 
ATOM   860  N ND2 . ASN A 1 114 ? -12.273 7.331   18.823  1.00 21.86 ? 129 ASN A ND2 1 
ATOM   861  N N   . LEU A 1 115 ? -9.551  2.962   17.944  1.00 13.44 ? 130 LEU A N   1 
ATOM   862  C CA  . LEU A 1 115 ? -8.636  2.476   16.911  1.00 14.14 ? 130 LEU A CA  1 
ATOM   863  C C   . LEU A 1 115 ? -8.506  3.456   15.754  1.00 16.48 ? 130 LEU A C   1 
ATOM   864  O O   . LEU A 1 115 ? -7.421  3.572   15.166  1.00 14.65 ? 130 LEU A O   1 
ATOM   865  C CB  . LEU A 1 115 ? -9.096  1.120   16.380  1.00 14.55 ? 130 LEU A CB  1 
ATOM   866  C CG  . LEU A 1 115 ? -9.105  -0.034  17.382  1.00 14.08 ? 130 LEU A CG  1 
ATOM   867  C CD1 . LEU A 1 115 ? -9.546  -1.343  16.685  1.00 18.09 ? 130 LEU A CD1 1 
ATOM   868  C CD2 . LEU A 1 115 ? -7.754  -0.204  18.023  1.00 16.15 ? 130 LEU A CD2 1 
ATOM   869  N N   . PHE A 1 116 ? -9.593  4.152   15.393  1.00 14.12 ? 131 PHE A N   1 
ATOM   870  C CA  . PHE A 1 116 ? -9.487  5.143   14.326  1.00 15.23 ? 131 PHE A CA  1 
ATOM   871  C C   . PHE A 1 116 ? -8.549  6.279   14.716  1.00 14.68 ? 131 PHE A C   1 
ATOM   872  O O   . PHE A 1 116 ? -7.646  6.642   13.954  1.00 14.22 ? 131 PHE A O   1 
ATOM   873  C CB  . PHE A 1 116 ? -10.862 5.697   13.949  1.00 18.66 ? 131 PHE A CB  1 
ATOM   874  C CG  . PHE A 1 116 ? -10.789 6.785   12.912  1.00 16.65 ? 131 PHE A CG  1 
ATOM   875  C CD1 . PHE A 1 116 ? -10.596 6.467   11.580  1.00 17.27 ? 131 PHE A CD1 1 
ATOM   876  C CD2 . PHE A 1 116 ? -10.837 8.127   13.285  1.00 20.49 ? 131 PHE A CD2 1 
ATOM   877  C CE1 . PHE A 1 116 ? -10.502 7.477   10.615  1.00 20.04 ? 131 PHE A CE1 1 
ATOM   878  C CE2 . PHE A 1 116 ? -10.742 9.132   12.339  1.00 22.85 ? 131 PHE A CE2 1 
ATOM   879  C CZ  . PHE A 1 116 ? -10.575 8.807   11.001  1.00 22.54 ? 131 PHE A CZ  1 
ATOM   880  N N   . GLU A 1 117 ? -8.736  6.855   15.908  1.00 16.20 ? 132 GLU A N   1 
ATOM   881  C CA  . GLU A 1 117 ? -7.933  8.020   16.283  1.00 17.62 ? 132 GLU A CA  1 
ATOM   882  C C   . GLU A 1 117 ? -6.462  7.664   16.490  1.00 18.06 ? 132 GLU A C   1 
ATOM   883  O O   . GLU A 1 117 ? -5.573  8.434   16.102  1.00 16.02 ? 132 GLU A O   1 
ATOM   884  C CB  . GLU A 1 117 ? -8.494  8.671   17.546  1.00 20.60 ? 132 GLU A CB  1 
ATOM   885  C CG  . GLU A 1 117 ? -9.823  9.379   17.313  1.00 26.53 ? 132 GLU A CG  1 
ATOM   886  C CD  . GLU A 1 117 ? -9.697  10.606  16.412  1.00 32.65 ? 132 GLU A CD  1 
ATOM   887  O OE1 . GLU A 1 117 ? -8.653  11.298  16.473  1.00 33.04 ? 132 GLU A OE1 1 
ATOM   888  O OE2 . GLU A 1 117 ? -10.651 10.881  15.648  1.00 38.27 ? 132 GLU A OE2 1 
ATOM   889  N N   . VAL A 1 118 ? -6.183  6.523   17.122  1.00 12.72 ? 133 VAL A N   1 
ATOM   890  C CA  . VAL A 1 118 ? -4.809  6.186   17.490  1.00 12.88 ? 133 VAL A CA  1 
ATOM   891  C C   . VAL A 1 118 ? -4.053  5.570   16.309  1.00 13.74 ? 133 VAL A C   1 
ATOM   892  O O   . VAL A 1 118 ? -2.855  5.801   16.140  1.00 14.58 ? 133 VAL A O   1 
ATOM   893  C CB  . VAL A 1 118 ? -4.820  5.252   18.713  1.00 15.20 ? 133 VAL A CB  1 
ATOM   894  C CG1 . VAL A 1 118 ? -3.418  4.674   18.990  1.00 15.86 ? 133 VAL A CG1 1 
ATOM   895  C CG2 . VAL A 1 118 ? -5.350  6.000   19.944  1.00 18.78 ? 133 VAL A CG2 1 
ATOM   896  N N   . TYR A 1 119 ? -4.728  4.787   15.472  1.00 11.39 ? 134 TYR A N   1 
ATOM   897  C CA  . TYR A 1 119 ? -4.065  4.062   14.389  1.00 13.22 ? 134 TYR A CA  1 
ATOM   898  C C   . TYR A 1 119 ? -4.401  4.599   13.003  1.00 12.85 ? 134 TYR A C   1 
ATOM   899  O O   . TYR A 1 119 ? -3.514  5.071   12.282  1.00 12.65 ? 134 TYR A O   1 
ATOM   900  C CB  . TYR A 1 119 ? -4.426  2.569   14.480  1.00 11.88 ? 134 TYR A CB  1 
ATOM   901  C CG  . TYR A 1 119 ? -3.902  1.919   15.739  1.00 13.91 ? 134 TYR A CG  1 
ATOM   902  C CD1 . TYR A 1 119 ? -4.655  1.913   16.906  1.00 16.20 ? 134 TYR A CD1 1 
ATOM   903  C CD2 . TYR A 1 119 ? -2.651  1.312   15.762  1.00 15.82 ? 134 TYR A CD2 1 
ATOM   904  C CE1 . TYR A 1 119 ? -4.173  1.329   18.065  1.00 15.69 ? 134 TYR A CE1 1 
ATOM   905  C CE2 . TYR A 1 119 ? -2.163  0.720   16.919  1.00 16.58 ? 134 TYR A CE2 1 
ATOM   906  C CZ  . TYR A 1 119 ? -2.924  0.736   18.063  1.00 17.56 ? 134 TYR A CZ  1 
ATOM   907  O OH  . TYR A 1 119 ? -2.448  0.155   19.214  1.00 20.66 ? 134 TYR A OH  1 
ATOM   908  N N   . LEU A 1 120 ? -5.668  4.526   12.598  1.00 11.30 ? 135 LEU A N   1 
ATOM   909  C CA  . LEU A 1 120 ? -6.009  4.696   11.190  1.00 10.76 ? 135 LEU A CA  1 
ATOM   910  C C   . LEU A 1 120 ? -5.907  6.151   10.749  1.00 12.77 ? 135 LEU A C   1 
ATOM   911  O O   . LEU A 1 120 ? -5.466  6.433   9.628   1.00 11.79 ? 135 LEU A O   1 
ATOM   912  C CB  . LEU A 1 120 ? -7.420  4.170   10.929  1.00 9.81  ? 135 LEU A CB  1 
ATOM   913  C CG  . LEU A 1 120 ? -7.600  2.694   11.283  1.00 11.88 ? 135 LEU A CG  1 
ATOM   914  C CD1 . LEU A 1 120 ? -9.060  2.331   11.158  1.00 14.39 ? 135 LEU A CD1 1 
ATOM   915  C CD2 . LEU A 1 120 ? -6.737  1.830   10.355  1.00 13.18 ? 135 LEU A CD2 1 
ATOM   916  N N   . LYS A 1 121 ? -6.361  7.084   11.583  1.00 11.35 ? 136 LYS A N   1 
ATOM   917  C CA  . LYS A 1 121 ? -6.347  8.485   11.158  1.00 13.81 ? 136 LYS A CA  1 
ATOM   918  C C   . LYS A 1 121 ? -4.938  8.965   10.818  1.00 12.91 ? 136 LYS A C   1 
ATOM   919  O O   . LYS A 1 121 ? -4.743  9.486   9.705   1.00 14.40 ? 136 LYS A O   1 
ATOM   920  C CB  . LYS A 1 121 ? -7.009  9.362   12.227  1.00 16.58 ? 136 LYS A CB  1 
ATOM   921  C CG  . LYS A 1 121 ? -7.094  10.856  11.889  1.00 23.70 ? 136 LYS A CG  1 
ATOM   922  C CD  . LYS A 1 121 ? -7.566  11.643  13.130  1.00 27.77 ? 136 LYS A CD  1 
ATOM   923  C CE  . LYS A 1 121 ? -8.289  12.937  12.785  1.00 39.81 ? 136 LYS A CE  1 
ATOM   924  N NZ  . LYS A 1 121 ? -7.502  13.816  11.874  1.00 39.39 ? 136 LYS A NZ  1 
ATOM   925  N N   . PRO A 1 122 ? -3.925  8.808   11.675  1.00 15.68 ? 137 PRO A N   1 
ATOM   926  C CA  . PRO A 1 122 ? -2.583  9.257   11.266  1.00 14.27 ? 137 PRO A CA  1 
ATOM   927  C C   . PRO A 1 122 ? -1.986  8.423   10.149  1.00 15.14 ? 137 PRO A C   1 
ATOM   928  O O   . PRO A 1 122 ? -1.172  8.943   9.375   1.00 11.41 ? 137 PRO A O   1 
ATOM   929  C CB  . PRO A 1 122 ? -1.758  9.146   12.558  1.00 17.23 ? 137 PRO A CB  1 
ATOM   930  C CG  . PRO A 1 122 ? -2.526  8.257   13.450  1.00 17.16 ? 137 PRO A CG  1 
ATOM   931  C CD  . PRO A 1 122 ? -3.957  8.424   13.104  1.00 14.56 ? 137 PRO A CD  1 
ATOM   932  N N   . TYR A 1 123 ? -2.361  7.148   10.047  1.00 10.97 ? 138 TYR A N   1 
ATOM   933  C CA  . TYR A 1 123 ? -1.854  6.305   8.969   1.00 10.77 ? 138 TYR A CA  1 
ATOM   934  C C   . TYR A 1 123 ? -2.294  6.832   7.608   1.00 11.18 ? 138 TYR A C   1 
ATOM   935  O O   . TYR A 1 123 ? -1.482  6.950   6.686   1.00 10.67 ? 138 TYR A O   1 
ATOM   936  C CB  . TYR A 1 123 ? -2.338  4.874   9.176   1.00 10.05 ? 138 TYR A CB  1 
ATOM   937  C CG  . TYR A 1 123 ? -1.879  3.879   8.136   1.00 9.78  ? 138 TYR A CG  1 
ATOM   938  C CD1 . TYR A 1 123 ? -0.578  3.398   8.149   1.00 10.33 ? 138 TYR A CD1 1 
ATOM   939  C CD2 . TYR A 1 123 ? -2.759  3.383   7.177   1.00 9.09  ? 138 TYR A CD2 1 
ATOM   940  C CE1 . TYR A 1 123 ? -0.153  2.472   7.209   1.00 10.68 ? 138 TYR A CE1 1 
ATOM   941  C CE2 . TYR A 1 123 ? -2.338  2.441   6.224   1.00 10.52 ? 138 TYR A CE2 1 
ATOM   942  C CZ  . TYR A 1 123 ? -1.030  1.998   6.255   1.00 11.15 ? 138 TYR A CZ  1 
ATOM   943  O OH  . TYR A 1 123 ? -0.582  1.057   5.347   1.00 11.75 ? 138 TYR A OH  1 
ATOM   944  N N   . PHE A 1 124 ? -3.586  7.150   7.454   1.00 9.20  ? 139 PHE A N   1 
ATOM   945  C CA  . PHE A 1 124 ? -4.085  7.548   6.144   1.00 9.07  ? 139 PHE A CA  1 
ATOM   946  C C   . PHE A 1 124 ? -3.934  9.036   5.856   1.00 12.36 ? 139 PHE A C   1 
ATOM   947  O O   . PHE A 1 124 ? -4.044  9.427   4.690   1.00 11.71 ? 139 PHE A O   1 
ATOM   948  C CB  . PHE A 1 124 ? -5.559  7.155   5.988   1.00 9.05  ? 139 PHE A CB  1 
ATOM   949  C CG  . PHE A 1 124 ? -5.768  5.677   5.809   1.00 11.69 ? 139 PHE A CG  1 
ATOM   950  C CD1 . PHE A 1 124 ? -5.332  5.044   4.657   1.00 8.08  ? 139 PHE A CD1 1 
ATOM   951  C CD2 . PHE A 1 124 ? -6.381  4.919   6.800   1.00 11.73 ? 139 PHE A CD2 1 
ATOM   952  C CE1 . PHE A 1 124 ? -5.523  3.676   4.484   1.00 12.14 ? 139 PHE A CE1 1 
ATOM   953  C CE2 . PHE A 1 124 ? -6.565  3.551   6.639   1.00 14.13 ? 139 PHE A CE2 1 
ATOM   954  C CZ  . PHE A 1 124 ? -6.143  2.930   5.480   1.00 13.12 ? 139 PHE A CZ  1 
ATOM   955  N N   . LEU A 1 125 ? -3.662  9.850   6.874   1.00 11.71 ? 140 LEU A N   1 
ATOM   956  C CA  . LEU A 1 125 ? -3.778  11.307  6.777   1.00 14.84 ? 140 LEU A CA  1 
ATOM   957  C C   . LEU A 1 125 ? -2.925  11.879  5.645   1.00 17.13 ? 140 LEU A C   1 
ATOM   958  O O   . LEU A 1 125 ? -1.698  11.755  5.666   1.00 15.45 ? 140 LEU A O   1 
ATOM   959  C CB  . LEU A 1 125 ? -3.357  11.940  8.103   1.00 16.21 ? 140 LEU A CB  1 
ATOM   960  C CG  . LEU A 1 125 ? -3.447  13.475  8.129   1.00 21.99 ? 140 LEU A CG  1 
ATOM   961  C CD1 . LEU A 1 125 ? -4.893  13.924  8.031   1.00 16.19 ? 140 LEU A CD1 1 
ATOM   962  C CD2 . LEU A 1 125 ? -2.792  14.038  9.368   1.00 21.35 ? 140 LEU A CD2 1 
ATOM   963  N N   . GLU A 1 126 ? -3.589  12.532  4.685   1.00 15.12 ? 141 GLU A N   1 
ATOM   964  C CA  . GLU A 1 126 ? -2.954  13.255  3.571   1.00 17.59 ? 141 GLU A CA  1 
ATOM   965  C C   . GLU A 1 126 ? -1.975  12.387  2.785   1.00 18.35 ? 141 GLU A C   1 
ATOM   966  O O   . GLU A 1 126 ? -1.037  12.889  2.164   1.00 17.69 ? 141 GLU A O   1 
ATOM   967  C CB  . GLU A 1 126 ? -2.265  14.530  4.059   1.00 19.80 ? 141 GLU A CB  1 
ATOM   968  C CG  . GLU A 1 126 ? -3.254  15.612  4.491   1.00 22.08 ? 141 GLU A CG  1 
ATOM   969  C CD  . GLU A 1 126 ? -4.204  16.025  3.369   1.00 32.27 ? 141 GLU A CD  1 
ATOM   970  O OE1 . GLU A 1 126 ? -5.393  16.278  3.659   1.00 35.21 ? 141 GLU A OE1 1 
ATOM   971  O OE2 . GLU A 1 126 ? -3.770  16.108  2.197   1.00 33.99 ? 141 GLU A OE2 1 
ATOM   972  N N   . ALA A 1 127 ? -2.200  11.080  2.771   1.00 11.60 ? 142 ALA A N   1 
ATOM   973  C CA  . ALA A 1 127 ? -1.242  10.177  2.162   1.00 13.15 ? 142 ALA A CA  1 
ATOM   974  C C   . ALA A 1 127 ? -1.702  9.638   0.820   1.00 12.73 ? 142 ALA A C   1 
ATOM   975  O O   . ALA A 1 127 ? -0.865  9.130   0.056   1.00 10.48 ? 142 ALA A O   1 
ATOM   976  C CB  . ALA A 1 127 ? -0.956  9.009   3.116   1.00 10.82 ? 142 ALA A CB  1 
ATOM   977  N N   . TYR A 1 128 ? -3.001  9.718   0.527   1.00 10.96 ? 143 TYR A N   1 
ATOM   978  C CA  . TYR A 1 128 ? -3.581  9.153   -0.694  1.00 11.46 ? 143 TYR A CA  1 
ATOM   979  C C   . TYR A 1 128 ? -3.110  7.719   -0.928  1.00 11.03 ? 143 TYR A C   1 
ATOM   980  O O   . TYR A 1 128 ? -2.694  7.348   -2.028  1.00 9.98  ? 143 TYR A O   1 
ATOM   981  C CB  . TYR A 1 128 ? -3.255  10.020  -1.911  1.00 11.71 ? 143 TYR A CB  1 
ATOM   982  C CG  . TYR A 1 128 ? -3.946  11.359  -1.923  1.00 12.78 ? 143 TYR A CG  1 
ATOM   983  C CD1 . TYR A 1 128 ? -3.466  12.416  -1.162  1.00 14.67 ? 143 TYR A CD1 1 
ATOM   984  C CD2 . TYR A 1 128 ? -5.066  11.572  -2.712  1.00 16.90 ? 143 TYR A CD2 1 
ATOM   985  C CE1 . TYR A 1 128 ? -4.097  13.659  -1.182  1.00 17.42 ? 143 TYR A CE1 1 
ATOM   986  C CE2 . TYR A 1 128 ? -5.706  12.812  -2.735  1.00 18.53 ? 143 TYR A CE2 1 
ATOM   987  C CZ  . TYR A 1 128 ? -5.214  13.843  -1.970  1.00 20.96 ? 143 TYR A CZ  1 
ATOM   988  O OH  . TYR A 1 128 ? -5.842  15.071  -1.997  1.00 20.92 ? 143 TYR A OH  1 
ATOM   989  N N   . ARG A 1 129 ? -3.158  6.912   0.119   1.00 9.74  ? 144 ARG A N   1 
ATOM   990  C CA  . ARG A 1 129 ? -2.728  5.521   -0.016  1.00 8.82  ? 144 ARG A CA  1 
ATOM   991  C C   . ARG A 1 129 ? -3.663  4.752   -0.946  1.00 9.13  ? 144 ARG A C   1 
ATOM   992  O O   . ARG A 1 129 ? -4.882  4.811   -0.778  1.00 11.22 ? 144 ARG A O   1 
ATOM   993  C CB  . ARG A 1 129 ? -2.706  4.840   1.341   1.00 8.66  ? 144 ARG A CB  1 
ATOM   994  C CG  . ARG A 1 129 ? -1.706  5.427   2.329   1.00 8.74  ? 144 ARG A CG  1 
ATOM   995  C CD  . ARG A 1 129 ? -1.685  4.575   3.600   1.00 10.22 ? 144 ARG A CD  1 
ATOM   996  N NE  . ARG A 1 129 ? -0.792  5.149   4.589   1.00 8.10  ? 144 ARG A NE  1 
ATOM   997  C CZ  . ARG A 1 129 ? 0.501   4.879   4.673   1.00 10.28 ? 144 ARG A CZ  1 
ATOM   998  N NH1 . ARG A 1 129 ? 1.056   4.005   3.834   1.00 11.28 ? 144 ARG A NH1 1 
ATOM   999  N NH2 . ARG A 1 129 ? 1.222   5.456   5.616   1.00 10.29 ? 144 ARG A NH2 1 
ATOM   1000 N N   . PRO A 1 130 ? -3.136  4.005   -1.906  1.00 10.35 ? 145 PRO A N   1 
ATOM   1001 C CA  . PRO A 1 130 ? -3.983  3.073   -2.657  1.00 11.00 ? 145 PRO A CA  1 
ATOM   1002 C C   . PRO A 1 130 ? -4.156  1.801   -1.846  1.00 12.15 ? 145 PRO A C   1 
ATOM   1003 O O   . PRO A 1 130 ? -3.234  1.355   -1.162  1.00 11.45 ? 145 PRO A O   1 
ATOM   1004 C CB  . PRO A 1 130 ? -3.173  2.818   -3.932  1.00 12.33 ? 145 PRO A CB  1 
ATOM   1005 C CG  . PRO A 1 130 ? -1.725  2.984   -3.478  1.00 9.96  ? 145 PRO A CG  1 
ATOM   1006 C CD  . PRO A 1 130 ? -1.710  3.895   -2.271  1.00 9.06  ? 145 PRO A CD  1 
ATOM   1007 N N   . ILE A 1 131 ? -5.353  1.219   -1.887  1.00 12.25 ? 146 ILE A N   1 
ATOM   1008 C CA  . ILE A 1 131 ? -5.582  -0.016  -1.141  1.00 14.02 ? 146 ILE A CA  1 
ATOM   1009 C C   . ILE A 1 131 ? -6.430  -0.973  -1.968  1.00 14.28 ? 146 ILE A C   1 
ATOM   1010 O O   . ILE A 1 131 ? -7.129  -0.580  -2.905  1.00 13.80 ? 146 ILE A O   1 
ATOM   1011 C CB  . ILE A 1 131 ? -6.243  0.218   0.239   1.00 15.27 ? 146 ILE A CB  1 
ATOM   1012 C CG1 . ILE A 1 131 ? -7.644  0.800   0.079   1.00 17.01 ? 146 ILE A CG1 1 
ATOM   1013 C CG2 . ILE A 1 131 ? -5.368  1.090   1.147   1.00 20.14 ? 146 ILE A CG2 1 
ATOM   1014 C CD1 . ILE A 1 131 ? -8.417  0.812   1.392   1.00 20.60 ? 146 ILE A CD1 1 
ATOM   1015 N N   . ARG A 1 132 ? -6.339  -2.258  -1.621  1.00 16.81 ? 147 ARG A N   1 
ATOM   1016 C CA  . ARG A 1 132 ? -7.140  -3.291  -2.266  1.00 19.46 ? 147 ARG A CA  1 
ATOM   1017 C C   . ARG A 1 132 ? -7.949  -4.059  -1.227  1.00 17.09 ? 147 ARG A C   1 
ATOM   1018 O O   . ARG A 1 132 ? -7.455  -4.362  -0.135  1.00 15.06 ? 147 ARG A O   1 
ATOM   1019 C CB  . ARG A 1 132 ? -6.267  -4.275  -3.048  1.00 20.20 ? 147 ARG A CB  1 
ATOM   1020 C CG  . ARG A 1 132 ? -7.053  -5.149  -3.993  1.00 19.29 ? 147 ARG A CG  1 
ATOM   1021 C CD  . ARG A 1 132 ? -6.293  -6.389  -4.361  1.00 25.86 ? 147 ARG A CD  1 
ATOM   1022 N NE  . ARG A 1 132 ? -6.921  -7.056  -5.494  1.00 27.58 ? 147 ARG A NE  1 
ATOM   1023 C CZ  . ARG A 1 132 ? -8.042  -7.764  -5.411  1.00 30.17 ? 147 ARG A CZ  1 
ATOM   1024 N NH1 . ARG A 1 132 ? -8.667  -7.898  -4.241  1.00 30.24 ? 147 ARG A NH1 1 
ATOM   1025 N NH2 . ARG A 1 132 ? -8.547  -8.331  -6.497  1.00 30.02 ? 147 ARG A NH2 1 
ATOM   1026 N N   . LYS A 1 133 ? -9.188  -4.390  -1.583  1.00 18.22 ? 148 LYS A N   1 
ATOM   1027 C CA  . LYS A 1 133 ? -9.988  -5.284  -0.752  1.00 18.84 ? 148 LYS A CA  1 
ATOM   1028 C C   . LYS A 1 133 ? -9.192  -6.542  -0.441  1.00 15.79 ? 148 LYS A C   1 
ATOM   1029 O O   . LYS A 1 133 ? -8.564  -7.131  -1.325  1.00 20.17 ? 148 LYS A O   1 
ATOM   1030 C CB  . LYS A 1 133 ? -11.297 -5.619  -1.474  1.00 23.38 ? 148 LYS A CB  1 
ATOM   1031 C CG  . LYS A 1 133 ? -12.208 -6.614  -0.768  1.00 29.59 ? 148 LYS A CG  1 
ATOM   1032 C CD  . LYS A 1 133 ? -13.415 -6.922  -1.653  1.00 35.12 ? 148 LYS A CD  1 
ATOM   1033 C CE  . LYS A 1 133 ? -14.548 -7.569  -0.869  1.00 40.96 ? 148 LYS A CE  1 
ATOM   1034 N NZ  . LYS A 1 133 ? -14.263 -8.988  -0.536  1.00 45.83 ? 148 LYS A NZ  1 
ATOM   1035 N N   . GLY A 1 134 ? -9.160  -6.919  0.837   1.00 17.35 ? 149 GLY A N   1 
ATOM   1036 C CA  . GLY A 1 134 ? -8.402  -8.076  1.260   1.00 14.83 ? 149 GLY A CA  1 
ATOM   1037 C C   . GLY A 1 134 ? -6.995  -7.793  1.740   1.00 19.04 ? 149 GLY A C   1 
ATOM   1038 O O   . GLY A 1 134 ? -6.369  -8.692  2.318   1.00 18.67 ? 149 GLY A O   1 
ATOM   1039 N N   . ASP A 1 135 ? -6.473  -6.579  1.516   1.00 17.90 ? 150 ASP A N   1 
ATOM   1040 C CA  . ASP A 1 135 ? -5.170  -6.188  2.056   1.00 17.36 ? 150 ASP A CA  1 
ATOM   1041 C C   . ASP A 1 135 ? -5.140  -6.379  3.563   1.00 14.37 ? 150 ASP A C   1 
ATOM   1042 O O   . ASP A 1 135 ? -6.099  -6.042  4.253   1.00 16.50 ? 150 ASP A O   1 
ATOM   1043 C CB  . ASP A 1 135 ? -4.880  -4.704  1.794   1.00 18.31 ? 150 ASP A CB  1 
ATOM   1044 C CG  . ASP A 1 135 ? -4.422  -4.405  0.388   1.00 27.37 ? 150 ASP A CG  1 
ATOM   1045 O OD1 . ASP A 1 135 ? -4.152  -5.346  -0.396  1.00 30.42 ? 150 ASP A OD1 1 
ATOM   1046 O OD2 . ASP A 1 135 ? -4.301  -3.186  0.087   1.00 26.59 ? 150 ASP A OD2 1 
ATOM   1047 N N   . ILE A 1 136 ? -4.007  -6.844  4.078   1.00 13.36 ? 151 ILE A N   1 
ATOM   1048 C CA  . ILE A 1 136 ? -3.698  -6.779  5.504   1.00 15.62 ? 151 ILE A CA  1 
ATOM   1049 C C   . ILE A 1 136 ? -2.544  -5.803  5.672   1.00 15.96 ? 151 ILE A C   1 
ATOM   1050 O O   . ILE A 1 136 ? -1.514  -5.938  4.999   1.00 14.38 ? 151 ILE A O   1 
ATOM   1051 C CB  . ILE A 1 136 ? -3.342  -8.160  6.081   1.00 16.06 ? 151 ILE A CB  1 
ATOM   1052 C CG1 . ILE A 1 136 ? -4.583  -9.065  6.102   1.00 24.14 ? 151 ILE A CG1 1 
ATOM   1053 C CG2 . ILE A 1 136 ? -2.786  -8.024  7.495   1.00 21.99 ? 151 ILE A CG2 1 
ATOM   1054 C CD1 . ILE A 1 136 ? -4.301  -10.486 6.534   1.00 26.40 ? 151 ILE A CD1 1 
ATOM   1055 N N   . PHE A 1 137 ? -2.719  -4.801  6.537   1.00 14.02 ? 152 PHE A N   1 
ATOM   1056 C CA  . PHE A 1 137 ? -1.682  -3.792  6.726   1.00 15.01 ? 152 PHE A CA  1 
ATOM   1057 C C   . PHE A 1 137 ? -1.425  -3.564  8.211   1.00 15.09 ? 152 PHE A C   1 
ATOM   1058 O O   . PHE A 1 137 ? -2.343  -3.624  9.026   1.00 14.22 ? 152 PHE A O   1 
ATOM   1059 C CB  . PHE A 1 137 ? -2.029  -2.465  6.009   1.00 12.96 ? 152 PHE A CB  1 
ATOM   1060 C CG  . PHE A 1 137 ? -3.352  -1.834  6.413   1.00 15.85 ? 152 PHE A CG  1 
ATOM   1061 C CD1 . PHE A 1 137 ? -4.554  -2.319  5.920   1.00 17.12 ? 152 PHE A CD1 1 
ATOM   1062 C CD2 . PHE A 1 137 ? -3.377  -0.717  7.233   1.00 14.28 ? 152 PHE A CD2 1 
ATOM   1063 C CE1 . PHE A 1 137 ? -5.760  -1.730  6.271   1.00 16.79 ? 152 PHE A CE1 1 
ATOM   1064 C CE2 . PHE A 1 137 ? -4.579  -0.112  7.590   1.00 14.86 ? 152 PHE A CE2 1 
ATOM   1065 C CZ  . PHE A 1 137 ? -5.773  -0.614  7.105   1.00 16.49 ? 152 PHE A CZ  1 
ATOM   1066 N N   . LEU A 1 138 ? -0.161  -3.325  8.548   1.00 17.44 ? 153 LEU A N   1 
ATOM   1067 C CA  . LEU A 1 138 ? 0.289   -3.159  9.925   1.00 14.99 ? 153 LEU A CA  1 
ATOM   1068 C C   . LEU A 1 138 ? 0.408   -1.671  10.207  1.00 15.54 ? 153 LEU A C   1 
ATOM   1069 O O   . LEU A 1 138 ? 1.019   -0.939  9.420   1.00 13.40 ? 153 LEU A O   1 
ATOM   1070 C CB  . LEU A 1 138 ? 1.640   -3.840  10.144  1.00 14.68 ? 153 LEU A CB  1 
ATOM   1071 C CG  . LEU A 1 138 ? 2.250   -3.755  11.544  1.00 16.43 ? 153 LEU A CG  1 
ATOM   1072 C CD1 . LEU A 1 138 ? 1.475   -4.643  12.494  1.00 20.72 ? 153 LEU A CD1 1 
ATOM   1073 C CD2 . LEU A 1 138 ? 3.716   -4.159  11.519  1.00 23.06 ? 153 LEU A CD2 1 
ATOM   1074 N N   . VAL A 1 139 ? -0.178  -1.223  11.316  1.00 11.00 ? 154 VAL A N   1 
ATOM   1075 C CA  . VAL A 1 139 ? -0.177  0.184   11.688  1.00 10.51 ? 154 VAL A CA  1 
ATOM   1076 C C   . VAL A 1 139 ? 0.313   0.293   13.124  1.00 14.77 ? 154 VAL A C   1 
ATOM   1077 O O   . VAL A 1 139 ? -0.189  -0.409  14.009  1.00 13.44 ? 154 VAL A O   1 
ATOM   1078 C CB  . VAL A 1 139 ? -1.581  0.806   11.566  1.00 13.92 ? 154 VAL A CB  1 
ATOM   1079 C CG1 . VAL A 1 139 ? -1.551  2.301   11.925  1.00 11.34 ? 154 VAL A CG1 1 
ATOM   1080 C CG2 . VAL A 1 139 ? -2.149  0.580   10.178  1.00 13.26 ? 154 VAL A CG2 1 
ATOM   1081 N N   . ARG A 1 140 ? 1.268   1.175   13.367  1.00 11.58 ? 155 ARG A N   1 
ATOM   1082 C CA  . ARG A 1 140 ? 1.693   1.422   14.731  1.00 15.25 ? 155 ARG A CA  1 
ATOM   1083 C C   . ARG A 1 140 ? 0.971   2.637   15.294  1.00 19.56 ? 155 ARG A C   1 
ATOM   1084 O O   . ARG A 1 140 ? 0.770   3.639   14.601  1.00 17.64 ? 155 ARG A O   1 
ATOM   1085 C CB  . ARG A 1 140 ? 3.202   1.615   14.833  1.00 16.49 ? 155 ARG A CB  1 
ATOM   1086 C CG  . ARG A 1 140 ? 3.664   1.493   16.268  1.00 27.55 ? 155 ARG A CG  1 
ATOM   1087 C CD  . ARG A 1 140 ? 5.120   1.074   16.356  1.00 29.64 ? 155 ARG A CD  1 
ATOM   1088 N NE  . ARG A 1 140 ? 5.947   2.011   15.613  1.00 27.22 ? 155 ARG A NE  1 
ATOM   1089 C CZ  . ARG A 1 140 ? 7.268   1.935   15.532  1.00 23.32 ? 155 ARG A CZ  1 
ATOM   1090 N NH1 . ARG A 1 140 ? 7.931   2.841   14.826  1.00 18.49 ? 155 ARG A NH1 1 
ATOM   1091 N NH2 . ARG A 1 140 ? 7.912   0.946   16.142  1.00 18.41 ? 155 ARG A NH2 1 
ATOM   1092 N N   . GLY A 1 141 ? 0.570   2.527   16.550  1.00 17.13 ? 156 GLY A N   1 
ATOM   1093 C CA  . GLY A 1 141 ? -0.090  3.610   17.235  1.00 20.44 ? 156 GLY A CA  1 
ATOM   1094 C C   . GLY A 1 141 ? 0.303   3.537   18.688  1.00 30.54 ? 156 GLY A C   1 
ATOM   1095 O O   . GLY A 1 141 ? 0.181   2.476   19.310  1.00 29.09 ? 156 GLY A O   1 
ATOM   1096 N N   . GLY A 1 142 ? 0.768   4.653   19.234  1.00 36.89 ? 157 GLY A N   1 
ATOM   1097 C CA  . GLY A 1 142 ? 1.482   4.580   20.493  1.00 39.29 ? 157 GLY A CA  1 
ATOM   1098 C C   . GLY A 1 142 ? 2.718   3.733   20.274  1.00 39.46 ? 157 GLY A C   1 
ATOM   1099 O O   . GLY A 1 142 ? 3.509   3.963   19.348  1.00 39.94 ? 157 GLY A O   1 
ATOM   1100 N N   . MET A 1 143 ? 2.870   2.706   21.103  1.00 35.01 ? 158 MET A N   1 
ATOM   1101 C CA  . MET A 1 143 ? 3.957   1.755   20.928  1.00 38.00 ? 158 MET A CA  1 
ATOM   1102 C C   . MET A 1 143 ? 3.439   0.342   20.690  1.00 32.45 ? 158 MET A C   1 
ATOM   1103 O O   . MET A 1 143 ? 4.171   -0.628  20.907  1.00 34.66 ? 158 MET A O   1 
ATOM   1104 C CB  . MET A 1 143 ? 4.903   1.802   22.129  1.00 43.38 ? 158 MET A CB  1 
ATOM   1105 C CG  . MET A 1 143 ? 5.977   2.881   22.001  1.00 47.51 ? 158 MET A CG  1 
ATOM   1106 S SD  . MET A 1 143 ? 6.925   3.146   23.510  1.00 57.17 ? 158 MET A SD  1 
ATOM   1107 C CE  . MET A 1 143 ? 5.641   3.695   24.638  1.00 53.05 ? 158 MET A CE  1 
ATOM   1108 N N   . ARG A 1 144 ? 2.194   0.208   20.240  1.00 23.62 ? 159 ARG A N   1 
ATOM   1109 C CA  . ARG A 1 144 ? 1.650   -1.067  19.802  1.00 22.39 ? 159 ARG A CA  1 
ATOM   1110 C C   . ARG A 1 144 ? 1.463   -1.043  18.290  1.00 24.87 ? 159 ARG A C   1 
ATOM   1111 O O   . ARG A 1 144 ? 1.145   -0.005  17.703  1.00 26.88 ? 159 ARG A O   1 
ATOM   1112 C CB  . ARG A 1 144 ? 0.315   -1.378  20.490  1.00 27.16 ? 159 ARG A CB  1 
ATOM   1113 C CG  . ARG A 1 144 ? 0.427   -1.634  21.997  1.00 31.86 ? 159 ARG A CG  1 
ATOM   1114 C CD  . ARG A 1 144 ? 1.137   -2.958  22.307  1.00 30.60 ? 159 ARG A CD  1 
ATOM   1115 N NE  . ARG A 1 144 ? 0.482   -4.108  21.685  1.00 34.90 ? 159 ARG A NE  1 
ATOM   1116 C CZ  . ARG A 1 144 ? -0.492  -4.816  22.256  1.00 37.80 ? 159 ARG A CZ  1 
ATOM   1117 N NH1 . ARG A 1 144 ? -1.038  -5.848  21.618  1.00 34.43 ? 159 ARG A NH1 1 
ATOM   1118 N NH2 . ARG A 1 144 ? -0.927  -4.485  23.467  1.00 36.60 ? 159 ARG A NH2 1 
ATOM   1119 N N   . ALA A 1 145 ? 1.681   -2.193  17.664  1.00 20.31 ? 160 ALA A N   1 
ATOM   1120 C CA  . ALA A 1 145 ? 1.467   -2.359  16.234  1.00 20.36 ? 160 ALA A CA  1 
ATOM   1121 C C   . ALA A 1 145 ? 0.303   -3.319  16.045  1.00 20.86 ? 160 ALA A C   1 
ATOM   1122 O O   . ALA A 1 145 ? 0.327   -4.443  16.563  1.00 21.18 ? 160 ALA A O   1 
ATOM   1123 C CB  . ALA A 1 145 ? 2.732   -2.876  15.544  1.00 20.87 ? 160 ALA A CB  1 
ATOM   1124 N N   . VAL A 1 146 ? -0.713  -2.877  15.311  1.00 14.05 ? 161 VAL A N   1 
ATOM   1125 C CA  . VAL A 1 146 ? -1.936  -3.644  15.096  1.00 12.53 ? 161 VAL A CA  1 
ATOM   1126 C C   . VAL A 1 146 ? -2.102  -3.899  13.606  1.00 14.36 ? 161 VAL A C   1 
ATOM   1127 O O   . VAL A 1 146 ? -1.825  -3.013  12.791  1.00 14.43 ? 161 VAL A O   1 
ATOM   1128 C CB  . VAL A 1 146 ? -3.153  -2.879  15.653  1.00 15.25 ? 161 VAL A CB  1 
ATOM   1129 C CG1 . VAL A 1 146 ? -4.458  -3.497  15.187  1.00 14.58 ? 161 VAL A CG1 1 
ATOM   1130 C CG2 . VAL A 1 146 ? -3.078  -2.807  17.151  1.00 19.68 ? 161 VAL A CG2 1 
ATOM   1131 N N   . GLU A 1 147 ? -2.544  -5.107  13.246  1.00 14.48 ? 162 GLU A N   1 
ATOM   1132 C CA  . GLU A 1 147 ? -2.867  -5.423  11.855  1.00 15.03 ? 162 GLU A CA  1 
ATOM   1133 C C   . GLU A 1 147 ? -4.342  -5.182  11.576  1.00 16.97 ? 162 GLU A C   1 
ATOM   1134 O O   . GLU A 1 147 ? -5.206  -5.565  12.368  1.00 15.25 ? 162 GLU A O   1 
ATOM   1135 C CB  . GLU A 1 147 ? -2.532  -6.878  11.510  1.00 15.91 ? 162 GLU A CB  1 
ATOM   1136 C CG  . GLU A 1 147 ? -1.054  -7.165  11.346  1.00 21.19 ? 162 GLU A CG  1 
ATOM   1137 C CD  . GLU A 1 147 ? -0.783  -8.650  11.161  1.00 32.95 ? 162 GLU A CD  1 
ATOM   1138 O OE1 . GLU A 1 147 ? 0.120   -9.188  11.833  1.00 42.17 ? 162 GLU A OE1 1 
ATOM   1139 O OE2 . GLU A 1 147 ? -1.498  -9.285  10.359  1.00 34.72 ? 162 GLU A OE2 1 
ATOM   1140 N N   . PHE A 1 148 ? -4.620  -4.568  10.432  1.00 13.28 ? 163 PHE A N   1 
ATOM   1141 C CA  . PHE A 1 148 ? -5.973  -4.343  9.956   1.00 11.28 ? 163 PHE A CA  1 
ATOM   1142 C C   . PHE A 1 148 ? -6.156  -5.017  8.606   1.00 15.87 ? 163 PHE A C   1 
ATOM   1143 O O   . PHE A 1 148 ? -5.216  -5.117  7.812   1.00 17.82 ? 163 PHE A O   1 
ATOM   1144 C CB  . PHE A 1 148 ? -6.285  -2.853  9.802   1.00 12.89 ? 163 PHE A CB  1 
ATOM   1145 C CG  . PHE A 1 148 ? -6.265  -2.092  11.092  1.00 13.53 ? 163 PHE A CG  1 
ATOM   1146 C CD1 . PHE A 1 148 ? -5.070  -1.638  11.623  1.00 12.57 ? 163 PHE A CD1 1 
ATOM   1147 C CD2 . PHE A 1 148 ? -7.444  -1.828  11.769  1.00 12.18 ? 163 PHE A CD2 1 
ATOM   1148 C CE1 . PHE A 1 148 ? -5.048  -0.938  12.815  1.00 14.70 ? 163 PHE A CE1 1 
ATOM   1149 C CE2 . PHE A 1 148 ? -7.431  -1.126  12.964  1.00 12.58 ? 163 PHE A CE2 1 
ATOM   1150 C CZ  . PHE A 1 148 ? -6.239  -0.680  13.482  1.00 13.80 ? 163 PHE A CZ  1 
ATOM   1151 N N   . LYS A 1 149 ? -7.380  -5.453  8.341   1.00 14.96 ? 164 LYS A N   1 
ATOM   1152 C CA  . LYS A 1 149 ? -7.747  -6.015  7.054   1.00 16.07 ? 164 LYS A CA  1 
ATOM   1153 C C   . LYS A 1 149 ? -8.755  -5.104  6.369   1.00 18.73 ? 164 LYS A C   1 
ATOM   1154 O O   . LYS A 1 149 ? -9.696  -4.613  7.001   1.00 18.15 ? 164 LYS A O   1 
ATOM   1155 C CB  . LYS A 1 149 ? -8.329  -7.423  7.219   1.00 18.51 ? 164 LYS A CB  1 
ATOM   1156 C CG  . LYS A 1 149 ? -8.789  -8.064  5.916   1.00 24.21 ? 164 LYS A CG  1 
ATOM   1157 C CD  . LYS A 1 149 ? -8.991  -9.560  6.136   1.00 25.90 ? 164 LYS A CD  1 
ATOM   1158 C CE  . LYS A 1 149 ? -9.240  -10.306 4.847   1.00 33.08 ? 164 LYS A CE  1 
ATOM   1159 N NZ  . LYS A 1 149 ? -9.220  -11.776 5.085   1.00 45.09 ? 164 LYS A NZ  1 
ATOM   1160 N N   . VAL A 1 150 ? -8.542  -4.863  5.080   1.00 15.97 ? 165 VAL A N   1 
ATOM   1161 C CA  . VAL A 1 150 ? -9.512  -4.130  4.275   1.00 16.33 ? 165 VAL A CA  1 
ATOM   1162 C C   . VAL A 1 150 ? -10.615 -5.111  3.908   1.00 20.84 ? 165 VAL A C   1 
ATOM   1163 O O   . VAL A 1 150 ? -10.409 -6.001  3.078   1.00 19.12 ? 165 VAL A O   1 
ATOM   1164 C CB  . VAL A 1 150 ? -8.866  -3.530  3.021   1.00 18.06 ? 165 VAL A CB  1 
ATOM   1165 C CG1 . VAL A 1 150 ? -9.902  -2.779  2.217   1.00 15.27 ? 165 VAL A CG1 1 
ATOM   1166 C CG2 . VAL A 1 150 ? -7.687  -2.628  3.426   1.00 15.16 ? 165 VAL A CG2 1 
ATOM   1167 N N   . VAL A 1 151 ? -11.782 -4.962  4.535   1.00 21.61 ? 166 VAL A N   1 
ATOM   1168 C CA  . VAL A 1 151 ? -12.856 -5.915  4.299   1.00 21.94 ? 166 VAL A CA  1 
ATOM   1169 C C   . VAL A 1 151 ? -13.756 -5.477  3.146   1.00 24.77 ? 166 VAL A C   1 
ATOM   1170 O O   . VAL A 1 151 ? -14.266 -6.330  2.415   1.00 28.12 ? 166 VAL A O   1 
ATOM   1171 C CB  . VAL A 1 151 ? -13.664 -6.179  5.589   1.00 23.46 ? 166 VAL A CB  1 
ATOM   1172 C CG1 . VAL A 1 151 ? -12.751 -6.717  6.682   1.00 27.15 ? 166 VAL A CG1 1 
ATOM   1173 C CG2 . VAL A 1 151 ? -14.377 -4.935  6.058   1.00 28.52 ? 166 VAL A CG2 1 
ATOM   1174 N N   . GLU A 1 152 ? -13.938 -4.172  2.927   1.00 24.14 ? 167 GLU A N   1 
ATOM   1175 C CA  . GLU A 1 152 ? -14.627 -3.751  1.711   1.00 28.55 ? 167 GLU A CA  1 
ATOM   1176 C C   . GLU A 1 152 ? -14.237 -2.324  1.342   1.00 27.82 ? 167 GLU A C   1 
ATOM   1177 O O   . GLU A 1 152 ? -13.909 -1.504  2.205   1.00 23.66 ? 167 GLU A O   1 
ATOM   1178 C CB  . GLU A 1 152 ? -16.153 -3.864  1.847   1.00 34.21 ? 167 GLU A CB  1 
ATOM   1179 C CG  . GLU A 1 152 ? -16.912 -3.690  0.517   1.00 35.38 ? 167 GLU A CG  1 
ATOM   1180 C CD  . GLU A 1 152 ? -16.447 -4.655  -0.581  1.00 42.41 ? 167 GLU A CD  1 
ATOM   1181 O OE1 . GLU A 1 152 ? -15.466 -4.343  -1.308  1.00 32.19 ? 167 GLU A OE1 1 
ATOM   1182 O OE2 . GLU A 1 152 ? -17.075 -5.732  -0.719  1.00 47.92 ? 167 GLU A OE2 1 
ATOM   1183 N N   . THR A 1 153 ? -14.261 -2.049  0.040   1.00 27.17 ? 168 THR A N   1 
ATOM   1184 C CA  . THR A 1 153 ? -14.037 -0.714  -0.488  1.00 25.42 ? 168 THR A CA  1 
ATOM   1185 C C   . THR A 1 153 ? -15.149 -0.373  -1.464  1.00 26.66 ? 168 THR A C   1 
ATOM   1186 O O   . THR A 1 153 ? -15.766 -1.256  -2.066  1.00 25.46 ? 168 THR A O   1 
ATOM   1187 C CB  . THR A 1 153 ? -12.677 -0.580  -1.203  1.00 27.44 ? 168 THR A CB  1 
ATOM   1188 O OG1 . THR A 1 153 ? -12.564 -1.575  -2.233  1.00 25.46 ? 168 THR A OG1 1 
ATOM   1189 C CG2 . THR A 1 153 ? -11.533 -0.739  -0.214  1.00 23.80 ? 168 THR A CG2 1 
ATOM   1190 N N   . ASP A 1 154 ? -15.395 0.919   -1.600  1.00 23.21 ? 169 ASP A N   1 
ATOM   1191 C CA  . ASP A 1 154 ? -16.271 1.446   -2.624  1.00 27.70 ? 169 ASP A CA  1 
ATOM   1192 C C   . ASP A 1 154 ? -15.564 2.630   -3.275  1.00 24.16 ? 169 ASP A C   1 
ATOM   1193 O O   . ASP A 1 154 ? -15.354 3.654   -2.626  1.00 24.39 ? 169 ASP A O   1 
ATOM   1194 C CB  . ASP A 1 154 ? -17.615 1.867   -2.023  1.00 30.08 ? 169 ASP A CB  1 
ATOM   1195 C CG  . ASP A 1 154 ? -18.556 2.463   -3.053  1.00 34.18 ? 169 ASP A CG  1 
ATOM   1196 O OD1 . ASP A 1 154 ? -18.349 2.240   -4.266  1.00 35.18 ? 169 ASP A OD1 1 
ATOM   1197 O OD2 . ASP A 1 154 ? -19.511 3.149   -2.642  1.00 40.61 ? 169 ASP A OD2 1 
ATOM   1198 N N   . PRO A 1 155 ? -15.181 2.497   -4.556  1.00 27.12 ? 170 PRO A N   1 
ATOM   1199 C CA  . PRO A 1 155 ? -15.355 1.343   -5.450  1.00 22.63 ? 170 PRO A CA  1 
ATOM   1200 C C   . PRO A 1 155 ? -14.496 0.142   -5.078  1.00 26.97 ? 170 PRO A C   1 
ATOM   1201 O O   . PRO A 1 155 ? -13.590 0.270   -4.261  1.00 26.97 ? 170 PRO A O   1 
ATOM   1202 C CB  . PRO A 1 155 ? -14.939 1.893   -6.815  1.00 27.63 ? 170 PRO A CB  1 
ATOM   1203 C CG  . PRO A 1 155 ? -14.109 3.072   -6.528  1.00 26.63 ? 170 PRO A CG  1 
ATOM   1204 C CD  . PRO A 1 155 ? -14.607 3.658   -5.257  1.00 24.29 ? 170 PRO A CD  1 
ATOM   1205 N N   . SER A 1 156 ? -14.792 -1.011  -5.667  1.00 22.98 ? 171 SER A N   1 
ATOM   1206 C CA  . SER A 1 156 ? -14.135 -2.263  -5.312  1.00 26.33 ? 171 SER A CA  1 
ATOM   1207 C C   . SER A 1 156 ? -13.538 -2.855  -6.583  1.00 25.26 ? 171 SER A C   1 
ATOM   1208 O O   . SER A 1 156 ? -14.092 -2.666  -7.651  1.00 32.92 ? 171 SER A O   1 
ATOM   1209 C CB  . SER A 1 156 ? -15.147 -3.220  -4.661  1.00 25.40 ? 171 SER A CB  1 
ATOM   1210 O OG  . SER A 1 156 ? -14.534 -4.391  -4.155  1.00 31.36 ? 171 SER A OG  1 
ATOM   1211 N N   . PRO A 1 157 ? -12.406 -3.569  -6.486  1.00 23.94 ? 172 PRO A N   1 
ATOM   1212 C CA  . PRO A 1 157 ? -11.614 -3.889  -5.294  1.00 21.43 ? 172 PRO A CA  1 
ATOM   1213 C C   . PRO A 1 157 ? -10.474 -2.903  -5.008  1.00 20.82 ? 172 PRO A C   1 
ATOM   1214 O O   . PRO A 1 157 ? -9.806  -3.093  -3.995  1.00 21.20 ? 172 PRO A O   1 
ATOM   1215 C CB  . PRO A 1 157 ? -11.051 -5.268  -5.626  1.00 21.40 ? 172 PRO A CB  1 
ATOM   1216 C CG  . PRO A 1 157 ? -10.859 -5.220  -7.107  1.00 23.50 ? 172 PRO A CG  1 
ATOM   1217 C CD  . PRO A 1 157 ? -11.925 -4.304  -7.669  1.00 26.32 ? 172 PRO A CD  1 
ATOM   1218 N N   . TYR A 1 158 ? -10.266 -1.895  -5.858  1.00 22.17 ? 173 TYR A N   1 
ATOM   1219 C CA  . TYR A 1 158 ? -9.189  -0.916  -5.706  1.00 22.66 ? 173 TYR A CA  1 
ATOM   1220 C C   . TYR A 1 158 ? -9.759  0.470   -5.463  1.00 20.55 ? 173 TYR A C   1 
ATOM   1221 O O   . TYR A 1 158 ? -10.709 0.882   -6.134  1.00 24.61 ? 173 TYR A O   1 
ATOM   1222 C CB  . TYR A 1 158 ? -8.299  -0.818  -6.958  1.00 23.17 ? 173 TYR A CB  1 
ATOM   1223 C CG  . TYR A 1 158 ? -7.945  -2.131  -7.594  1.00 27.48 ? 173 TYR A CG  1 
ATOM   1224 C CD1 . TYR A 1 158 ? -7.001  -2.968  -7.026  1.00 24.47 ? 173 TYR A CD1 1 
ATOM   1225 C CD2 . TYR A 1 158 ? -8.555  -2.528  -8.775  1.00 33.77 ? 173 TYR A CD2 1 
ATOM   1226 C CE1 . TYR A 1 158 ? -6.683  -4.179  -7.612  1.00 25.63 ? 173 TYR A CE1 1 
ATOM   1227 C CE2 . TYR A 1 158 ? -8.243  -3.725  -9.369  1.00 35.59 ? 173 TYR A CE2 1 
ATOM   1228 C CZ  . TYR A 1 158 ? -7.304  -4.547  -8.787  1.00 33.95 ? 173 TYR A CZ  1 
ATOM   1229 O OH  . TYR A 1 158 ? -7.000  -5.747  -9.387  1.00 38.13 ? 173 TYR A OH  1 
ATOM   1230 N N   . CYS A 1 159 ? -9.153  1.214   -4.537  1.00 16.30 ? 174 CYS A N   1 
ATOM   1231 C CA  . CYS A 1 159 ? -9.478  2.627   -4.410  1.00 15.22 ? 174 CYS A CA  1 
ATOM   1232 C C   . CYS A 1 159 ? -8.308  3.345   -3.756  1.00 16.71 ? 174 CYS A C   1 
ATOM   1233 O O   . CYS A 1 159 ? -7.385  2.727   -3.216  1.00 16.11 ? 174 CYS A O   1 
ATOM   1234 C CB  . CYS A 1 159 ? -10.781 2.848   -3.622  1.00 18.07 ? 174 CYS A CB  1 
ATOM   1235 S SG  . CYS A 1 159 ? -10.636 2.748   -1.829  1.00 22.14 ? 174 CYS A SG  1 
ATOM   1236 N N   . ILE A 1 160 ? -8.354  4.668   -3.820  1.00 14.80 ? 175 ILE A N   1 
ATOM   1237 C CA  . ILE A 1 160 ? -7.368  5.511   -3.167  1.00 12.62 ? 175 ILE A CA  1 
ATOM   1238 C C   . ILE A 1 160 ? -8.041  6.176   -1.977  1.00 15.34 ? 175 ILE A C   1 
ATOM   1239 O O   . ILE A 1 160 ? -9.134  6.739   -2.110  1.00 15.26 ? 175 ILE A O   1 
ATOM   1240 C CB  . ILE A 1 160 ? -6.774  6.532   -4.148  1.00 11.84 ? 175 ILE A CB  1 
ATOM   1241 C CG1 . ILE A 1 160 ? -5.802  5.790   -5.095  1.00 15.75 ? 175 ILE A CG1 1 
ATOM   1242 C CG2 . ILE A 1 160 ? -6.094  7.669   -3.365  1.00 12.31 ? 175 ILE A CG2 1 
ATOM   1243 C CD1 . ILE A 1 160 ? -5.532  6.500   -6.389  1.00 21.41 ? 175 ILE A CD1 1 
ATOM   1244 N N   . VAL A 1 161 ? -7.412  6.082   -0.811  1.00 11.00 ? 176 VAL A N   1 
ATOM   1245 C CA  . VAL A 1 161 ? -7.969  6.701   0.388   1.00 11.12 ? 176 VAL A CA  1 
ATOM   1246 C C   . VAL A 1 161 ? -7.621  8.184   0.385   1.00 12.96 ? 176 VAL A C   1 
ATOM   1247 O O   . VAL A 1 161 ? -6.549  8.594   0.841   1.00 13.47 ? 176 VAL A O   1 
ATOM   1248 C CB  . VAL A 1 161 ? -7.479  5.991   1.660   1.00 12.39 ? 176 VAL A CB  1 
ATOM   1249 C CG1 . VAL A 1 161 ? -8.174  6.561   2.908   1.00 15.21 ? 176 VAL A CG1 1 
ATOM   1250 C CG2 . VAL A 1 161 ? -7.731  4.507   1.534   1.00 14.36 ? 176 VAL A CG2 1 
ATOM   1251 N N   . ALA A 1 162 ? -8.527  8.987   -0.153  1.00 15.07 ? 177 ALA A N   1 
ATOM   1252 C CA  . ALA A 1 162 ? -8.381  10.426  -0.301  1.00 13.17 ? 177 ALA A CA  1 
ATOM   1253 C C   . ALA A 1 162 ? -8.849  11.127  0.968   1.00 19.76 ? 177 ALA A C   1 
ATOM   1254 O O   . ALA A 1 162 ? -9.452  10.512  1.844   1.00 17.65 ? 177 ALA A O   1 
ATOM   1255 C CB  . ALA A 1 162 ? -9.192  10.884  -1.515  1.00 16.54 ? 177 ALA A CB  1 
ATOM   1256 N N   . PRO A 1 163 ? -8.581  12.430  1.116   1.00 18.73 ? 178 PRO A N   1 
ATOM   1257 C CA  . PRO A 1 163 ? -9.053  13.121  2.327   1.00 20.04 ? 178 PRO A CA  1 
ATOM   1258 C C   . PRO A 1 163 ? -10.549 12.992  2.568   1.00 22.04 ? 178 PRO A C   1 
ATOM   1259 O O   . PRO A 1 163 ? -10.965 12.902  3.728   1.00 21.12 ? 178 PRO A O   1 
ATOM   1260 C CB  . PRO A 1 163 ? -8.636  14.575  2.078   1.00 25.56 ? 178 PRO A CB  1 
ATOM   1261 C CG  . PRO A 1 163 ? -7.406  14.460  1.232   1.00 20.67 ? 178 PRO A CG  1 
ATOM   1262 C CD  . PRO A 1 163 ? -7.689  13.290  0.311   1.00 20.74 ? 178 PRO A CD  1 
ATOM   1263 N N   . ASP A 1 164 ? -11.363 12.928  1.515   1.00 22.34 ? 179 ASP A N   1 
ATOM   1264 C CA  . ASP A 1 164 ? -12.812 12.776  1.647   1.00 27.55 ? 179 ASP A CA  1 
ATOM   1265 C C   . ASP A 1 164 ? -13.274 11.338  1.815   1.00 26.60 ? 179 ASP A C   1 
ATOM   1266 O O   . ASP A 1 164 ? -14.469 11.116  2.027   1.00 21.97 ? 179 ASP A O   1 
ATOM   1267 C CB  . ASP A 1 164 ? -13.526 13.353  0.426   1.00 30.37 ? 179 ASP A CB  1 
ATOM   1268 C CG  . ASP A 1 164 ? -13.479 14.860  0.384   1.00 38.01 ? 179 ASP A CG  1 
ATOM   1269 O OD1 . ASP A 1 164 ? -13.166 15.481  1.429   1.00 40.53 ? 179 ASP A OD1 1 
ATOM   1270 O OD2 . ASP A 1 164 ? -13.760 15.419  -0.702  1.00 49.42 ? 179 ASP A OD2 1 
ATOM   1271 N N   . THR A 1 165 ? -12.391 10.354  1.688   1.00 19.30 ? 180 THR A N   1 
ATOM   1272 C CA  . THR A 1 165 ? -12.821 8.972   1.828   1.00 18.08 ? 180 THR A CA  1 
ATOM   1273 C C   . THR A 1 165 ? -13.256 8.699   3.266   1.00 21.04 ? 180 THR A C   1 
ATOM   1274 O O   . THR A 1 165 ? -12.524 9.001   4.215   1.00 17.47 ? 180 THR A O   1 
ATOM   1275 C CB  . THR A 1 165 ? -11.696 8.025   1.420   1.00 18.91 ? 180 THR A CB  1 
ATOM   1276 O OG1 . THR A 1 165 ? -11.348 8.271   0.051   1.00 18.30 ? 180 THR A OG1 1 
ATOM   1277 C CG2 . THR A 1 165 ? -12.140 6.574   1.583   1.00 16.47 ? 180 THR A CG2 1 
ATOM   1278 N N   . VAL A 1 166 ? -14.462 8.159   3.425   1.00 21.61 ? 181 VAL A N   1 
ATOM   1279 C CA  . VAL A 1 166 ? -14.964 7.790   4.746   1.00 21.66 ? 181 VAL A CA  1 
ATOM   1280 C C   . VAL A 1 166 ? -14.298 6.491   5.171   1.00 18.50 ? 181 VAL A C   1 
ATOM   1281 O O   . VAL A 1 166 ? -14.307 5.507   4.425   1.00 23.07 ? 181 VAL A O   1 
ATOM   1282 C CB  . VAL A 1 166 ? -16.493 7.642   4.731   1.00 24.28 ? 181 VAL A CB  1 
ATOM   1283 C CG1 . VAL A 1 166 ? -16.986 7.202   6.097   1.00 28.25 ? 181 VAL A CG1 1 
ATOM   1284 C CG2 . VAL A 1 166 ? -17.153 8.952   4.320   1.00 27.57 ? 181 VAL A CG2 1 
ATOM   1285 N N   . ILE A 1 167 ? -13.718 6.486   6.368   1.00 19.84 ? 182 ILE A N   1 
ATOM   1286 C CA  . ILE A 1 167 ? -12.997 5.330   6.900   1.00 20.63 ? 182 ILE A CA  1 
ATOM   1287 C C   . ILE A 1 167 ? -13.830 4.743   8.030   1.00 19.73 ? 182 ILE A C   1 
ATOM   1288 O O   . ILE A 1 167 ? -13.969 5.362   9.094   1.00 23.01 ? 182 ILE A O   1 
ATOM   1289 C CB  . ILE A 1 167 ? -11.593 5.704   7.401   1.00 18.02 ? 182 ILE A CB  1 
ATOM   1290 C CG1 . ILE A 1 167 ? -10.742 6.296   6.257   1.00 18.83 ? 182 ILE A CG1 1 
ATOM   1291 C CG2 . ILE A 1 167 ? -10.920 4.477   8.000   1.00 18.28 ? 182 ILE A CG2 1 
ATOM   1292 C CD1 . ILE A 1 167 ? -9.429  6.982   6.709   1.00 15.51 ? 182 ILE A CD1 1 
ATOM   1293 N N   . HIS A 1 168 ? -14.378 3.550   7.804   1.00 22.78 ? 183 HIS A N   1 
ATOM   1294 C CA  . HIS A 1 168 ? -15.182 2.834   8.788   1.00 23.69 ? 183 HIS A CA  1 
ATOM   1295 C C   . HIS A 1 168 ? -14.343 1.756   9.471   1.00 23.80 ? 183 HIS A C   1 
ATOM   1296 O O   . HIS A 1 168 ? -13.685 0.952   8.799   1.00 20.98 ? 183 HIS A O   1 
ATOM   1297 C CB  . HIS A 1 168 ? -16.408 2.191   8.129   1.00 24.53 ? 183 HIS A CB  1 
ATOM   1298 C CG  . HIS A 1 168 ? -17.439 3.175   7.670   0.86 31.36 ? 183 HIS A CG  1 
ATOM   1299 N ND1 . HIS A 1 168 ? -17.945 4.161   8.490   0.42 30.77 ? 183 HIS A ND1 1 
ATOM   1300 C CD2 . HIS A 1 168 ? -18.064 3.322   6.478   0.78 33.15 ? 183 HIS A CD2 1 
ATOM   1301 C CE1 . HIS A 1 168 ? -18.834 4.874   7.822   1.00 33.04 ? 183 HIS A CE1 1 
ATOM   1302 N NE2 . HIS A 1 168 ? -18.926 4.386   6.598   0.38 35.20 ? 183 HIS A NE2 1 
ATOM   1303 N N   . CYS A 1 169 ? -14.385 1.728   10.800  1.00 20.29 ? 184 CYS A N   1 
ATOM   1304 C CA  . CYS A 1 169 ? -13.771 0.656   11.578  1.00 20.51 ? 184 CYS A CA  1 
ATOM   1305 C C   . CYS A 1 169 ? -14.702 0.365   12.751  1.00 28.89 ? 184 CYS A C   1 
ATOM   1306 O O   . CYS A 1 169 ? -14.660 1.060   13.769  1.00 32.35 ? 184 CYS A O   1 
ATOM   1307 C CB  . CYS A 1 169 ? -12.381 1.028   12.067  1.00 22.77 ? 184 CYS A CB  1 
ATOM   1308 S SG  . CYS A 1 169 ? -11.592 -0.350  12.906  1.00 31.40 ? 184 CYS A SG  1 
ATOM   1309 N N   . GLU A 1 170 ? -15.533 -0.660  12.606  1.00 30.77 ? 185 GLU A N   1 
ATOM   1310 C CA  . GLU A 1 170 ? -16.553 -0.931  13.608  1.00 42.48 ? 185 GLU A CA  1 
ATOM   1311 C C   . GLU A 1 170 ? -16.942 -2.396  13.520  1.00 40.89 ? 185 GLU A C   1 
ATOM   1312 O O   . GLU A 1 170 ? -17.210 -2.900  12.427  1.00 43.97 ? 185 GLU A O   1 
ATOM   1313 C CB  . GLU A 1 170 ? -17.764 -0.026  13.381  1.00 41.34 ? 185 GLU A CB  1 
ATOM   1314 C CG  . GLU A 1 170 ? -18.933 -0.265  14.307  1.00 55.91 ? 185 GLU A CG  1 
ATOM   1315 C CD  . GLU A 1 170 ? -19.908 0.921   14.330  1.00 64.67 ? 185 GLU A CD  1 
ATOM   1316 O OE1 . GLU A 1 170 ? -21.035 0.767   14.855  1.00 63.97 ? 185 GLU A OE1 1 
ATOM   1317 O OE2 . GLU A 1 170 ? -19.544 2.009   13.823  1.00 69.41 ? 185 GLU A OE2 1 
ATOM   1318 N N   . GLY A 1 171 ? -16.963 -3.072  14.658  1.00 38.43 ? 186 GLY A N   1 
ATOM   1319 C CA  . GLY A 1 171 ? -17.301 -4.478  14.715  1.00 40.60 ? 186 GLY A CA  1 
ATOM   1320 C C   . GLY A 1 171 ? -16.194 -5.302  15.339  1.00 38.72 ? 186 GLY A C   1 
ATOM   1321 O O   . GLY A 1 171 ? -15.136 -4.799  15.719  1.00 41.40 ? 186 GLY A O   1 
ATOM   1322 N N   . GLU A 1 172 ? -16.471 -6.596  15.447  1.00 32.82 ? 187 GLU A N   1 
ATOM   1323 C CA  . GLU A 1 172 ? -15.542 -7.508  16.092  1.00 34.98 ? 187 GLU A CA  1 
ATOM   1324 C C   . GLU A 1 172 ? -14.274 -7.628  15.252  1.00 34.64 ? 187 GLU A C   1 
ATOM   1325 O O   . GLU A 1 172 ? -14.352 -7.991  14.081  1.00 32.93 ? 187 GLU A O   1 
ATOM   1326 C CB  . GLU A 1 172 ? -16.190 -8.885  16.275  1.00 34.96 ? 187 GLU A CB  1 
ATOM   1327 C CG  . GLU A 1 172 ? -15.507 -9.761  17.313  1.00 35.51 ? 187 GLU A CG  1 
ATOM   1328 C CD  . GLU A 1 172 ? -15.981 -11.205 17.298  1.00 40.30 ? 187 GLU A CD  1 
ATOM   1329 O OE1 . GLU A 1 172 ? -17.112 -11.466 16.825  1.00 34.62 ? 187 GLU A OE1 1 
ATOM   1330 O OE2 . GLU A 1 172 ? -15.209 -12.077 17.764  1.00 44.98 ? 187 GLU A OE2 1 
ATOM   1331 N N   . PRO A 1 173 ? -13.089 -7.713  15.920  1.00 32.75 ? 188 PRO A N   1 
ATOM   1332 C CA  . PRO A 1 173 ? -11.860 -8.178  15.234  1.00 29.32 ? 188 PRO A CA  1 
ATOM   1333 C C   . PRO A 1 173 ? -12.090 -9.487  14.491  1.00 31.62 ? 188 PRO A C   1 
ATOM   1334 O O   . PRO A 1 173 ? -12.903 -10.317 14.900  1.00 33.09 ? 188 PRO A O   1 
ATOM   1335 C CB  . PRO A 1 173 ? -10.856 -8.364  16.380  1.00 26.42 ? 188 PRO A CB  1 
ATOM   1336 C CG  . PRO A 1 173 ? -11.351 -7.483  17.488  1.00 29.74 ? 188 PRO A CG  1 
ATOM   1337 C CD  . PRO A 1 173 ? -12.859 -7.572  17.382  1.00 28.28 ? 188 PRO A CD  1 
ATOM   1338 N N   . ILE A 1 174 ? -11.380 -9.670  13.384  1.00 30.93 ? 189 ILE A N   1 
ATOM   1339 C CA  . ILE A 1 174 ? -11.521 -10.880 12.589  1.00 35.20 ? 189 ILE A CA  1 
ATOM   1340 C C   . ILE A 1 174 ? -10.308 -11.782 12.790  1.00 35.75 ? 189 ILE A C   1 
ATOM   1341 O O   . ILE A 1 174 ? -9.295  -11.393 13.373  1.00 35.67 ? 189 ILE A O   1 
ATOM   1342 C CB  . ILE A 1 174 ? -11.759 -10.580 11.098  1.00 36.54 ? 189 ILE A CB  1 
ATOM   1343 C CG1 . ILE A 1 174 ? -10.708 -9.624  10.553  1.00 29.67 ? 189 ILE A CG1 1 
ATOM   1344 C CG2 . ILE A 1 174 ? -13.137 -9.996  10.890  1.00 37.26 ? 189 ILE A CG2 1 
ATOM   1345 C CD1 . ILE A 1 174 ? -11.054 -9.125  9.175   1.00 29.75 ? 189 ILE A CD1 1 
ATOM   1346 N N   . LYS A 1 175 ? -10.438 -13.014 12.303  1.00 41.68 ? 190 LYS A N   1 
ATOM   1347 C CA  . LYS A 1 175 ? -9.477  -14.087 12.529  1.00 46.48 ? 190 LYS A CA  1 
ATOM   1348 C C   . LYS A 1 175 ? -8.719  -14.406 11.239  1.00 43.26 ? 190 LYS A C   1 
ATOM   1349 O O   . LYS A 1 175 ? -7.517  -14.152 11.127  1.00 52.18 ? 190 LYS A O   1 
ATOM   1350 C CB  . LYS A 1 175 ? -10.211 -15.332 13.058  1.00 50.40 ? 190 LYS A CB  1 
ATOM   1351 C CG  . LYS A 1 175 ? -11.301 -15.021 14.085  1.00 56.16 ? 190 LYS A CG  1 
ATOM   1352 C CD  . LYS A 1 175 ? -10.739 -14.780 15.471  1.00 69.29 ? 190 LYS A CD  1 
ATOM   1353 C CE  . LYS A 1 175 ? -11.761 -14.129 16.400  1.00 71.77 ? 190 LYS A CE  1 
ATOM   1354 N NZ  . LYS A 1 175 ? -11.103 -13.817 17.707  1.00 75.84 ? 190 LYS A NZ  1 
ATOM   1355 N N   . SER B 2 1   ? -7.362  16.713  -8.285  1.00 42.44 ? 300 SER B N   1 
ATOM   1356 C CA  . SER B 2 1   ? -6.507  16.476  -9.444  1.00 37.71 ? 300 SER B CA  1 
ATOM   1357 C C   . SER B 2 1   ? -5.541  15.322  -9.191  1.00 32.29 ? 300 SER B C   1 
ATOM   1358 O O   . SER B 2 1   ? -5.117  15.103  -8.052  1.00 31.25 ? 300 SER B O   1 
ATOM   1359 C CB  . SER B 2 1   ? -5.714  17.744  -9.791  1.00 35.71 ? 300 SER B CB  1 
ATOM   1360 O OG  . SER B 2 1   ? -4.939  18.189  -8.684  1.00 31.49 ? 300 SER B OG  1 
ATOM   1361 N N   . PRO B 2 2   ? -5.175  14.586  -10.242 1.00 29.74 ? 301 PRO B N   1 
ATOM   1362 C CA  . PRO B 2 2   ? -4.060  13.644  -10.083 1.00 31.18 ? 301 PRO B CA  1 
ATOM   1363 C C   . PRO B 2 2   ? -2.794  14.328  -9.609  1.00 26.92 ? 301 PRO B C   1 
ATOM   1364 O O   . PRO B 2 2   ? -1.973  13.696  -8.935  1.00 24.29 ? 301 PRO B O   1 
ATOM   1365 C CB  . PRO B 2 2   ? -3.887  13.042  -11.486 1.00 27.83 ? 301 PRO B CB  1 
ATOM   1366 C CG  . PRO B 2 2   ? -4.590  13.965  -12.395 1.00 30.65 ? 301 PRO B CG  1 
ATOM   1367 C CD  . PRO B 2 2   ? -5.727  14.544  -11.603 1.00 38.31 ? 301 PRO B CD  1 
ATOM   1368 N N   . GLU B 2 3   ? -2.594  15.606  -9.939  1.00 21.46 ? 302 GLU B N   1 
ATOM   1369 C CA  . GLU B 2 3   ? -1.300  16.159  -9.573  1.00 19.12 ? 302 GLU B CA  1 
ATOM   1370 C C   . GLU B 2 3   ? -1.274  16.607  -8.122  1.00 16.45 ? 302 GLU B C   1 
ATOM   1371 O O   . GLU B 2 3   ? -0.218  16.538  -7.488  1.00 12.54 ? 302 GLU B O   1 
ATOM   1372 C CB  . GLU B 2 3   ? -0.907  17.265  -10.544 1.00 19.29 ? 302 GLU B CB  1 
ATOM   1373 C CG  . GLU B 2 3   ? -0.555  16.667  -11.917 1.00 21.86 ? 302 GLU B CG  1 
ATOM   1374 C CD  . GLU B 2 3   ? 0.363   15.412  -11.809 1.00 32.66 ? 302 GLU B CD  1 
ATOM   1375 O OE1 . GLU B 2 3   ? -0.066  14.305  -12.222 1.00 31.99 ? 302 GLU B OE1 1 
ATOM   1376 O OE2 . GLU B 2 3   ? 1.516   15.528  -11.317 1.00 26.68 ? 302 GLU B OE2 1 
ATOM   1377 N N   . GLU B 2 4   ? -2.412  17.014  -7.556  1.00 12.71 ? 303 GLU B N   1 
ATOM   1378 C CA  . GLU B 2 4   ? -2.412  17.257  -6.120  1.00 16.11 ? 303 GLU B CA  1 
ATOM   1379 C C   . GLU B 2 4   ? -2.176  15.958  -5.357  1.00 12.94 ? 303 GLU B C   1 
ATOM   1380 O O   . GLU B 2 4   ? -1.508  15.964  -4.321  1.00 12.03 ? 303 GLU B O   1 
ATOM   1381 C CB  . GLU B 2 4   ? -3.710  17.940  -5.677  1.00 22.18 ? 303 GLU B CB  1 
ATOM   1382 C CG  . GLU B 2 4   ? -4.701  17.025  -5.013  1.00 29.21 ? 303 GLU B CG  1 
ATOM   1383 C CD  . GLU B 2 4   ? -6.009  17.712  -4.635  1.00 44.34 ? 303 GLU B CD  1 
ATOM   1384 O OE1 . GLU B 2 4   ? -7.062  17.037  -4.741  1.00 47.51 ? 303 GLU B OE1 1 
ATOM   1385 O OE2 . GLU B 2 4   ? -5.978  18.900  -4.225  1.00 44.65 ? 303 GLU B OE2 1 
ATOM   1386 N N   . MET B 2 5   ? -2.686  14.829  -5.862  1.00 12.42 ? 304 MET B N   1 
ATOM   1387 C CA  . MET B 2 5   ? -2.377  13.561  -5.212  1.00 11.96 ? 304 MET B CA  1 
ATOM   1388 C C   . MET B 2 5   ? -0.884  13.263  -5.277  1.00 11.14 ? 304 MET B C   1 
ATOM   1389 O O   . MET B 2 5   ? -0.284  12.840  -4.283  1.00 9.56  ? 304 MET B O   1 
ATOM   1390 C CB  . MET B 2 5   ? -3.170  12.424  -5.846  1.00 12.17 ? 304 MET B CB  1 
ATOM   1391 C CG  . MET B 2 5   ? -2.594  11.060  -5.493  1.00 16.08 ? 304 MET B CG  1 
ATOM   1392 S SD  . MET B 2 5   ? -3.712  9.739   -5.958  1.00 15.29 ? 304 MET B SD  1 
ATOM   1393 C CE  . MET B 2 5   ? -3.526  9.733   -7.728  1.00 18.30 ? 304 MET B CE  1 
ATOM   1394 N N   . ARG B 2 6   ? -0.264  13.490  -6.435  1.00 9.05  ? 305 ARG B N   1 
ATOM   1395 C CA  . ARG B 2 6   ? 1.170   13.241  -6.553  1.00 12.41 ? 305 ARG B CA  1 
ATOM   1396 C C   . ARG B 2 6   ? 1.970   14.150  -5.622  1.00 11.01 ? 305 ARG B C   1 
ATOM   1397 O O   . ARG B 2 6   ? 2.929   13.703  -4.980  1.00 9.13  ? 305 ARG B O   1 
ATOM   1398 C CB  . ARG B 2 6   ? 1.629   13.414  -8.008  1.00 9.88  ? 305 ARG B CB  1 
ATOM   1399 C CG  . ARG B 2 6   ? 3.054   12.878  -8.263  1.00 10.53 ? 305 ARG B CG  1 
ATOM   1400 C CD  . ARG B 2 6   ? 3.550   13.160  -9.688  1.00 12.73 ? 305 ARG B CD  1 
ATOM   1401 N NE  . ARG B 2 6   ? 2.553   12.780  -10.688 1.00 11.78 ? 305 ARG B NE  1 
ATOM   1402 C CZ  . ARG B 2 6   ? 2.320   11.530  -11.065 1.00 17.68 ? 305 ARG B CZ  1 
ATOM   1403 N NH1 . ARG B 2 6   ? 3.041   10.526  -10.542 1.00 9.79  ? 305 ARG B NH1 1 
ATOM   1404 N NH2 . ARG B 2 6   ? 1.382   11.282  -11.977 1.00 12.98 ? 305 ARG B NH2 1 
ATOM   1405 N N   . ARG B 2 7   ? 1.611   15.434  -5.546  1.00 8.05  ? 306 ARG B N   1 
ATOM   1406 C CA  . ARG B 2 7   ? 2.298   16.330  -4.616  1.00 7.71  ? 306 ARG B CA  1 
ATOM   1407 C C   . ARG B 2 7   ? 2.196   15.829  -3.178  1.00 10.35 ? 306 ARG B C   1 
ATOM   1408 O O   . ARG B 2 7   ? 3.187   15.818  -2.435  1.00 8.24  ? 306 ARG B O   1 
ATOM   1409 C CB  . ARG B 2 7   ? 1.728   17.752  -4.726  1.00 10.27 ? 306 ARG B CB  1 
ATOM   1410 C CG  . ARG B 2 7   ? 2.068   18.448  -6.051  1.00 10.86 ? 306 ARG B CG  1 
ATOM   1411 C CD  . ARG B 2 7   ? 1.757   19.936  -5.986  1.00 12.61 ? 306 ARG B CD  1 
ATOM   1412 N NE  . ARG B 2 7   ? 0.324   20.220  -5.927  1.00 10.82 ? 306 ARG B NE  1 
ATOM   1413 C CZ  . ARG B 2 7   ? -0.447  20.344  -7.004  1.00 14.47 ? 306 ARG B CZ  1 
ATOM   1414 N NH1 . ARG B 2 7   ? -1.740  20.631  -6.872  1.00 13.04 ? 306 ARG B NH1 1 
ATOM   1415 N NH2 . ARG B 2 7   ? 0.073   20.186  -8.220  1.00 11.77 ? 306 ARG B NH2 1 
ATOM   1416 N N   . GLN B 2 8   ? 0.999   15.429  -2.752  1.00 8.52  ? 307 GLN B N   1 
ATOM   1417 C CA  . GLN B 2 8   ? 0.862   15.006  -1.359  1.00 11.14 ? 307 GLN B CA  1 
ATOM   1418 C C   . GLN B 2 8   ? 1.610   13.704  -1.100  1.00 9.77  ? 307 GLN B C   1 
ATOM   1419 O O   . GLN B 2 8   ? 2.244   13.545  -0.046  1.00 9.21  ? 307 GLN B O   1 
ATOM   1420 C CB  . GLN B 2 8   ? -0.618  14.867  -0.989  1.00 13.92 ? 307 GLN B CB  1 
ATOM   1421 C CG  . GLN B 2 8   ? -1.271  16.210  -0.762  1.00 21.75 ? 307 GLN B CG  1 
ATOM   1422 C CD  . GLN B 2 8   ? -0.589  16.951  0.369   1.00 28.86 ? 307 GLN B CD  1 
ATOM   1423 O OE1 . GLN B 2 8   ? -0.605  16.503  1.515   1.00 34.89 ? 307 GLN B OE1 1 
ATOM   1424 N NE2 . GLN B 2 8   ? 0.066   18.063  0.043   1.00 34.20 ? 307 GLN B NE2 1 
ATOM   1425 N N   . ARG B 2 9   ? 1.539   12.760  -2.036  1.00 8.65  ? 308 ARG B N   1 
ATOM   1426 C CA  . ARG B 2 9   ? 2.261   11.502  -1.847  1.00 8.87  ? 308 ARG B CA  1 
ATOM   1427 C C   . ARG B 2 9   ? 3.762   11.739  -1.723  1.00 7.58  ? 308 ARG B C   1 
ATOM   1428 O O   . ARG B 2 9   ? 4.420   11.172  -0.842  1.00 8.02  ? 308 ARG B O   1 
ATOM   1429 C CB  . ARG B 2 9   ? 1.974   10.530  -2.994  1.00 6.23  ? 308 ARG B CB  1 
ATOM   1430 C CG  . ARG B 2 9   ? 0.606   9.868   -2.956  1.00 8.16  ? 308 ARG B CG  1 
ATOM   1431 C CD  . ARG B 2 9   ? 0.418   9.042   -4.216  1.00 7.42  ? 308 ARG B CD  1 
ATOM   1432 N NE  . ARG B 2 9   ? -0.732  8.150   -4.093  1.00 8.59  ? 308 ARG B NE  1 
ATOM   1433 C CZ  . ARG B 2 9   ? -1.114  7.306   -5.038  1.00 9.26  ? 308 ARG B CZ  1 
ATOM   1434 N NH1 . ARG B 2 9   ? -0.446  7.252   -6.177  1.00 8.50  ? 308 ARG B NH1 1 
ATOM   1435 N NH2 . ARG B 2 9   ? -2.166  6.514   -4.845  1.00 8.66  ? 308 ARG B NH2 1 
ATOM   1436 N N   . LEU B 2 10  ? 4.331   12.569  -2.598  1.00 6.95  ? 309 LEU B N   1 
ATOM   1437 C CA  . LEU B 2 10  ? 5.782   12.780  -2.522  1.00 8.25  ? 309 LEU B CA  1 
ATOM   1438 C C   . LEU B 2 10  ? 6.173   13.537  -1.259  1.00 11.50 ? 309 LEU B C   1 
ATOM   1439 O O   . LEU B 2 10  ? 7.250   13.299  -0.696  1.00 8.97  ? 309 LEU B O   1 
ATOM   1440 C CB  . LEU B 2 10  ? 6.282   13.521  -3.769  1.00 9.48  ? 309 LEU B CB  1 
ATOM   1441 C CG  . LEU B 2 10  ? 6.133   12.733  -5.077  1.00 11.77 ? 309 LEU B CG  1 
ATOM   1442 C CD1 . LEU B 2 10  ? 6.792   13.483  -6.241  1.00 13.42 ? 309 LEU B CD1 1 
ATOM   1443 C CD2 . LEU B 2 10  ? 6.727   11.347  -4.938  1.00 13.30 ? 309 LEU B CD2 1 
ATOM   1444 N N   . HIS B 2 11  ? 5.323   14.455  -0.800  1.00 8.17  ? 310 HIS B N   1 
ATOM   1445 C CA  . HIS B 2 11  ? 5.599   15.137  0.457   1.00 10.38 ? 310 HIS B CA  1 
ATOM   1446 C C   . HIS B 2 11  ? 5.602   14.152  1.626   1.00 11.81 ? 310 HIS B C   1 
ATOM   1447 O O   . HIS B 2 11  ? 6.483   14.202  2.490   1.00 11.44 ? 310 HIS B O   1 
ATOM   1448 C CB  . HIS B 2 11  ? 4.553   16.236  0.670   1.00 10.91 ? 310 HIS B CB  1 
ATOM   1449 C CG  . HIS B 2 11  ? 4.867   17.154  1.808   1.00 16.21 ? 310 HIS B CG  1 
ATOM   1450 N ND1 . HIS B 2 11  ? 4.594   16.830  3.119   1.00 25.46 ? 310 HIS B ND1 1 
ATOM   1451 C CD2 . HIS B 2 11  ? 5.408   18.398  1.831   1.00 20.55 ? 310 HIS B CD2 1 
ATOM   1452 C CE1 . HIS B 2 11  ? 4.964   17.830  3.903   1.00 23.84 ? 310 HIS B CE1 1 
ATOM   1453 N NE2 . HIS B 2 11  ? 5.462   18.792  3.146   1.00 23.14 ? 310 HIS B NE2 1 
ATOM   1454 N N   . ARG B 2 12  ? 4.643   13.227  1.637   1.00 11.15 ? 311 ARG B N   1 
ATOM   1455 C CA  . ARG B 2 12  ? 4.516   12.264  2.731   1.00 10.15 ? 311 ARG B CA  1 
ATOM   1456 C C   . ARG B 2 12  ? 5.598   11.190  2.661   1.00 11.65 ? 311 ARG B C   1 
ATOM   1457 O O   . ARG B 2 12  ? 6.165   10.803  3.690   1.00 12.18 ? 311 ARG B O   1 
ATOM   1458 C CB  . ARG B 2 12  ? 3.112   11.631  2.688   1.00 11.24 ? 311 ARG B CB  1 
ATOM   1459 C CG  . ARG B 2 12  ? 2.839   10.443  3.661   1.00 12.98 ? 311 ARG B CG  1 
ATOM   1460 C CD  . ARG B 2 12  ? 2.459   10.816  5.109   1.00 22.53 ? 311 ARG B CD  1 
ATOM   1461 N NE  . ARG B 2 12  ? 2.429   9.638   6.014   1.00 15.80 ? 311 ARG B NE  1 
ATOM   1462 C CZ  . ARG B 2 12  ? 1.347   9.164   6.650   1.00 21.73 ? 311 ARG B CZ  1 
ATOM   1463 N NH1 . ARG B 2 12  ? 0.154   9.743   6.532   1.00 17.67 ? 311 ARG B NH1 1 
ATOM   1464 N NH2 . ARG B 2 12  ? 1.458   8.103   7.447   1.00 28.17 ? 311 ARG B NH2 1 
ATOM   1465 N N   . PHE B 2 13  ? 5.910   10.700  1.460   1.00 8.05  ? 312 PHE B N   1 
ATOM   1466 C CA  . PHE B 2 13  ? 6.696   9.476   1.350   1.00 8.36  ? 312 PHE B CA  1 
ATOM   1467 C C   . PHE B 2 13  ? 8.096   9.640   0.770   1.00 10.33 ? 312 PHE B C   1 
ATOM   1468 O O   . PHE B 2 13  ? 8.840   8.656   0.741   1.00 11.04 ? 312 PHE B O   1 
ATOM   1469 C CB  . PHE B 2 13  ? 5.935   8.447   0.499   1.00 7.17  ? 312 PHE B CB  1 
ATOM   1470 C CG  . PHE B 2 13  ? 4.625   7.997   1.106   1.00 8.73  ? 312 PHE B CG  1 
ATOM   1471 C CD1 . PHE B 2 13  ? 4.605   7.261   2.283   1.00 10.75 ? 312 PHE B CD1 1 
ATOM   1472 C CD2 . PHE B 2 13  ? 3.421   8.304   0.495   1.00 8.72  ? 312 PHE B CD2 1 
ATOM   1473 C CE1 . PHE B 2 13  ? 3.400   6.829   2.836   1.00 14.38 ? 312 PHE B CE1 1 
ATOM   1474 C CE2 . PHE B 2 13  ? 2.204   7.885   1.045   1.00 8.25  ? 312 PHE B CE2 1 
ATOM   1475 C CZ  . PHE B 2 13  ? 2.196   7.151   2.216   1.00 8.14  ? 312 PHE B CZ  1 
ATOM   1476 N N   . ASP B 2 14  ? 8.491   10.829  0.300   1.00 9.21  ? 313 ASP B N   1 
ATOM   1477 C CA  . ASP B 2 14  ? 9.808   10.937  -0.326  1.00 11.34 ? 313 ASP B CA  1 
ATOM   1478 C C   . ASP B 2 14  ? 10.458  12.289  -0.052  1.00 17.17 ? 313 ASP B C   1 
ATOM   1479 O O   . ASP B 2 14  ? 11.365  12.682  -0.796  1.00 18.90 ? 313 ASP B O   1 
ATOM   1480 C CB  . ASP B 2 14  ? 9.717   10.661  -1.838  1.00 11.32 ? 313 ASP B CB  1 
ATOM   1481 C CG  . ASP B 2 14  ? 11.018  10.088  -2.419  1.00 19.38 ? 313 ASP B CG  1 
ATOM   1482 O OD1 . ASP B 2 14  ? 11.799  9.452   -1.674  1.00 16.68 ? 313 ASP B OD1 1 
ATOM   1483 O OD2 . ASP B 2 14  ? 11.242  10.264  -3.635  1.00 22.46 ? 313 ASP B OD2 1 
ATOM   1484 N N   . SER B 2 15  ? 9.945   13.021  0.933   1.00 16.43 ? 314 SER B N   1 
ATOM   1485 C CA  . SER B 2 15  ? 10.578  14.045  1.777   1.00 27.29 ? 314 SER B CA  1 
ATOM   1486 C C   . SER B 2 15  ? 9.866   15.357  1.651   1.00 24.94 ? 314 SER B C   1 
ATOM   1487 O O   . SER B 2 15  ? 9.065   15.667  2.534   1.00 36.34 ? 314 SER B O   1 
ATOM   1488 C CB  . SER B 2 15  ? 12.069  14.206  1.530   1.00 32.84 ? 314 SER B CB  1 
ATOM   1489 O OG  . SER B 2 15  ? 12.731  13.233  2.324   1.00 29.75 ? 314 SER B OG  1 
HETATM 1490 O O   . HOH C 3 .   ? 12.376  -5.569  -16.213 1.00 25.58 ? 201 HOH A O   1 
HETATM 1491 O O   . HOH C 3 .   ? -13.157 -3.503  15.733  1.00 31.06 ? 202 HOH A O   1 
HETATM 1492 O O   . HOH C 3 .   ? 16.927  5.615   -2.597  1.00 34.04 ? 203 HOH A O   1 
HETATM 1493 O O   . HOH C 3 .   ? 7.528   -17.758 -2.262  1.00 34.08 ? 204 HOH A O   1 
HETATM 1494 O O   . HOH C 3 .   ? 12.080  -5.038  -19.214 1.00 23.44 ? 205 HOH A O   1 
HETATM 1495 O O   . HOH C 3 .   ? -3.557  -7.657  -1.043  1.00 27.45 ? 206 HOH A O   1 
HETATM 1496 O O   . HOH C 3 .   ? -10.224 9.935   4.636   1.00 25.67 ? 207 HOH A O   1 
HETATM 1497 O O   . HOH C 3 .   ? -2.548  -2.935  -1.735  1.00 22.59 ? 208 HOH A O   1 
HETATM 1498 O O   . HOH C 3 .   ? -1.261  1.067   0.562   1.00 17.06 ? 209 HOH A O   1 
HETATM 1499 O O   . HOH C 3 .   ? -4.923  16.975  -0.585  1.00 33.04 ? 210 HOH A O   1 
HETATM 1500 O O   . HOH C 3 .   ? 7.339   -1.167  8.931   1.00 25.85 ? 211 HOH A O   1 
HETATM 1501 O O   . HOH C 3 .   ? -1.892  0.254   3.308   1.00 21.23 ? 212 HOH A O   1 
HETATM 1502 O O   . HOH C 3 .   ? 15.126  -8.501  4.908   1.00 26.27 ? 213 HOH A O   1 
HETATM 1503 O O   . HOH C 3 .   ? 3.654   4.760   7.491   1.00 39.43 ? 214 HOH A O   1 
HETATM 1504 O O   . HOH C 3 .   ? 16.133  -10.057 -3.636  1.00 20.96 ? 215 HOH A O   1 
HETATM 1505 O O   . HOH C 3 .   ? -6.853  -11.217 2.579   1.00 32.13 ? 216 HOH A O   1 
HETATM 1506 O O   . HOH C 3 .   ? 15.166  5.177   2.208   1.00 15.52 ? 217 HOH A O   1 
HETATM 1507 O O   . HOH C 3 .   ? 14.430  -6.838  -18.243 1.00 31.57 ? 218 HOH A O   1 
HETATM 1508 O O   . HOH C 3 .   ? 8.448   6.769   4.146   1.00 10.53 ? 219 HOH A O   1 
HETATM 1509 O O   . HOH C 3 .   ? 17.457  -3.518  -5.260  1.00 22.24 ? 220 HOH A O   1 
HETATM 1510 O O   . HOH C 3 .   ? 21.321  1.014   -15.611 1.00 37.34 ? 221 HOH A O   1 
HETATM 1511 O O   . HOH C 3 .   ? -5.714  7.292   -10.199 1.00 35.82 ? 222 HOH A O   1 
HETATM 1512 O O   . HOH C 3 .   ? 0.092   11.136  9.997   1.00 22.06 ? 223 HOH A O   1 
HETATM 1513 O O   . HOH C 3 .   ? -1.443  7.620   17.374  1.00 20.26 ? 224 HOH A O   1 
HETATM 1514 O O   . HOH C 3 .   ? 5.690   -13.353 2.671   1.00 28.66 ? 225 HOH A O   1 
HETATM 1515 O O   . HOH C 3 .   ? 1.415   -6.459  -12.524 1.00 16.24 ? 226 HOH A O   1 
HETATM 1516 O O   . HOH C 3 .   ? -8.481  -9.895  20.267  1.00 30.84 ? 227 HOH A O   1 
HETATM 1517 O O   . HOH C 3 .   ? -18.130 -2.225  -2.800  1.00 34.59 ? 228 HOH A O   1 
HETATM 1518 O O   . HOH C 3 .   ? 15.679  2.853   -19.169 1.00 22.72 ? 229 HOH A O   1 
HETATM 1519 O O   . HOH C 3 .   ? 18.210  4.632   -10.068 1.00 17.06 ? 230 HOH A O   1 
HETATM 1520 O O   . HOH C 3 .   ? 12.484  4.928   -2.950  1.00 17.76 ? 231 HOH A O   1 
HETATM 1521 O O   . HOH C 3 .   ? 0.045   10.202  -8.018  1.00 21.50 ? 232 HOH A O   1 
HETATM 1522 O O   . HOH C 3 .   ? 20.752  -3.041  -4.934  1.00 28.97 ? 233 HOH A O   1 
HETATM 1523 O O   . HOH C 3 .   ? 9.362   -0.054  0.048   1.00 12.83 ? 234 HOH A O   1 
HETATM 1524 O O   . HOH C 3 .   ? 11.900  0.911   -0.760  1.00 11.66 ? 235 HOH A O   1 
HETATM 1525 O O   . HOH C 3 .   ? -0.143  -5.604  19.067  1.00 23.95 ? 236 HOH A O   1 
HETATM 1526 O O   . HOH C 3 .   ? 6.078   6.563   5.760   1.00 21.53 ? 237 HOH A O   1 
HETATM 1527 O O   . HOH C 3 .   ? 6.339   -1.676  0.804   1.00 12.06 ? 238 HOH A O   1 
HETATM 1528 O O   . HOH C 3 .   ? -0.557  5.332   12.927  1.00 20.63 ? 239 HOH A O   1 
HETATM 1529 O O   . HOH C 3 .   ? 10.262  -4.800  5.514   1.00 16.05 ? 240 HOH A O   1 
HETATM 1530 O O   . HOH C 3 .   ? 1.360   5.303   -14.433 1.00 24.29 ? 241 HOH A O   1 
HETATM 1531 O O   . HOH C 3 .   ? -2.049  -12.245 -8.852  1.00 27.63 ? 242 HOH A O   1 
HETATM 1532 O O   . HOH C 3 .   ? 4.550   -1.653  8.546   1.00 19.65 ? 243 HOH A O   1 
HETATM 1533 O O   . HOH C 3 .   ? -0.434  4.942   -12.574 1.00 26.46 ? 244 HOH A O   1 
HETATM 1534 O O   . HOH C 3 .   ? -4.543  7.675   2.483   1.00 9.04  ? 245 HOH A O   1 
HETATM 1535 O O   . HOH C 3 .   ? 10.341  8.595   -13.652 1.00 22.86 ? 246 HOH A O   1 
HETATM 1536 O O   . HOH C 3 .   ? -3.090  1.280   21.640  1.00 27.38 ? 247 HOH A O   1 
HETATM 1537 O O   . HOH C 3 .   ? -3.713  6.305   -9.677  1.00 30.59 ? 248 HOH A O   1 
HETATM 1538 O O   . HOH C 3 .   ? -13.677 -8.952  3.060   1.00 40.02 ? 249 HOH A O   1 
HETATM 1539 O O   . HOH C 3 .   ? -6.237  -1.242  28.477  1.00 35.56 ? 250 HOH A O   1 
HETATM 1540 O O   . HOH C 3 .   ? 9.758   7.132   -19.487 1.00 19.42 ? 251 HOH A O   1 
HETATM 1541 O O   . HOH C 3 .   ? -14.072 3.763   13.770  1.00 24.82 ? 252 HOH A O   1 
HETATM 1542 O O   . HOH C 3 .   ? -6.839  10.161  8.026   1.00 20.47 ? 253 HOH A O   1 
HETATM 1543 O O   . HOH C 3 .   ? 0.373   -7.965  4.998   1.00 15.74 ? 254 HOH A O   1 
HETATM 1544 O O   . HOH C 3 .   ? -5.282  2.441   21.841  1.00 25.98 ? 255 HOH A O   1 
HETATM 1545 O O   . HOH C 3 .   ? -0.969  6.964   -10.822 1.00 22.65 ? 256 HOH A O   1 
HETATM 1546 O O   . HOH C 3 .   ? -13.536 8.775   7.921   1.00 23.71 ? 257 HOH A O   1 
HETATM 1547 O O   . HOH C 3 .   ? 1.960   -6.628  16.062  1.00 26.43 ? 258 HOH A O   1 
HETATM 1548 O O   . HOH C 3 .   ? 4.768   -13.222 -14.420 1.00 32.41 ? 259 HOH A O   1 
HETATM 1549 O O   . HOH C 3 .   ? 20.573  1.567   -12.047 1.00 23.42 ? 260 HOH A O   1 
HETATM 1550 O O   . HOH C 3 .   ? -10.977 2.436   -8.425  1.00 26.21 ? 261 HOH A O   1 
HETATM 1551 O O   . HOH C 3 .   ? 0.189   -1.321  -0.196  1.00 22.99 ? 262 HOH A O   1 
HETATM 1552 O O   . HOH C 3 .   ? 14.716  10.222  -9.418  1.00 33.63 ? 263 HOH A O   1 
HETATM 1553 O O   . HOH C 3 .   ? 4.752   -0.034  -17.694 1.00 27.96 ? 264 HOH A O   1 
HETATM 1554 O O   . HOH C 3 .   ? 11.901  4.242   5.607   1.00 11.94 ? 265 HOH A O   1 
HETATM 1555 O O   . HOH C 3 .   ? 14.146  -1.390  -10.758 1.00 12.62 ? 266 HOH A O   1 
HETATM 1556 O O   . HOH C 3 .   ? 10.183  1.409   -22.988 1.00 37.16 ? 267 HOH A O   1 
HETATM 1557 O O   . HOH C 3 .   ? -2.596  -10.737 3.368   1.00 26.46 ? 268 HOH A O   1 
HETATM 1558 O O   . HOH C 3 .   ? 16.204  -14.307 -7.054  1.00 27.03 ? 269 HOH A O   1 
HETATM 1559 O O   . HOH C 3 .   ? -2.891  -2.165  2.317   1.00 27.22 ? 270 HOH A O   1 
HETATM 1560 O O   . HOH C 3 .   ? -5.412  10.972  1.871   1.00 14.37 ? 271 HOH A O   1 
HETATM 1561 O O   . HOH C 3 .   ? 13.021  -16.751 -2.923  1.00 33.95 ? 272 HOH A O   1 
HETATM 1562 O O   . HOH C 3 .   ? 11.684  -11.384 4.616   1.00 24.83 ? 273 HOH A O   1 
HETATM 1563 O O   . HOH C 3 .   ? -16.760 -1.425  16.968  1.00 32.65 ? 274 HOH A O   1 
HETATM 1564 O O   . HOH C 3 .   ? 2.158   -8.711  7.271   1.00 29.64 ? 275 HOH A O   1 
HETATM 1565 O O   . HOH C 3 .   ? 7.055   -4.260  6.921   1.00 24.42 ? 276 HOH A O   1 
HETATM 1566 O O   . HOH C 3 .   ? 3.409   2.047   6.537   1.00 15.20 ? 277 HOH A O   1 
HETATM 1567 O O   . HOH C 3 .   ? 12.524  11.062  -11.733 1.00 28.86 ? 278 HOH A O   1 
HETATM 1568 O O   . HOH C 3 .   ? 8.805   -11.990 2.760   1.00 22.30 ? 279 HOH A O   1 
HETATM 1569 O O   . HOH C 3 .   ? 3.033   1.087   9.126   1.00 20.20 ? 280 HOH A O   1 
HETATM 1570 O O   . HOH C 3 .   ? 9.114   -16.325 -8.172  1.00 25.30 ? 281 HOH A O   1 
HETATM 1571 O O   . HOH C 3 .   ? 9.225   10.876  -12.029 1.00 17.88 ? 282 HOH A O   1 
HETATM 1572 O O   . HOH C 3 .   ? -4.833  -12.411 3.614   1.00 33.38 ? 283 HOH A O   1 
HETATM 1573 O O   . HOH C 3 .   ? -11.974 1.511   18.560  1.00 18.18 ? 284 HOH A O   1 
HETATM 1574 O O   . HOH C 3 .   ? -6.417  12.128  4.210   1.00 19.66 ? 285 HOH A O   1 
HETATM 1575 O O   . HOH C 3 .   ? -16.357 3.242   12.290  1.00 31.90 ? 286 HOH A O   1 
HETATM 1576 O O   . HOH C 3 .   ? 19.492  -5.821  -12.038 1.00 20.19 ? 287 HOH A O   1 
HETATM 1577 O O   . HOH C 3 .   ? -0.276  -4.248  0.093   1.00 26.15 ? 288 HOH A O   1 
HETATM 1578 O O   . HOH C 3 .   ? -4.704  -0.593  25.416  1.00 29.85 ? 289 HOH A O   1 
HETATM 1579 O O   . HOH C 3 .   ? -5.384  -9.895  -3.704  1.00 21.58 ? 290 HOH A O   1 
HETATM 1580 O O   . HOH C 3 .   ? -7.790  5.930   22.399  1.00 17.40 ? 291 HOH A O   1 
HETATM 1581 O O   . HOH C 3 .   ? 2.445   2.799   11.239  1.00 17.35 ? 292 HOH A O   1 
HETATM 1582 O O   . HOH C 3 .   ? -11.331 -9.124  -4.273  1.00 37.58 ? 293 HOH A O   1 
HETATM 1583 O O   . HOH C 3 .   ? 2.522   4.909   -17.802 1.00 31.13 ? 294 HOH A O   1 
HETATM 1584 O O   . HOH C 3 .   ? -6.021  -8.593  -1.482  1.00 24.48 ? 295 HOH A O   1 
HETATM 1585 O O   . HOH C 3 .   ? 0.204   13.456  7.125   1.00 30.85 ? 296 HOH A O   1 
HETATM 1586 O O   . HOH C 3 .   ? 3.052   -18.376 -1.682  1.00 31.59 ? 297 HOH A O   1 
HETATM 1587 O O   . HOH C 3 .   ? 3.190   -13.586 -10.163 1.00 33.10 ? 298 HOH A O   1 
HETATM 1588 O O   . HOH C 3 .   ? -10.767 13.801  -1.251  1.00 27.88 ? 299 HOH A O   1 
HETATM 1589 O O   . HOH C 3 .   ? 21.447  -2.317  -11.680 1.00 30.37 ? 300 HOH A O   1 
HETATM 1590 O O   . HOH C 3 .   ? -12.596 3.715   16.104  1.00 22.57 ? 301 HOH A O   1 
HETATM 1591 O O   . HOH C 3 .   ? 11.630  -13.299 2.532   1.00 26.30 ? 302 HOH A O   1 
HETATM 1592 O O   . HOH C 3 .   ? 10.988  9.580   -16.174 1.00 38.02 ? 303 HOH A O   1 
HETATM 1593 O O   . HOH C 3 .   ? 8.981   8.048   -17.148 1.00 26.13 ? 304 HOH A O   1 
HETATM 1594 O O   . HOH C 3 .   ? -11.527 9.792   -8.314  1.00 28.85 ? 305 HOH A O   1 
HETATM 1595 O O   . HOH C 3 .   ? -2.248  -12.067 11.592  1.00 37.98 ? 306 HOH A O   1 
HETATM 1596 O O   . HOH C 3 .   ? 17.144  7.631   -4.129  1.00 26.36 ? 307 HOH A O   1 
HETATM 1597 O O   . HOH C 3 .   ? 6.952   -5.824  9.159   1.00 35.94 ? 308 HOH A O   1 
HETATM 1598 O O   . HOH C 3 .   ? -7.511  9.904   5.207   1.00 20.36 ? 309 HOH A O   1 
HETATM 1599 O O   . HOH C 3 .   ? -0.654  -10.642 4.725   1.00 24.53 ? 310 HOH A O   1 
HETATM 1600 O O   . HOH C 3 .   ? 17.164  8.681   -9.407  1.00 49.00 ? 311 HOH A O   1 
HETATM 1601 O O   . HOH C 3 .   ? -5.513  4.635   23.199  1.00 28.80 ? 312 HOH A O   1 
HETATM 1602 O O   . HOH C 3 .   ? 7.808   2.906   19.493  1.00 33.26 ? 313 HOH A O   1 
HETATM 1603 O O   . HOH C 3 .   ? 10.808  -5.358  -23.251 1.00 26.87 ? 314 HOH A O   1 
HETATM 1604 O O   . HOH C 3 .   ? -0.999  12.463  12.160  1.00 31.21 ? 315 HOH A O   1 
HETATM 1605 O O   . HOH D 3 .   ? -7.160  15.102  -5.740  1.00 39.54 ? 401 HOH B O   1 
HETATM 1606 O O   . HOH D 3 .   ? 11.835  8.799   -5.515  1.00 13.75 ? 402 HOH B O   1 
HETATM 1607 O O   . HOH D 3 .   ? 1.012   14.786  2.298   1.00 18.39 ? 403 HOH B O   1 
HETATM 1608 O O   . HOH D 3 .   ? 5.027   9.066   5.886   1.00 22.22 ? 404 HOH B O   1 
HETATM 1609 O O   . HOH D 3 .   ? -3.055  20.532  -9.309  1.00 23.72 ? 405 HOH B O   1 
HETATM 1610 O O   . HOH D 3 .   ? 2.566   16.782  -8.982  1.00 19.83 ? 406 HOH B O   1 
HETATM 1611 O O   . HOH D 3 .   ? 2.959   14.883  4.474   1.00 29.03 ? 407 HOH B O   1 
HETATM 1612 O O   . HOH D 3 .   ? -6.623  12.241  -9.296  1.00 35.46 ? 408 HOH B O   1 
HETATM 1613 O O   . HOH D 3 .   ? 12.141  6.608   -1.055  1.00 17.31 ? 409 HOH B O   1 
HETATM 1614 O O   . HOH D 3 .   ? -3.973  17.176  -12.257 1.00 31.60 ? 410 HOH B O   1 
HETATM 1615 O O   . HOH D 3 .   ? 5.171   11.088  7.756   1.00 30.76 ? 411 HOH B O   1 
HETATM 1616 O O   . HOH D 3 .   ? 14.525  6.441   0.082   1.00 27.55 ? 412 HOH B O   1 
# 
loop_
_pdbx_poly_seq_scheme.asym_id 
_pdbx_poly_seq_scheme.entity_id 
_pdbx_poly_seq_scheme.seq_id 
_pdbx_poly_seq_scheme.mon_id 
_pdbx_poly_seq_scheme.ndb_seq_num 
_pdbx_poly_seq_scheme.pdb_seq_num 
_pdbx_poly_seq_scheme.auth_seq_num 
_pdbx_poly_seq_scheme.pdb_mon_id 
_pdbx_poly_seq_scheme.auth_mon_id 
_pdbx_poly_seq_scheme.pdb_strand_id 
_pdbx_poly_seq_scheme.pdb_ins_code 
_pdbx_poly_seq_scheme.hetero 
A 1 1   GLY 1   16  ?   ?   ?   A . n 
A 1 2   ALA 2   17  ?   ?   ?   A . n 
A 1 3   MET 3   18  ?   ?   ?   A . n 
A 1 4   GLY 4   19  ?   ?   ?   A . n 
A 1 5   SER 5   20  ?   ?   ?   A . n 
A 1 6   ASN 6   21  21  ASN ASN A . n 
A 1 7   ARG 7   22  22  ARG ARG A . n 
A 1 8   PRO 8   23  23  PRO PRO A . n 
A 1 9   ASN 9   24  24  ASN ASN A . n 
A 1 10  ARG 10  25  25  ARG ARG A . n 
A 1 11  LEU 11  26  26  LEU LEU A . n 
A 1 12  ILE 12  27  27  ILE ILE A . n 
A 1 13  VAL 13  28  28  VAL VAL A . n 
A 1 14  ASP 14  29  29  ASP ASP A . n 
A 1 15  GLU 15  30  30  GLU GLU A . n 
A 1 16  ALA 16  31  31  ALA ALA A . n 
A 1 17  ILE 17  32  32  ILE ILE A . n 
A 1 18  ASN 18  33  33  ASN ASN A . n 
A 1 19  GLU 19  34  34  GLU GLU A . n 
A 1 20  ASP 20  35  35  ASP ASP A . n 
A 1 21  ASN 21  36  36  ASN ASN A . n 
A 1 22  SER 22  37  37  SER SER A . n 
A 1 23  VAL 23  38  38  VAL VAL A . n 
A 1 24  VAL 24  39  39  VAL VAL A . n 
A 1 25  SER 25  40  40  SER SER A . n 
A 1 26  LEU 26  41  41  LEU LEU A . n 
A 1 27  SER 27  42  42  SER SER A . n 
A 1 28  GLN 28  43  43  GLN GLN A . n 
A 1 29  PRO 29  44  44  PRO PRO A . n 
A 1 30  LYS 30  45  45  LYS LYS A . n 
A 1 31  MET 31  46  46  MET MET A . n 
A 1 32  ASP 32  47  47  ASP ASP A . n 
A 1 33  GLU 33  48  48  GLU GLU A . n 
A 1 34  LEU 34  49  49  LEU LEU A . n 
A 1 35  GLN 35  50  50  GLN GLN A . n 
A 1 36  LEU 36  51  51  LEU LEU A . n 
A 1 37  PHE 37  52  52  PHE PHE A . n 
A 1 38  ARG 38  53  53  ARG ARG A . n 
A 1 39  GLY 39  54  54  GLY GLY A . n 
A 1 40  ASP 40  55  55  ASP ASP A . n 
A 1 41  THR 41  56  56  THR THR A . n 
A 1 42  VAL 42  57  57  VAL VAL A . n 
A 1 43  LEU 43  58  58  LEU LEU A . n 
A 1 44  LEU 44  59  59  LEU LEU A . n 
A 1 45  LYS 45  60  60  LYS LYS A . n 
A 1 46  GLY 46  61  61  GLY GLY A . n 
A 1 47  LYS 47  62  62  LYS LYS A . n 
A 1 48  LYS 48  63  63  LYS LYS A . n 
A 1 49  ARG 49  64  64  ARG ARG A . n 
A 1 50  ARG 50  65  65  ARG ARG A . n 
A 1 51  GLU 51  66  66  GLU GLU A . n 
A 1 52  ALA 52  67  67  ALA ALA A . n 
A 1 53  VAL 53  68  68  VAL VAL A . n 
A 1 54  CYS 54  69  69  CYS CYS A . n 
A 1 55  ILE 55  70  70  ILE ILE A . n 
A 1 56  VAL 56  71  71  VAL VAL A . n 
A 1 57  LEU 57  72  72  LEU LEU A . n 
A 1 58  SER 58  73  73  SER SER A . n 
A 1 59  ASP 59  74  74  ASP ASP A . n 
A 1 60  ASP 60  75  75  ASP ASP A . n 
A 1 61  THR 61  76  76  THR THR A . n 
A 1 62  CYS 62  77  77  CYS CYS A . n 
A 1 63  SER 63  78  78  SER SER A . n 
A 1 64  ASP 64  79  79  ASP ASP A . n 
A 1 65  GLU 65  80  80  GLU GLU A . n 
A 1 66  LYS 66  81  81  LYS LYS A . n 
A 1 67  ILE 67  82  82  ILE ILE A . n 
A 1 68  ARG 68  83  83  ARG ARG A . n 
A 1 69  MET 69  84  84  MET MET A . n 
A 1 70  ASN 70  85  85  ASN ASN A . n 
A 1 71  ARG 71  86  86  ARG ARG A . n 
A 1 72  VAL 72  87  87  VAL VAL A . n 
A 1 73  VAL 73  88  88  VAL VAL A . n 
A 1 74  ARG 74  89  89  ARG ARG A . n 
A 1 75  ASN 75  90  90  ASN ASN A . n 
A 1 76  ASN 76  91  91  ASN ASN A . n 
A 1 77  LEU 77  92  92  LEU LEU A . n 
A 1 78  ARG 78  93  93  ARG ARG A . n 
A 1 79  VAL 79  94  94  VAL VAL A . n 
A 1 80  ARG 80  95  95  ARG ARG A . n 
A 1 81  LEU 81  96  96  LEU LEU A . n 
A 1 82  GLY 82  97  97  GLY GLY A . n 
A 1 83  ASP 83  98  98  ASP ASP A . n 
A 1 84  VAL 84  99  99  VAL VAL A . n 
A 1 85  ILE 85  100 100 ILE ILE A . n 
A 1 86  SER 86  101 101 SER SER A . n 
A 1 87  ILE 87  102 102 ILE ILE A . n 
A 1 88  GLN 88  103 103 GLN GLN A . n 
A 1 89  PRO 89  104 104 PRO PRO A . n 
A 1 90  CYS 90  105 105 CYS CYS A . n 
A 1 91  PRO 91  106 106 PRO PRO A . n 
A 1 92  ASP 92  107 107 ASP ASP A . n 
A 1 93  VAL 93  108 108 VAL VAL A . n 
A 1 94  LYS 94  109 109 LYS LYS A . n 
A 1 95  TYR 95  110 110 TYR TYR A . n 
A 1 96  GLY 96  111 111 GLY GLY A . n 
A 1 97  LYS 97  112 112 LYS LYS A . n 
A 1 98  ARG 98  113 113 ARG ARG A . n 
A 1 99  ILE 99  114 114 ILE ILE A . n 
A 1 100 HIS 100 115 115 HIS HIS A . n 
A 1 101 VAL 101 116 116 VAL VAL A . n 
A 1 102 LEU 102 117 117 LEU LEU A . n 
A 1 103 PRO 103 118 118 PRO PRO A . n 
A 1 104 ILE 104 119 119 ILE ILE A . n 
A 1 105 ASP 105 120 120 ASP ASP A . n 
A 1 106 ASP 106 121 121 ASP ASP A . n 
A 1 107 THR 107 122 122 THR THR A . n 
A 1 108 VAL 108 123 123 VAL VAL A . n 
A 1 109 GLU 109 124 124 GLU GLU A . n 
A 1 110 GLY 110 125 125 GLY GLY A . n 
A 1 111 ILE 111 126 126 ILE ILE A . n 
A 1 112 THR 112 127 127 THR THR A . n 
A 1 113 GLY 113 128 128 GLY GLY A . n 
A 1 114 ASN 114 129 129 ASN ASN A . n 
A 1 115 LEU 115 130 130 LEU LEU A . n 
A 1 116 PHE 116 131 131 PHE PHE A . n 
A 1 117 GLU 117 132 132 GLU GLU A . n 
A 1 118 VAL 118 133 133 VAL VAL A . n 
A 1 119 TYR 119 134 134 TYR TYR A . n 
A 1 120 LEU 120 135 135 LEU LEU A . n 
A 1 121 LYS 121 136 136 LYS LYS A . n 
A 1 122 PRO 122 137 137 PRO PRO A . n 
A 1 123 TYR 123 138 138 TYR TYR A . n 
A 1 124 PHE 124 139 139 PHE PHE A . n 
A 1 125 LEU 125 140 140 LEU LEU A . n 
A 1 126 GLU 126 141 141 GLU GLU A . n 
A 1 127 ALA 127 142 142 ALA ALA A . n 
A 1 128 TYR 128 143 143 TYR TYR A . n 
A 1 129 ARG 129 144 144 ARG ARG A . n 
A 1 130 PRO 130 145 145 PRO PRO A . n 
A 1 131 ILE 131 146 146 ILE ILE A . n 
A 1 132 ARG 132 147 147 ARG ARG A . n 
A 1 133 LYS 133 148 148 LYS LYS A . n 
A 1 134 GLY 134 149 149 GLY GLY A . n 
A 1 135 ASP 135 150 150 ASP ASP A . n 
A 1 136 ILE 136 151 151 ILE ILE A . n 
A 1 137 PHE 137 152 152 PHE PHE A . n 
A 1 138 LEU 138 153 153 LEU LEU A . n 
A 1 139 VAL 139 154 154 VAL VAL A . n 
A 1 140 ARG 140 155 155 ARG ARG A . n 
A 1 141 GLY 141 156 156 GLY GLY A . n 
A 1 142 GLY 142 157 157 GLY GLY A . n 
A 1 143 MET 143 158 158 MET MET A . n 
A 1 144 ARG 144 159 159 ARG ARG A . n 
A 1 145 ALA 145 160 160 ALA ALA A . n 
A 1 146 VAL 146 161 161 VAL VAL A . n 
A 1 147 GLU 147 162 162 GLU GLU A . n 
A 1 148 PHE 148 163 163 PHE PHE A . n 
A 1 149 LYS 149 164 164 LYS LYS A . n 
A 1 150 VAL 150 165 165 VAL VAL A . n 
A 1 151 VAL 151 166 166 VAL VAL A . n 
A 1 152 GLU 152 167 167 GLU GLU A . n 
A 1 153 THR 153 168 168 THR THR A . n 
A 1 154 ASP 154 169 169 ASP ASP A . n 
A 1 155 PRO 155 170 170 PRO PRO A . n 
A 1 156 SER 156 171 171 SER SER A . n 
A 1 157 PRO 157 172 172 PRO PRO A . n 
A 1 158 TYR 158 173 173 TYR TYR A . n 
A 1 159 CYS 159 174 174 CYS CYS A . n 
A 1 160 ILE 160 175 175 ILE ILE A . n 
A 1 161 VAL 161 176 176 VAL VAL A . n 
A 1 162 ALA 162 177 177 ALA ALA A . n 
A 1 163 PRO 163 178 178 PRO PRO A . n 
A 1 164 ASP 164 179 179 ASP ASP A . n 
A 1 165 THR 165 180 180 THR THR A . n 
A 1 166 VAL 166 181 181 VAL VAL A . n 
A 1 167 ILE 167 182 182 ILE ILE A . n 
A 1 168 HIS 168 183 183 HIS HIS A . n 
A 1 169 CYS 169 184 184 CYS CYS A . n 
A 1 170 GLU 170 185 185 GLU GLU A . n 
A 1 171 GLY 171 186 186 GLY GLY A . n 
A 1 172 GLU 172 187 187 GLU GLU A . n 
A 1 173 PRO 173 188 188 PRO PRO A . n 
A 1 174 ILE 174 189 189 ILE ILE A . n 
A 1 175 LYS 175 190 190 LYS LYS A . n 
A 1 176 ARG 176 191 ?   ?   ?   A . n 
A 1 177 GLU 177 192 ?   ?   ?   A . n 
A 1 178 ASP 178 193 ?   ?   ?   A . n 
A 1 179 GLU 179 194 ?   ?   ?   A . n 
A 1 180 GLU 180 195 ?   ?   ?   A . n 
A 1 181 GLU 181 196 ?   ?   ?   A . n 
A 1 182 SER 182 197 ?   ?   ?   A . n 
A 1 183 LEU 183 198 ?   ?   ?   A . n 
A 1 184 ASN 184 199 ?   ?   ?   A . n 
B 2 1   SER 1   300 300 SER SER B . n 
B 2 2   PRO 2   301 301 PRO PRO B . n 
B 2 3   GLU 3   302 302 GLU GLU B . n 
B 2 4   GLU 4   303 303 GLU GLU B . n 
B 2 5   MET 5   304 304 MET MET B . n 
B 2 6   ARG 6   305 305 ARG ARG B . n 
B 2 7   ARG 7   306 306 ARG ARG B . n 
B 2 8   GLN 8   307 307 GLN GLN B . n 
B 2 9   ARG 9   308 308 ARG ARG B . n 
B 2 10  LEU 10  309 309 LEU LEU B . n 
B 2 11  HIS 11  310 310 HIS HIS B . n 
B 2 12  ARG 12  311 311 ARG ARG B . n 
B 2 13  PHE 13  312 312 PHE PHE B . n 
B 2 14  ASP 14  313 313 ASP ASP B . n 
B 2 15  SER 15  314 314 SER SER B . n 
# 
loop_
_pdbx_nonpoly_scheme.asym_id 
_pdbx_nonpoly_scheme.entity_id 
_pdbx_nonpoly_scheme.mon_id 
_pdbx_nonpoly_scheme.ndb_seq_num 
_pdbx_nonpoly_scheme.pdb_seq_num 
_pdbx_nonpoly_scheme.auth_seq_num 
_pdbx_nonpoly_scheme.pdb_mon_id 
_pdbx_nonpoly_scheme.auth_mon_id 
_pdbx_nonpoly_scheme.pdb_strand_id 
_pdbx_nonpoly_scheme.pdb_ins_code 
C 3 HOH 1   201 317 HOH HOH A . 
C 3 HOH 2   202 294 HOH HOH A . 
C 3 HOH 3   203 214 HOH HOH A . 
C 3 HOH 4   204 325 HOH HOH A . 
C 3 HOH 5   205 243 HOH HOH A . 
C 3 HOH 6   206 210 HOH HOH A . 
C 3 HOH 7   207 272 HOH HOH A . 
C 3 HOH 8   208 249 HOH HOH A . 
C 3 HOH 9   209 237 HOH HOH A . 
C 3 HOH 10  210 301 HOH HOH A . 
C 3 HOH 11  211 296 HOH HOH A . 
C 3 HOH 12  212 276 HOH HOH A . 
C 3 HOH 13  213 224 HOH HOH A . 
C 3 HOH 14  214 302 HOH HOH A . 
C 3 HOH 15  215 217 HOH HOH A . 
C 3 HOH 16  216 326 HOH HOH A . 
C 3 HOH 17  217 245 HOH HOH A . 
C 3 HOH 18  218 313 HOH HOH A . 
C 3 HOH 19  219 203 HOH HOH A . 
C 3 HOH 20  220 246 HOH HOH A . 
C 3 HOH 21  221 202 HOH HOH A . 
C 3 HOH 22  222 327 HOH HOH A . 
C 3 HOH 23  223 241 HOH HOH A . 
C 3 HOH 24  224 266 HOH HOH A . 
C 3 HOH 25  225 305 HOH HOH A . 
C 3 HOH 26  226 225 HOH HOH A . 
C 3 HOH 27  227 295 HOH HOH A . 
C 3 HOH 28  228 316 HOH HOH A . 
C 3 HOH 29  229 283 HOH HOH A . 
C 3 HOH 30  230 250 HOH HOH A . 
C 3 HOH 31  231 248 HOH HOH A . 
C 3 HOH 32  232 244 HOH HOH A . 
C 3 HOH 33  233 289 HOH HOH A . 
C 3 HOH 34  234 207 HOH HOH A . 
C 3 HOH 35  235 209 HOH HOH A . 
C 3 HOH 36  236 227 HOH HOH A . 
C 3 HOH 37  237 239 HOH HOH A . 
C 3 HOH 38  238 215 HOH HOH A . 
C 3 HOH 39  239 263 HOH HOH A . 
C 3 HOH 40  240 236 HOH HOH A . 
C 3 HOH 41  241 257 HOH HOH A . 
C 3 HOH 42  242 254 HOH HOH A . 
C 3 HOH 43  243 278 HOH HOH A . 
C 3 HOH 44  244 281 HOH HOH A . 
C 3 HOH 45  245 201 HOH HOH A . 
C 3 HOH 46  246 271 HOH HOH A . 
C 3 HOH 47  247 300 HOH HOH A . 
C 3 HOH 48  248 297 HOH HOH A . 
C 3 HOH 49  249 228 HOH HOH A . 
C 3 HOH 50  250 206 HOH HOH A . 
C 3 HOH 51  251 219 HOH HOH A . 
C 3 HOH 52  252 270 HOH HOH A . 
C 3 HOH 53  253 265 HOH HOH A . 
C 3 HOH 54  254 247 HOH HOH A . 
C 3 HOH 55  255 282 HOH HOH A . 
C 3 HOH 56  256 275 HOH HOH A . 
C 3 HOH 57  257 261 HOH HOH A . 
C 3 HOH 58  258 322 HOH HOH A . 
C 3 HOH 59  259 299 HOH HOH A . 
C 3 HOH 60  260 286 HOH HOH A . 
C 3 HOH 61  261 285 HOH HOH A . 
C 3 HOH 62  262 256 HOH HOH A . 
C 3 HOH 63  263 230 HOH HOH A . 
C 3 HOH 64  264 216 HOH HOH A . 
C 3 HOH 65  265 235 HOH HOH A . 
C 3 HOH 66  266 205 HOH HOH A . 
C 3 HOH 67  267 311 HOH HOH A . 
C 3 HOH 68  268 314 HOH HOH A . 
C 3 HOH 69  269 321 HOH HOH A . 
C 3 HOH 70  270 290 HOH HOH A . 
C 3 HOH 71  271 211 HOH HOH A . 
C 3 HOH 72  272 307 HOH HOH A . 
C 3 HOH 73  273 259 HOH HOH A . 
C 3 HOH 74  274 287 HOH HOH A . 
C 3 HOH 75  275 298 HOH HOH A . 
C 3 HOH 76  276 267 HOH HOH A . 
C 3 HOH 77  277 223 HOH HOH A . 
C 3 HOH 78  278 284 HOH HOH A . 
C 3 HOH 79  279 273 HOH HOH A . 
C 3 HOH 80  280 260 HOH HOH A . 
C 3 HOH 81  281 268 HOH HOH A . 
C 3 HOH 82  282 233 HOH HOH A . 
C 3 HOH 83  283 234 HOH HOH A . 
C 3 HOH 84  284 238 HOH HOH A . 
C 3 HOH 85  285 253 HOH HOH A . 
C 3 HOH 86  286 303 HOH HOH A . 
C 3 HOH 87  287 240 HOH HOH A . 
C 3 HOH 88  288 204 HOH HOH A . 
C 3 HOH 89  289 218 HOH HOH A . 
C 3 HOH 90  290 252 HOH HOH A . 
C 3 HOH 91  291 221 HOH HOH A . 
C 3 HOH 92  292 229 HOH HOH A . 
C 3 HOH 93  293 220 HOH HOH A . 
C 3 HOH 94  294 312 HOH HOH A . 
C 3 HOH 95  295 280 HOH HOH A . 
C 3 HOH 96  296 306 HOH HOH A . 
C 3 HOH 97  297 308 HOH HOH A . 
C 3 HOH 98  298 208 HOH HOH A . 
C 3 HOH 99  299 293 HOH HOH A . 
C 3 HOH 100 300 274 HOH HOH A . 
C 3 HOH 101 301 292 HOH HOH A . 
C 3 HOH 102 302 269 HOH HOH A . 
C 3 HOH 103 303 304 HOH HOH A . 
C 3 HOH 104 304 226 HOH HOH A . 
C 3 HOH 105 305 232 HOH HOH A . 
C 3 HOH 106 306 318 HOH HOH A . 
C 3 HOH 107 307 309 HOH HOH A . 
C 3 HOH 108 308 310 HOH HOH A . 
C 3 HOH 109 309 291 HOH HOH A . 
C 3 HOH 110 310 255 HOH HOH A . 
C 3 HOH 111 311 277 HOH HOH A . 
C 3 HOH 112 312 323 HOH HOH A . 
C 3 HOH 113 313 320 HOH HOH A . 
C 3 HOH 114 314 319 HOH HOH A . 
C 3 HOH 115 315 288 HOH HOH A . 
D 3 HOH 1   401 212 HOH HOH B . 
D 3 HOH 2   402 231 HOH HOH B . 
D 3 HOH 3   403 264 HOH HOH B . 
D 3 HOH 4   404 213 HOH HOH B . 
D 3 HOH 5   405 258 HOH HOH B . 
D 3 HOH 6   406 251 HOH HOH B . 
D 3 HOH 7   407 262 HOH HOH B . 
D 3 HOH 8   408 222 HOH HOH B . 
D 3 HOH 9   409 242 HOH HOH B . 
D 3 HOH 10  410 315 HOH HOH B . 
D 3 HOH 11  411 324 HOH HOH B . 
D 3 HOH 12  412 279 HOH HOH B . 
# 
_pdbx_struct_assembly.id                   1 
_pdbx_struct_assembly.details              author_and_software_defined_assembly 
_pdbx_struct_assembly.method_details       PISA 
_pdbx_struct_assembly.oligomeric_details   dimeric 
_pdbx_struct_assembly.oligomeric_count     2 
# 
_pdbx_struct_assembly_gen.assembly_id       1 
_pdbx_struct_assembly_gen.oper_expression   1 
_pdbx_struct_assembly_gen.asym_id_list      A,B,C,D 
# 
loop_
_pdbx_struct_assembly_prop.biol_id 
_pdbx_struct_assembly_prop.type 
_pdbx_struct_assembly_prop.value 
_pdbx_struct_assembly_prop.details 
1 'ABSA (A^2)' 1300 ? 
1 MORE         0    ? 
1 'SSA (A^2)'  9870 ? 
# 
_pdbx_struct_oper_list.id                   1 
_pdbx_struct_oper_list.type                 'identity operation' 
_pdbx_struct_oper_list.name                 1_555 
_pdbx_struct_oper_list.symmetry_operation   x,y,z 
_pdbx_struct_oper_list.matrix[1][1]         1.0000000000 
_pdbx_struct_oper_list.matrix[1][2]         0.0000000000 
_pdbx_struct_oper_list.matrix[1][3]         0.0000000000 
_pdbx_struct_oper_list.vector[1]            0.0000000000 
_pdbx_struct_oper_list.matrix[2][1]         0.0000000000 
_pdbx_struct_oper_list.matrix[2][2]         1.0000000000 
_pdbx_struct_oper_list.matrix[2][3]         0.0000000000 
_pdbx_struct_oper_list.vector[2]            0.0000000000 
_pdbx_struct_oper_list.matrix[3][1]         0.0000000000 
_pdbx_struct_oper_list.matrix[3][2]         0.0000000000 
_pdbx_struct_oper_list.matrix[3][3]         1.0000000000 
_pdbx_struct_oper_list.vector[3]            0.0000000000 
# 
loop_
_pdbx_audit_revision_history.ordinal 
_pdbx_audit_revision_history.data_content_type 
_pdbx_audit_revision_history.major_revision 
_pdbx_audit_revision_history.minor_revision 
_pdbx_audit_revision_history.revision_date 
1 'Structure model' 1 0 2016-09-14 
2 'Structure model' 1 1 2016-11-09 
3 'Structure model' 1 2 2023-11-08 
# 
_pdbx_audit_revision_details.ordinal             1 
_pdbx_audit_revision_details.revision_ordinal    1 
_pdbx_audit_revision_details.data_content_type   'Structure model' 
_pdbx_audit_revision_details.provider            repository 
_pdbx_audit_revision_details.type                'Initial release' 
_pdbx_audit_revision_details.description         ? 
_pdbx_audit_revision_details.details             ? 
# 
loop_
_pdbx_audit_revision_group.ordinal 
_pdbx_audit_revision_group.revision_ordinal 
_pdbx_audit_revision_group.data_content_type 
_pdbx_audit_revision_group.group 
1 2 'Structure model' 'Database references'    
2 2 'Structure model' 'Structure summary'      
3 3 'Structure model' 'Data collection'        
4 3 'Structure model' 'Database references'    
5 3 'Structure model' 'Derived calculations'   
6 3 'Structure model' 'Refinement description' 
# 
loop_
_pdbx_audit_revision_category.ordinal 
_pdbx_audit_revision_category.revision_ordinal 
_pdbx_audit_revision_category.data_content_type 
_pdbx_audit_revision_category.category 
1 3 'Structure model' chem_comp_atom                
2 3 'Structure model' chem_comp_bond                
3 3 'Structure model' database_2                    
4 3 'Structure model' pdbx_initial_refinement_model 
5 3 'Structure model' pdbx_struct_oper_list         
# 
loop_
_pdbx_audit_revision_item.ordinal 
_pdbx_audit_revision_item.revision_ordinal 
_pdbx_audit_revision_item.data_content_type 
_pdbx_audit_revision_item.item 
1 3 'Structure model' '_database_2.pdbx_DOI'                      
2 3 'Structure model' '_database_2.pdbx_database_accession'       
3 3 'Structure model' '_pdbx_struct_oper_list.symmetry_operation' 
# 
loop_
_software.citation_id 
_software.classification 
_software.compiler_name 
_software.compiler_version 
_software.contact_author 
_software.contact_author_email 
_software.date 
_software.description 
_software.dependencies 
_software.hardware 
_software.language 
_software.location 
_software.mods 
_software.name 
_software.os 
_software.os_version 
_software.type 
_software.version 
_software.pdbx_ordinal 
? refinement        ? ? ? ? ? ? ? ? ? ? ? PHENIX   ? ? ? 1.10.1_2155 1 
? 'model building'  ? ? ? ? ? ? ? ? ? ? ? Coot     ? ? ? .           2 
? 'data processing' ? ? ? ? ? ? ? ? ? ? ? HKL-2000 ? ? ? .           3 
? phasing           ? ? ? ? ? ? ? ? ? ? ? MOLREP   ? ? ? .           4 
# 
_pdbx_validate_close_contact.id               1 
_pdbx_validate_close_contact.PDB_model_num    1 
_pdbx_validate_close_contact.auth_atom_id_1   OE1 
_pdbx_validate_close_contact.auth_asym_id_1   B 
_pdbx_validate_close_contact.auth_comp_id_1   GLU 
_pdbx_validate_close_contact.auth_seq_id_1    303 
_pdbx_validate_close_contact.PDB_ins_code_1   ? 
_pdbx_validate_close_contact.label_alt_id_1   ? 
_pdbx_validate_close_contact.auth_atom_id_2   O 
_pdbx_validate_close_contact.auth_asym_id_2   B 
_pdbx_validate_close_contact.auth_comp_id_2   HOH 
_pdbx_validate_close_contact.auth_seq_id_2    401 
_pdbx_validate_close_contact.PDB_ins_code_2   ? 
_pdbx_validate_close_contact.label_alt_id_2   ? 
_pdbx_validate_close_contact.dist             2.18 
# 
_pdbx_validate_torsion.id              1 
_pdbx_validate_torsion.PDB_model_num   1 
_pdbx_validate_torsion.auth_comp_id    ASP 
_pdbx_validate_torsion.auth_asym_id    B 
_pdbx_validate_torsion.auth_seq_id     313 
_pdbx_validate_torsion.PDB_ins_code    ? 
_pdbx_validate_torsion.label_alt_id    ? 
_pdbx_validate_torsion.phi             -145.65 
_pdbx_validate_torsion.psi             15.96 
# 
_pdbx_validate_main_chain_plane.id                       1 
_pdbx_validate_main_chain_plane.PDB_model_num            1 
_pdbx_validate_main_chain_plane.auth_comp_id             GLU 
_pdbx_validate_main_chain_plane.auth_asym_id             A 
_pdbx_validate_main_chain_plane.auth_seq_id              187 
_pdbx_validate_main_chain_plane.PDB_ins_code             ? 
_pdbx_validate_main_chain_plane.label_alt_id             ? 
_pdbx_validate_main_chain_plane.improper_torsion_angle   -10.16 
# 
loop_
_pdbx_unobs_or_zero_occ_residues.id 
_pdbx_unobs_or_zero_occ_residues.PDB_model_num 
_pdbx_unobs_or_zero_occ_residues.polymer_flag 
_pdbx_unobs_or_zero_occ_residues.occupancy_flag 
_pdbx_unobs_or_zero_occ_residues.auth_asym_id 
_pdbx_unobs_or_zero_occ_residues.auth_comp_id 
_pdbx_unobs_or_zero_occ_residues.auth_seq_id 
_pdbx_unobs_or_zero_occ_residues.PDB_ins_code 
_pdbx_unobs_or_zero_occ_residues.label_asym_id 
_pdbx_unobs_or_zero_occ_residues.label_comp_id 
_pdbx_unobs_or_zero_occ_residues.label_seq_id 
1  1 Y 1 A GLY 16  ? A GLY 1   
2  1 Y 1 A ALA 17  ? A ALA 2   
3  1 Y 1 A MET 18  ? A MET 3   
4  1 Y 1 A GLY 19  ? A GLY 4   
5  1 Y 1 A SER 20  ? A SER 5   
6  1 Y 1 A ARG 191 ? A ARG 176 
7  1 Y 1 A GLU 192 ? A GLU 177 
8  1 Y 1 A ASP 193 ? A ASP 178 
9  1 Y 1 A GLU 194 ? A GLU 179 
10 1 Y 1 A GLU 195 ? A GLU 180 
11 1 Y 1 A GLU 196 ? A GLU 181 
12 1 Y 1 A SER 197 ? A SER 182 
13 1 Y 1 A LEU 198 ? A LEU 183 
14 1 Y 1 A ASN 199 ? A ASN 184 
# 
loop_
_chem_comp_atom.comp_id 
_chem_comp_atom.atom_id 
_chem_comp_atom.type_symbol 
_chem_comp_atom.pdbx_aromatic_flag 
_chem_comp_atom.pdbx_stereo_config 
_chem_comp_atom.pdbx_ordinal 
ALA N    N N N 1   
ALA CA   C N S 2   
ALA C    C N N 3   
ALA O    O N N 4   
ALA CB   C N N 5   
ALA OXT  O N N 6   
ALA H    H N N 7   
ALA H2   H N N 8   
ALA HA   H N N 9   
ALA HB1  H N N 10  
ALA HB2  H N N 11  
ALA HB3  H N N 12  
ALA HXT  H N N 13  
ARG N    N N N 14  
ARG CA   C N S 15  
ARG C    C N N 16  
ARG O    O N N 17  
ARG CB   C N N 18  
ARG CG   C N N 19  
ARG CD   C N N 20  
ARG NE   N N N 21  
ARG CZ   C N N 22  
ARG NH1  N N N 23  
ARG NH2  N N N 24  
ARG OXT  O N N 25  
ARG H    H N N 26  
ARG H2   H N N 27  
ARG HA   H N N 28  
ARG HB2  H N N 29  
ARG HB3  H N N 30  
ARG HG2  H N N 31  
ARG HG3  H N N 32  
ARG HD2  H N N 33  
ARG HD3  H N N 34  
ARG HE   H N N 35  
ARG HH11 H N N 36  
ARG HH12 H N N 37  
ARG HH21 H N N 38  
ARG HH22 H N N 39  
ARG HXT  H N N 40  
ASN N    N N N 41  
ASN CA   C N S 42  
ASN C    C N N 43  
ASN O    O N N 44  
ASN CB   C N N 45  
ASN CG   C N N 46  
ASN OD1  O N N 47  
ASN ND2  N N N 48  
ASN OXT  O N N 49  
ASN H    H N N 50  
ASN H2   H N N 51  
ASN HA   H N N 52  
ASN HB2  H N N 53  
ASN HB3  H N N 54  
ASN HD21 H N N 55  
ASN HD22 H N N 56  
ASN HXT  H N N 57  
ASP N    N N N 58  
ASP CA   C N S 59  
ASP C    C N N 60  
ASP O    O N N 61  
ASP CB   C N N 62  
ASP CG   C N N 63  
ASP OD1  O N N 64  
ASP OD2  O N N 65  
ASP OXT  O N N 66  
ASP H    H N N 67  
ASP H2   H N N 68  
ASP HA   H N N 69  
ASP HB2  H N N 70  
ASP HB3  H N N 71  
ASP HD2  H N N 72  
ASP HXT  H N N 73  
CYS N    N N N 74  
CYS CA   C N R 75  
CYS C    C N N 76  
CYS O    O N N 77  
CYS CB   C N N 78  
CYS SG   S N N 79  
CYS OXT  O N N 80  
CYS H    H N N 81  
CYS H2   H N N 82  
CYS HA   H N N 83  
CYS HB2  H N N 84  
CYS HB3  H N N 85  
CYS HG   H N N 86  
CYS HXT  H N N 87  
GLN N    N N N 88  
GLN CA   C N S 89  
GLN C    C N N 90  
GLN O    O N N 91  
GLN CB   C N N 92  
GLN CG   C N N 93  
GLN CD   C N N 94  
GLN OE1  O N N 95  
GLN NE2  N N N 96  
GLN OXT  O N N 97  
GLN H    H N N 98  
GLN H2   H N N 99  
GLN HA   H N N 100 
GLN HB2  H N N 101 
GLN HB3  H N N 102 
GLN HG2  H N N 103 
GLN HG3  H N N 104 
GLN HE21 H N N 105 
GLN HE22 H N N 106 
GLN HXT  H N N 107 
GLU N    N N N 108 
GLU CA   C N S 109 
GLU C    C N N 110 
GLU O    O N N 111 
GLU CB   C N N 112 
GLU CG   C N N 113 
GLU CD   C N N 114 
GLU OE1  O N N 115 
GLU OE2  O N N 116 
GLU OXT  O N N 117 
GLU H    H N N 118 
GLU H2   H N N 119 
GLU HA   H N N 120 
GLU HB2  H N N 121 
GLU HB3  H N N 122 
GLU HG2  H N N 123 
GLU HG3  H N N 124 
GLU HE2  H N N 125 
GLU HXT  H N N 126 
GLY N    N N N 127 
GLY CA   C N N 128 
GLY C    C N N 129 
GLY O    O N N 130 
GLY OXT  O N N 131 
GLY H    H N N 132 
GLY H2   H N N 133 
GLY HA2  H N N 134 
GLY HA3  H N N 135 
GLY HXT  H N N 136 
HIS N    N N N 137 
HIS CA   C N S 138 
HIS C    C N N 139 
HIS O    O N N 140 
HIS CB   C N N 141 
HIS CG   C Y N 142 
HIS ND1  N Y N 143 
HIS CD2  C Y N 144 
HIS CE1  C Y N 145 
HIS NE2  N Y N 146 
HIS OXT  O N N 147 
HIS H    H N N 148 
HIS H2   H N N 149 
HIS HA   H N N 150 
HIS HB2  H N N 151 
HIS HB3  H N N 152 
HIS HD1  H N N 153 
HIS HD2  H N N 154 
HIS HE1  H N N 155 
HIS HE2  H N N 156 
HIS HXT  H N N 157 
HOH O    O N N 158 
HOH H1   H N N 159 
HOH H2   H N N 160 
ILE N    N N N 161 
ILE CA   C N S 162 
ILE C    C N N 163 
ILE O    O N N 164 
ILE CB   C N S 165 
ILE CG1  C N N 166 
ILE CG2  C N N 167 
ILE CD1  C N N 168 
ILE OXT  O N N 169 
ILE H    H N N 170 
ILE H2   H N N 171 
ILE HA   H N N 172 
ILE HB   H N N 173 
ILE HG12 H N N 174 
ILE HG13 H N N 175 
ILE HG21 H N N 176 
ILE HG22 H N N 177 
ILE HG23 H N N 178 
ILE HD11 H N N 179 
ILE HD12 H N N 180 
ILE HD13 H N N 181 
ILE HXT  H N N 182 
LEU N    N N N 183 
LEU CA   C N S 184 
LEU C    C N N 185 
LEU O    O N N 186 
LEU CB   C N N 187 
LEU CG   C N N 188 
LEU CD1  C N N 189 
LEU CD2  C N N 190 
LEU OXT  O N N 191 
LEU H    H N N 192 
LEU H2   H N N 193 
LEU HA   H N N 194 
LEU HB2  H N N 195 
LEU HB3  H N N 196 
LEU HG   H N N 197 
LEU HD11 H N N 198 
LEU HD12 H N N 199 
LEU HD13 H N N 200 
LEU HD21 H N N 201 
LEU HD22 H N N 202 
LEU HD23 H N N 203 
LEU HXT  H N N 204 
LYS N    N N N 205 
LYS CA   C N S 206 
LYS C    C N N 207 
LYS O    O N N 208 
LYS CB   C N N 209 
LYS CG   C N N 210 
LYS CD   C N N 211 
LYS CE   C N N 212 
LYS NZ   N N N 213 
LYS OXT  O N N 214 
LYS H    H N N 215 
LYS H2   H N N 216 
LYS HA   H N N 217 
LYS HB2  H N N 218 
LYS HB3  H N N 219 
LYS HG2  H N N 220 
LYS HG3  H N N 221 
LYS HD2  H N N 222 
LYS HD3  H N N 223 
LYS HE2  H N N 224 
LYS HE3  H N N 225 
LYS HZ1  H N N 226 
LYS HZ2  H N N 227 
LYS HZ3  H N N 228 
LYS HXT  H N N 229 
MET N    N N N 230 
MET CA   C N S 231 
MET C    C N N 232 
MET O    O N N 233 
MET CB   C N N 234 
MET CG   C N N 235 
MET SD   S N N 236 
MET CE   C N N 237 
MET OXT  O N N 238 
MET H    H N N 239 
MET H2   H N N 240 
MET HA   H N N 241 
MET HB2  H N N 242 
MET HB3  H N N 243 
MET HG2  H N N 244 
MET HG3  H N N 245 
MET HE1  H N N 246 
MET HE2  H N N 247 
MET HE3  H N N 248 
MET HXT  H N N 249 
PHE N    N N N 250 
PHE CA   C N S 251 
PHE C    C N N 252 
PHE O    O N N 253 
PHE CB   C N N 254 
PHE CG   C Y N 255 
PHE CD1  C Y N 256 
PHE CD2  C Y N 257 
PHE CE1  C Y N 258 
PHE CE2  C Y N 259 
PHE CZ   C Y N 260 
PHE OXT  O N N 261 
PHE H    H N N 262 
PHE H2   H N N 263 
PHE HA   H N N 264 
PHE HB2  H N N 265 
PHE HB3  H N N 266 
PHE HD1  H N N 267 
PHE HD2  H N N 268 
PHE HE1  H N N 269 
PHE HE2  H N N 270 
PHE HZ   H N N 271 
PHE HXT  H N N 272 
PRO N    N N N 273 
PRO CA   C N S 274 
PRO C    C N N 275 
PRO O    O N N 276 
PRO CB   C N N 277 
PRO CG   C N N 278 
PRO CD   C N N 279 
PRO OXT  O N N 280 
PRO H    H N N 281 
PRO HA   H N N 282 
PRO HB2  H N N 283 
PRO HB3  H N N 284 
PRO HG2  H N N 285 
PRO HG3  H N N 286 
PRO HD2  H N N 287 
PRO HD3  H N N 288 
PRO HXT  H N N 289 
SER N    N N N 290 
SER CA   C N S 291 
SER C    C N N 292 
SER O    O N N 293 
SER CB   C N N 294 
SER OG   O N N 295 
SER OXT  O N N 296 
SER H    H N N 297 
SER H2   H N N 298 
SER HA   H N N 299 
SER HB2  H N N 300 
SER HB3  H N N 301 
SER HG   H N N 302 
SER HXT  H N N 303 
THR N    N N N 304 
THR CA   C N S 305 
THR C    C N N 306 
THR O    O N N 307 
THR CB   C N R 308 
THR OG1  O N N 309 
THR CG2  C N N 310 
THR OXT  O N N 311 
THR H    H N N 312 
THR H2   H N N 313 
THR HA   H N N 314 
THR HB   H N N 315 
THR HG1  H N N 316 
THR HG21 H N N 317 
THR HG22 H N N 318 
THR HG23 H N N 319 
THR HXT  H N N 320 
TYR N    N N N 321 
TYR CA   C N S 322 
TYR C    C N N 323 
TYR O    O N N 324 
TYR CB   C N N 325 
TYR CG   C Y N 326 
TYR CD1  C Y N 327 
TYR CD2  C Y N 328 
TYR CE1  C Y N 329 
TYR CE2  C Y N 330 
TYR CZ   C Y N 331 
TYR OH   O N N 332 
TYR OXT  O N N 333 
TYR H    H N N 334 
TYR H2   H N N 335 
TYR HA   H N N 336 
TYR HB2  H N N 337 
TYR HB3  H N N 338 
TYR HD1  H N N 339 
TYR HD2  H N N 340 
TYR HE1  H N N 341 
TYR HE2  H N N 342 
TYR HH   H N N 343 
TYR HXT  H N N 344 
VAL N    N N N 345 
VAL CA   C N S 346 
VAL C    C N N 347 
VAL O    O N N 348 
VAL CB   C N N 349 
VAL CG1  C N N 350 
VAL CG2  C N N 351 
VAL OXT  O N N 352 
VAL H    H N N 353 
VAL H2   H N N 354 
VAL HA   H N N 355 
VAL HB   H N N 356 
VAL HG11 H N N 357 
VAL HG12 H N N 358 
VAL HG13 H N N 359 
VAL HG21 H N N 360 
VAL HG22 H N N 361 
VAL HG23 H N N 362 
VAL HXT  H N N 363 
# 
loop_
_chem_comp_bond.comp_id 
_chem_comp_bond.atom_id_1 
_chem_comp_bond.atom_id_2 
_chem_comp_bond.value_order 
_chem_comp_bond.pdbx_aromatic_flag 
_chem_comp_bond.pdbx_stereo_config 
_chem_comp_bond.pdbx_ordinal 
ALA N   CA   sing N N 1   
ALA N   H    sing N N 2   
ALA N   H2   sing N N 3   
ALA CA  C    sing N N 4   
ALA CA  CB   sing N N 5   
ALA CA  HA   sing N N 6   
ALA C   O    doub N N 7   
ALA C   OXT  sing N N 8   
ALA CB  HB1  sing N N 9   
ALA CB  HB2  sing N N 10  
ALA CB  HB3  sing N N 11  
ALA OXT HXT  sing N N 12  
ARG N   CA   sing N N 13  
ARG N   H    sing N N 14  
ARG N   H2   sing N N 15  
ARG CA  C    sing N N 16  
ARG CA  CB   sing N N 17  
ARG CA  HA   sing N N 18  
ARG C   O    doub N N 19  
ARG C   OXT  sing N N 20  
ARG CB  CG   sing N N 21  
ARG CB  HB2  sing N N 22  
ARG CB  HB3  sing N N 23  
ARG CG  CD   sing N N 24  
ARG CG  HG2  sing N N 25  
ARG CG  HG3  sing N N 26  
ARG CD  NE   sing N N 27  
ARG CD  HD2  sing N N 28  
ARG CD  HD3  sing N N 29  
ARG NE  CZ   sing N N 30  
ARG NE  HE   sing N N 31  
ARG CZ  NH1  sing N N 32  
ARG CZ  NH2  doub N N 33  
ARG NH1 HH11 sing N N 34  
ARG NH1 HH12 sing N N 35  
ARG NH2 HH21 sing N N 36  
ARG NH2 HH22 sing N N 37  
ARG OXT HXT  sing N N 38  
ASN N   CA   sing N N 39  
ASN N   H    sing N N 40  
ASN N   H2   sing N N 41  
ASN CA  C    sing N N 42  
ASN CA  CB   sing N N 43  
ASN CA  HA   sing N N 44  
ASN C   O    doub N N 45  
ASN C   OXT  sing N N 46  
ASN CB  CG   sing N N 47  
ASN CB  HB2  sing N N 48  
ASN CB  HB3  sing N N 49  
ASN CG  OD1  doub N N 50  
ASN CG  ND2  sing N N 51  
ASN ND2 HD21 sing N N 52  
ASN ND2 HD22 sing N N 53  
ASN OXT HXT  sing N N 54  
ASP N   CA   sing N N 55  
ASP N   H    sing N N 56  
ASP N   H2   sing N N 57  
ASP CA  C    sing N N 58  
ASP CA  CB   sing N N 59  
ASP CA  HA   sing N N 60  
ASP C   O    doub N N 61  
ASP C   OXT  sing N N 62  
ASP CB  CG   sing N N 63  
ASP CB  HB2  sing N N 64  
ASP CB  HB3  sing N N 65  
ASP CG  OD1  doub N N 66  
ASP CG  OD2  sing N N 67  
ASP OD2 HD2  sing N N 68  
ASP OXT HXT  sing N N 69  
CYS N   CA   sing N N 70  
CYS N   H    sing N N 71  
CYS N   H2   sing N N 72  
CYS CA  C    sing N N 73  
CYS CA  CB   sing N N 74  
CYS CA  HA   sing N N 75  
CYS C   O    doub N N 76  
CYS C   OXT  sing N N 77  
CYS CB  SG   sing N N 78  
CYS CB  HB2  sing N N 79  
CYS CB  HB3  sing N N 80  
CYS SG  HG   sing N N 81  
CYS OXT HXT  sing N N 82  
GLN N   CA   sing N N 83  
GLN N   H    sing N N 84  
GLN N   H2   sing N N 85  
GLN CA  C    sing N N 86  
GLN CA  CB   sing N N 87  
GLN CA  HA   sing N N 88  
GLN C   O    doub N N 89  
GLN C   OXT  sing N N 90  
GLN CB  CG   sing N N 91  
GLN CB  HB2  sing N N 92  
GLN CB  HB3  sing N N 93  
GLN CG  CD   sing N N 94  
GLN CG  HG2  sing N N 95  
GLN CG  HG3  sing N N 96  
GLN CD  OE1  doub N N 97  
GLN CD  NE2  sing N N 98  
GLN NE2 HE21 sing N N 99  
GLN NE2 HE22 sing N N 100 
GLN OXT HXT  sing N N 101 
GLU N   CA   sing N N 102 
GLU N   H    sing N N 103 
GLU N   H2   sing N N 104 
GLU CA  C    sing N N 105 
GLU CA  CB   sing N N 106 
GLU CA  HA   sing N N 107 
GLU C   O    doub N N 108 
GLU C   OXT  sing N N 109 
GLU CB  CG   sing N N 110 
GLU CB  HB2  sing N N 111 
GLU CB  HB3  sing N N 112 
GLU CG  CD   sing N N 113 
GLU CG  HG2  sing N N 114 
GLU CG  HG3  sing N N 115 
GLU CD  OE1  doub N N 116 
GLU CD  OE2  sing N N 117 
GLU OE2 HE2  sing N N 118 
GLU OXT HXT  sing N N 119 
GLY N   CA   sing N N 120 
GLY N   H    sing N N 121 
GLY N   H2   sing N N 122 
GLY CA  C    sing N N 123 
GLY CA  HA2  sing N N 124 
GLY CA  HA3  sing N N 125 
GLY C   O    doub N N 126 
GLY C   OXT  sing N N 127 
GLY OXT HXT  sing N N 128 
HIS N   CA   sing N N 129 
HIS N   H    sing N N 130 
HIS N   H2   sing N N 131 
HIS CA  C    sing N N 132 
HIS CA  CB   sing N N 133 
HIS CA  HA   sing N N 134 
HIS C   O    doub N N 135 
HIS C   OXT  sing N N 136 
HIS CB  CG   sing N N 137 
HIS CB  HB2  sing N N 138 
HIS CB  HB3  sing N N 139 
HIS CG  ND1  sing Y N 140 
HIS CG  CD2  doub Y N 141 
HIS ND1 CE1  doub Y N 142 
HIS ND1 HD1  sing N N 143 
HIS CD2 NE2  sing Y N 144 
HIS CD2 HD2  sing N N 145 
HIS CE1 NE2  sing Y N 146 
HIS CE1 HE1  sing N N 147 
HIS NE2 HE2  sing N N 148 
HIS OXT HXT  sing N N 149 
HOH O   H1   sing N N 150 
HOH O   H2   sing N N 151 
ILE N   CA   sing N N 152 
ILE N   H    sing N N 153 
ILE N   H2   sing N N 154 
ILE CA  C    sing N N 155 
ILE CA  CB   sing N N 156 
ILE CA  HA   sing N N 157 
ILE C   O    doub N N 158 
ILE C   OXT  sing N N 159 
ILE CB  CG1  sing N N 160 
ILE CB  CG2  sing N N 161 
ILE CB  HB   sing N N 162 
ILE CG1 CD1  sing N N 163 
ILE CG1 HG12 sing N N 164 
ILE CG1 HG13 sing N N 165 
ILE CG2 HG21 sing N N 166 
ILE CG2 HG22 sing N N 167 
ILE CG2 HG23 sing N N 168 
ILE CD1 HD11 sing N N 169 
ILE CD1 HD12 sing N N 170 
ILE CD1 HD13 sing N N 171 
ILE OXT HXT  sing N N 172 
LEU N   CA   sing N N 173 
LEU N   H    sing N N 174 
LEU N   H2   sing N N 175 
LEU CA  C    sing N N 176 
LEU CA  CB   sing N N 177 
LEU CA  HA   sing N N 178 
LEU C   O    doub N N 179 
LEU C   OXT  sing N N 180 
LEU CB  CG   sing N N 181 
LEU CB  HB2  sing N N 182 
LEU CB  HB3  sing N N 183 
LEU CG  CD1  sing N N 184 
LEU CG  CD2  sing N N 185 
LEU CG  HG   sing N N 186 
LEU CD1 HD11 sing N N 187 
LEU CD1 HD12 sing N N 188 
LEU CD1 HD13 sing N N 189 
LEU CD2 HD21 sing N N 190 
LEU CD2 HD22 sing N N 191 
LEU CD2 HD23 sing N N 192 
LEU OXT HXT  sing N N 193 
LYS N   CA   sing N N 194 
LYS N   H    sing N N 195 
LYS N   H2   sing N N 196 
LYS CA  C    sing N N 197 
LYS CA  CB   sing N N 198 
LYS CA  HA   sing N N 199 
LYS C   O    doub N N 200 
LYS C   OXT  sing N N 201 
LYS CB  CG   sing N N 202 
LYS CB  HB2  sing N N 203 
LYS CB  HB3  sing N N 204 
LYS CG  CD   sing N N 205 
LYS CG  HG2  sing N N 206 
LYS CG  HG3  sing N N 207 
LYS CD  CE   sing N N 208 
LYS CD  HD2  sing N N 209 
LYS CD  HD3  sing N N 210 
LYS CE  NZ   sing N N 211 
LYS CE  HE2  sing N N 212 
LYS CE  HE3  sing N N 213 
LYS NZ  HZ1  sing N N 214 
LYS NZ  HZ2  sing N N 215 
LYS NZ  HZ3  sing N N 216 
LYS OXT HXT  sing N N 217 
MET N   CA   sing N N 218 
MET N   H    sing N N 219 
MET N   H2   sing N N 220 
MET CA  C    sing N N 221 
MET CA  CB   sing N N 222 
MET CA  HA   sing N N 223 
MET C   O    doub N N 224 
MET C   OXT  sing N N 225 
MET CB  CG   sing N N 226 
MET CB  HB2  sing N N 227 
MET CB  HB3  sing N N 228 
MET CG  SD   sing N N 229 
MET CG  HG2  sing N N 230 
MET CG  HG3  sing N N 231 
MET SD  CE   sing N N 232 
MET CE  HE1  sing N N 233 
MET CE  HE2  sing N N 234 
MET CE  HE3  sing N N 235 
MET OXT HXT  sing N N 236 
PHE N   CA   sing N N 237 
PHE N   H    sing N N 238 
PHE N   H2   sing N N 239 
PHE CA  C    sing N N 240 
PHE CA  CB   sing N N 241 
PHE CA  HA   sing N N 242 
PHE C   O    doub N N 243 
PHE C   OXT  sing N N 244 
PHE CB  CG   sing N N 245 
PHE CB  HB2  sing N N 246 
PHE CB  HB3  sing N N 247 
PHE CG  CD1  doub Y N 248 
PHE CG  CD2  sing Y N 249 
PHE CD1 CE1  sing Y N 250 
PHE CD1 HD1  sing N N 251 
PHE CD2 CE2  doub Y N 252 
PHE CD2 HD2  sing N N 253 
PHE CE1 CZ   doub Y N 254 
PHE CE1 HE1  sing N N 255 
PHE CE2 CZ   sing Y N 256 
PHE CE2 HE2  sing N N 257 
PHE CZ  HZ   sing N N 258 
PHE OXT HXT  sing N N 259 
PRO N   CA   sing N N 260 
PRO N   CD   sing N N 261 
PRO N   H    sing N N 262 
PRO CA  C    sing N N 263 
PRO CA  CB   sing N N 264 
PRO CA  HA   sing N N 265 
PRO C   O    doub N N 266 
PRO C   OXT  sing N N 267 
PRO CB  CG   sing N N 268 
PRO CB  HB2  sing N N 269 
PRO CB  HB3  sing N N 270 
PRO CG  CD   sing N N 271 
PRO CG  HG2  sing N N 272 
PRO CG  HG3  sing N N 273 
PRO CD  HD2  sing N N 274 
PRO CD  HD3  sing N N 275 
PRO OXT HXT  sing N N 276 
SER N   CA   sing N N 277 
SER N   H    sing N N 278 
SER N   H2   sing N N 279 
SER CA  C    sing N N 280 
SER CA  CB   sing N N 281 
SER CA  HA   sing N N 282 
SER C   O    doub N N 283 
SER C   OXT  sing N N 284 
SER CB  OG   sing N N 285 
SER CB  HB2  sing N N 286 
SER CB  HB3  sing N N 287 
SER OG  HG   sing N N 288 
SER OXT HXT  sing N N 289 
THR N   CA   sing N N 290 
THR N   H    sing N N 291 
THR N   H2   sing N N 292 
THR CA  C    sing N N 293 
THR CA  CB   sing N N 294 
THR CA  HA   sing N N 295 
THR C   O    doub N N 296 
THR C   OXT  sing N N 297 
THR CB  OG1  sing N N 298 
THR CB  CG2  sing N N 299 
THR CB  HB   sing N N 300 
THR OG1 HG1  sing N N 301 
THR CG2 HG21 sing N N 302 
THR CG2 HG22 sing N N 303 
THR CG2 HG23 sing N N 304 
THR OXT HXT  sing N N 305 
TYR N   CA   sing N N 306 
TYR N   H    sing N N 307 
TYR N   H2   sing N N 308 
TYR CA  C    sing N N 309 
TYR CA  CB   sing N N 310 
TYR CA  HA   sing N N 311 
TYR C   O    doub N N 312 
TYR C   OXT  sing N N 313 
TYR CB  CG   sing N N 314 
TYR CB  HB2  sing N N 315 
TYR CB  HB3  sing N N 316 
TYR CG  CD1  doub Y N 317 
TYR CG  CD2  sing Y N 318 
TYR CD1 CE1  sing Y N 319 
TYR CD1 HD1  sing N N 320 
TYR CD2 CE2  doub Y N 321 
TYR CD2 HD2  sing N N 322 
TYR CE1 CZ   doub Y N 323 
TYR CE1 HE1  sing N N 324 
TYR CE2 CZ   sing Y N 325 
TYR CE2 HE2  sing N N 326 
TYR CZ  OH   sing N N 327 
TYR OH  HH   sing N N 328 
TYR OXT HXT  sing N N 329 
VAL N   CA   sing N N 330 
VAL N   H    sing N N 331 
VAL N   H2   sing N N 332 
VAL CA  C    sing N N 333 
VAL CA  CB   sing N N 334 
VAL CA  HA   sing N N 335 
VAL C   O    doub N N 336 
VAL C   OXT  sing N N 337 
VAL CB  CG1  sing N N 338 
VAL CB  CG2  sing N N 339 
VAL CB  HB   sing N N 340 
VAL CG1 HG11 sing N N 341 
VAL CG1 HG12 sing N N 342 
VAL CG1 HG13 sing N N 343 
VAL CG2 HG21 sing N N 344 
VAL CG2 HG22 sing N N 345 
VAL CG2 HG23 sing N N 346 
VAL OXT HXT  sing N N 347 
# 
_pdbx_entity_nonpoly.entity_id   3 
_pdbx_entity_nonpoly.name        water 
_pdbx_entity_nonpoly.comp_id     HOH 
# 
_pdbx_initial_refinement_model.id               1 
_pdbx_initial_refinement_model.entity_id_list   ? 
_pdbx_initial_refinement_model.type             'experimental model' 
_pdbx_initial_refinement_model.source_name      PDB 
_pdbx_initial_refinement_model.accession_code   3QQ7 
_pdbx_initial_refinement_model.details          ? 
# 
